data_3EVS
# 
_entry.id   3EVS 
# 
_audit_conform.dict_name       mmcif_pdbx.dic 
_audit_conform.dict_version    5.397 
_audit_conform.dict_location   http://mmcif.pdb.org/dictionaries/ascii/mmcif_pdbx.dic 
# 
loop_
_database_2.database_id 
_database_2.database_code 
_database_2.pdbx_database_accession 
_database_2.pdbx_DOI 
PDB   3EVS         pdb_00003evs 10.2210/pdb3evs/pdb 
RCSB  RCSB049828   ?            ?                   
WWPDB D_1000049828 ?            ?                   
# 
loop_
_pdbx_audit_revision_history.ordinal 
_pdbx_audit_revision_history.data_content_type 
_pdbx_audit_revision_history.major_revision 
_pdbx_audit_revision_history.minor_revision 
_pdbx_audit_revision_history.revision_date 
1 'Structure model' 1 0 2009-03-10 
2 'Structure model' 1 1 2011-07-13 
3 'Structure model' 1 2 2023-12-27 
4 'Structure model' 1 3 2024-10-16 
# 
_pdbx_audit_revision_details.ordinal             1 
_pdbx_audit_revision_details.revision_ordinal    1 
_pdbx_audit_revision_details.data_content_type   'Structure model' 
_pdbx_audit_revision_details.provider            repository 
_pdbx_audit_revision_details.type                'Initial release' 
_pdbx_audit_revision_details.description         ? 
_pdbx_audit_revision_details.details             ? 
# 
loop_
_pdbx_audit_revision_group.ordinal 
_pdbx_audit_revision_group.revision_ordinal 
_pdbx_audit_revision_group.data_content_type 
_pdbx_audit_revision_group.group 
1 2 'Structure model' Advisory                    
2 2 'Structure model' 'Version format compliance' 
3 3 'Structure model' 'Data collection'           
4 3 'Structure model' 'Database references'       
5 4 'Structure model' 'Structure summary'         
# 
loop_
_pdbx_audit_revision_category.ordinal 
_pdbx_audit_revision_category.revision_ordinal 
_pdbx_audit_revision_category.data_content_type 
_pdbx_audit_revision_category.category 
1 3 'Structure model' chem_comp_atom            
2 3 'Structure model' chem_comp_bond            
3 3 'Structure model' database_2                
4 3 'Structure model' struct_ref_seq_dif        
5 4 'Structure model' pdbx_entry_details        
6 4 'Structure model' pdbx_modification_feature 
# 
loop_
_pdbx_audit_revision_item.ordinal 
_pdbx_audit_revision_item.revision_ordinal 
_pdbx_audit_revision_item.data_content_type 
_pdbx_audit_revision_item.item 
1 3 'Structure model' '_database_2.pdbx_DOI'                
2 3 'Structure model' '_database_2.pdbx_database_accession' 
3 3 'Structure model' '_struct_ref_seq_dif.details'         
# 
_pdbx_database_status.entry_id                        3EVS 
_pdbx_database_status.deposit_site                    RCSB 
_pdbx_database_status.process_site                    RCSB 
_pdbx_database_status.recvd_initial_deposition_date   2008-10-13 
_pdbx_database_status.status_code                     REL 
_pdbx_database_status.status_code_sf                  REL 
_pdbx_database_status.status_code_mr                  ? 
_pdbx_database_status.SG_entry                        . 
_pdbx_database_status.pdb_format_compatible           Y 
_pdbx_database_status.status_code_cs                  ? 
_pdbx_database_status.status_code_nmr_data            ? 
_pdbx_database_status.methods_development_category    ? 
# 
loop_
_pdbx_database_related.db_name 
_pdbx_database_related.db_id 
_pdbx_database_related.details 
_pdbx_database_related.content_type 
PDB 1REW 'Crystal structure of BMP-2 with the extracellular domain of BMPR-IA'               unspecified 
PDB 1WAQ 'Crystal structure of GDF-5'                                                        unspecified 
PDB 2K3G 'NMR structure of BMPR-IA'                                                          unspecified 
PDB 2QJB 'Crystal structure of BMP-2 with the extracellular domain of a BMPR-IA/IB chimera'  unspecified 
PDB 2H62 'Crystal structure of BMP-2 with the extracellular domains of BMPR-IA and ActR-IIB' unspecified 
# 
loop_
_audit_author.name 
_audit_author.pdbx_ordinal 
'Kotzsch, A.'   1 
'Mueller, T.D.' 2 
# 
_citation.id                        primary 
_citation.title                     
'Crystal structure analysis reveals a spring-loaded latch as molecular mechanism for GDF-5-type I receptor specificity.' 
_citation.journal_abbrev            'Embo J.' 
_citation.journal_volume            28 
_citation.page_first                937 
_citation.page_last                 947 
_citation.year                      2009 
_citation.journal_id_ASTM           EMJODG 
_citation.country                   UK 
_citation.journal_id_ISSN           0261-4189 
_citation.journal_id_CSD            0897 
_citation.book_publisher            ? 
_citation.pdbx_database_id_PubMed   19229295 
_citation.pdbx_database_id_DOI      10.1038/emboj.2009.37 
# 
loop_
_citation_author.citation_id 
_citation_author.name 
_citation_author.ordinal 
_citation_author.identifier_ORCID 
primary 'Kotzsch, A.'  1 ? 
primary 'Nickel, J.'   2 ? 
primary 'Seher, A.'    3 ? 
primary 'Sebald, W.'   4 ? 
primary 'Muller, T.D.' 5 ? 
# 
loop_
_entity.id 
_entity.type 
_entity.src_method 
_entity.pdbx_description 
_entity.formula_weight 
_entity.pdbx_number_of_molecules 
_entity.pdbx_ec 
_entity.pdbx_mutation 
_entity.pdbx_fragment 
_entity.details 
1 polymer man 'Growth/differentiation factor 5'             13405.481 1  ? ? 'UNP residues 387-501' ? 
2 polymer man 'Bone morphogenetic protein receptor type-1B' 13214.857 1  ? ? 'Extracellular domain' ? 
3 water   nat water                                         18.015    51 ? ? ?                      ? 
# 
loop_
_entity_name_com.entity_id 
_entity_name_com.name 
1 'GDF-5, Cartilage-derived morphogenetic protein 1, CDMP-1, Radotermin'                     
2 'Serine/threonine-protein kinase receptor R6, SKR6, Activin receptor-like kinase 6, ALK-6' 
# 
loop_
_entity_poly.entity_id 
_entity_poly.type 
_entity_poly.nstd_linkage 
_entity_poly.nstd_monomer 
_entity_poly.pdbx_seq_one_letter_code 
_entity_poly.pdbx_seq_one_letter_code_can 
_entity_poly.pdbx_strand_id 
_entity_poly.pdbx_target_identifier 
1 'polypeptide(L)' no no 
;MKRQGKRPSKNLKARCSRKALHVNFKDMGWDDWIIAPLEYEAFHCEGLCEFPLRSHLEPTNHAVIQTLMNSMDPESTPPT
CCVPTRLSPISILFIDSANNVVYKQYEDMVVESCGCR
;
;MKRQGKRPSKNLKARCSRKALHVNFKDMGWDDWIIAPLEYEAFHCEGLCEFPLRSHLEPTNHAVIQTLMNSMDPESTPPT
CCVPTRLSPISILFIDSANNVVYKQYEDMVVESCGCR
;
B ? 
2 'polypeptide(L)' no no 
;GSGAMAKKEDGESTAPTPRPKILRCKCHHHCPEDSVNNICSTDGYCFTMIEEDDSGMPVVTSGCLGLEGSDFQCRDTPIP
HQRRSIECCTERNECNKDLHPTLPPLKDRDFVDGPIHHK
;
;GSGAMAKKEDGESTAPTPRPKILRCKCHHHCPEDSVNNICSTDGYCFTMIEEDDSGMPVVTSGCLGLEGSDFQCRDTPIP
HQRRSIECCTERNECNKDLHPTLPPLKDRDFVDGPIHHK
;
C ? 
# 
_pdbx_entity_nonpoly.entity_id   3 
_pdbx_entity_nonpoly.name        water 
_pdbx_entity_nonpoly.comp_id     HOH 
# 
loop_
_entity_poly_seq.entity_id 
_entity_poly_seq.num 
_entity_poly_seq.mon_id 
_entity_poly_seq.hetero 
1 1   MET n 
1 2   LYS n 
1 3   ARG n 
1 4   GLN n 
1 5   GLY n 
1 6   LYS n 
1 7   ARG n 
1 8   PRO n 
1 9   SER n 
1 10  LYS n 
1 11  ASN n 
1 12  LEU n 
1 13  LYS n 
1 14  ALA n 
1 15  ARG n 
1 16  CYS n 
1 17  SER n 
1 18  ARG n 
1 19  LYS n 
1 20  ALA n 
1 21  LEU n 
1 22  HIS n 
1 23  VAL n 
1 24  ASN n 
1 25  PHE n 
1 26  LYS n 
1 27  ASP n 
1 28  MET n 
1 29  GLY n 
1 30  TRP n 
1 31  ASP n 
1 32  ASP n 
1 33  TRP n 
1 34  ILE n 
1 35  ILE n 
1 36  ALA n 
1 37  PRO n 
1 38  LEU n 
1 39  GLU n 
1 40  TYR n 
1 41  GLU n 
1 42  ALA n 
1 43  PHE n 
1 44  HIS n 
1 45  CYS n 
1 46  GLU n 
1 47  GLY n 
1 48  LEU n 
1 49  CYS n 
1 50  GLU n 
1 51  PHE n 
1 52  PRO n 
1 53  LEU n 
1 54  ARG n 
1 55  SER n 
1 56  HIS n 
1 57  LEU n 
1 58  GLU n 
1 59  PRO n 
1 60  THR n 
1 61  ASN n 
1 62  HIS n 
1 63  ALA n 
1 64  VAL n 
1 65  ILE n 
1 66  GLN n 
1 67  THR n 
1 68  LEU n 
1 69  MET n 
1 70  ASN n 
1 71  SER n 
1 72  MET n 
1 73  ASP n 
1 74  PRO n 
1 75  GLU n 
1 76  SER n 
1 77  THR n 
1 78  PRO n 
1 79  PRO n 
1 80  THR n 
1 81  CYS n 
1 82  CYS n 
1 83  VAL n 
1 84  PRO n 
1 85  THR n 
1 86  ARG n 
1 87  LEU n 
1 88  SER n 
1 89  PRO n 
1 90  ILE n 
1 91  SER n 
1 92  ILE n 
1 93  LEU n 
1 94  PHE n 
1 95  ILE n 
1 96  ASP n 
1 97  SER n 
1 98  ALA n 
1 99  ASN n 
1 100 ASN n 
1 101 VAL n 
1 102 VAL n 
1 103 TYR n 
1 104 LYS n 
1 105 GLN n 
1 106 TYR n 
1 107 GLU n 
1 108 ASP n 
1 109 MET n 
1 110 VAL n 
1 111 VAL n 
1 112 GLU n 
1 113 SER n 
1 114 CYS n 
1 115 GLY n 
1 116 CYS n 
1 117 ARG n 
2 1   GLY n 
2 2   SER n 
2 3   GLY n 
2 4   ALA n 
2 5   MET n 
2 6   ALA n 
2 7   LYS n 
2 8   LYS n 
2 9   GLU n 
2 10  ASP n 
2 11  GLY n 
2 12  GLU n 
2 13  SER n 
2 14  THR n 
2 15  ALA n 
2 16  PRO n 
2 17  THR n 
2 18  PRO n 
2 19  ARG n 
2 20  PRO n 
2 21  LYS n 
2 22  ILE n 
2 23  LEU n 
2 24  ARG n 
2 25  CYS n 
2 26  LYS n 
2 27  CYS n 
2 28  HIS n 
2 29  HIS n 
2 30  HIS n 
2 31  CYS n 
2 32  PRO n 
2 33  GLU n 
2 34  ASP n 
2 35  SER n 
2 36  VAL n 
2 37  ASN n 
2 38  ASN n 
2 39  ILE n 
2 40  CYS n 
2 41  SER n 
2 42  THR n 
2 43  ASP n 
2 44  GLY n 
2 45  TYR n 
2 46  CYS n 
2 47  PHE n 
2 48  THR n 
2 49  MET n 
2 50  ILE n 
2 51  GLU n 
2 52  GLU n 
2 53  ASP n 
2 54  ASP n 
2 55  SER n 
2 56  GLY n 
2 57  MET n 
2 58  PRO n 
2 59  VAL n 
2 60  VAL n 
2 61  THR n 
2 62  SER n 
2 63  GLY n 
2 64  CYS n 
2 65  LEU n 
2 66  GLY n 
2 67  LEU n 
2 68  GLU n 
2 69  GLY n 
2 70  SER n 
2 71  ASP n 
2 72  PHE n 
2 73  GLN n 
2 74  CYS n 
2 75  ARG n 
2 76  ASP n 
2 77  THR n 
2 78  PRO n 
2 79  ILE n 
2 80  PRO n 
2 81  HIS n 
2 82  GLN n 
2 83  ARG n 
2 84  ARG n 
2 85  SER n 
2 86  ILE n 
2 87  GLU n 
2 88  CYS n 
2 89  CYS n 
2 90  THR n 
2 91  GLU n 
2 92  ARG n 
2 93  ASN n 
2 94  GLU n 
2 95  CYS n 
2 96  ASN n 
2 97  LYS n 
2 98  ASP n 
2 99  LEU n 
2 100 HIS n 
2 101 PRO n 
2 102 THR n 
2 103 LEU n 
2 104 PRO n 
2 105 PRO n 
2 106 LEU n 
2 107 LYS n 
2 108 ASP n 
2 109 ARG n 
2 110 ASP n 
2 111 PHE n 
2 112 VAL n 
2 113 ASP n 
2 114 GLY n 
2 115 PRO n 
2 116 ILE n 
2 117 HIS n 
2 118 HIS n 
2 119 LYS n 
# 
loop_
_entity_src_gen.entity_id 
_entity_src_gen.pdbx_src_id 
_entity_src_gen.pdbx_alt_source_flag 
_entity_src_gen.pdbx_seq_type 
_entity_src_gen.pdbx_beg_seq_num 
_entity_src_gen.pdbx_end_seq_num 
_entity_src_gen.gene_src_common_name 
_entity_src_gen.gene_src_genus 
_entity_src_gen.pdbx_gene_src_gene 
_entity_src_gen.gene_src_species 
_entity_src_gen.gene_src_strain 
_entity_src_gen.gene_src_tissue 
_entity_src_gen.gene_src_tissue_fraction 
_entity_src_gen.gene_src_details 
_entity_src_gen.pdbx_gene_src_fragment 
_entity_src_gen.pdbx_gene_src_scientific_name 
_entity_src_gen.pdbx_gene_src_ncbi_taxonomy_id 
_entity_src_gen.pdbx_gene_src_variant 
_entity_src_gen.pdbx_gene_src_cell_line 
_entity_src_gen.pdbx_gene_src_atcc 
_entity_src_gen.pdbx_gene_src_organ 
_entity_src_gen.pdbx_gene_src_organelle 
_entity_src_gen.pdbx_gene_src_cell 
_entity_src_gen.pdbx_gene_src_cellular_location 
_entity_src_gen.host_org_common_name 
_entity_src_gen.pdbx_host_org_scientific_name 
_entity_src_gen.pdbx_host_org_ncbi_taxonomy_id 
_entity_src_gen.host_org_genus 
_entity_src_gen.pdbx_host_org_gene 
_entity_src_gen.pdbx_host_org_organ 
_entity_src_gen.host_org_species 
_entity_src_gen.pdbx_host_org_tissue 
_entity_src_gen.pdbx_host_org_tissue_fraction 
_entity_src_gen.pdbx_host_org_strain 
_entity_src_gen.pdbx_host_org_variant 
_entity_src_gen.pdbx_host_org_cell_line 
_entity_src_gen.pdbx_host_org_atcc 
_entity_src_gen.pdbx_host_org_culture_collection 
_entity_src_gen.pdbx_host_org_cell 
_entity_src_gen.pdbx_host_org_organelle 
_entity_src_gen.pdbx_host_org_cellular_location 
_entity_src_gen.pdbx_host_org_vector_type 
_entity_src_gen.pdbx_host_org_vector 
_entity_src_gen.host_org_details 
_entity_src_gen.expression_system_id 
_entity_src_gen.plasmid_name 
_entity_src_gen.plasmid_details 
_entity_src_gen.pdbx_description 
1 1 sample ? ? ? Human ? 'CDMP1, GDF5'     ? U2OS ? ? ? ? 'Homo sapiens' 9606  ? ? ? ? ? ? ? ? 'Escherichia coli' 562 ? ? ? ? ? ? 
'BL21(DE3)'  ? ? ? ? ? ? ? Plasmid ? ? ? RBSIIN25x/o ? ? 
2 1 sample ? ? ? mouse ? 'Acvrlk6, Bmpr1b' ? ?    ? ? ? ? 'Mus musculus' 10090 ? ? ? ? ? ? ? ? 'Escherichia coli' 562 ? ? ? ? ? ? 
'AD494(DE3)' ? ? ? ? ? ? ? Plasmid ? ? ? pET32a      ? ? 
# 
loop_
_chem_comp.id 
_chem_comp.type 
_chem_comp.mon_nstd_flag 
_chem_comp.name 
_chem_comp.pdbx_synonyms 
_chem_comp.formula 
_chem_comp.formula_weight 
ALA 'L-peptide linking' y ALANINE         ? 'C3 H7 N O2'     89.093  
ARG 'L-peptide linking' y ARGININE        ? 'C6 H15 N4 O2 1' 175.209 
ASN 'L-peptide linking' y ASPARAGINE      ? 'C4 H8 N2 O3'    132.118 
ASP 'L-peptide linking' y 'ASPARTIC ACID' ? 'C4 H7 N O4'     133.103 
CYS 'L-peptide linking' y CYSTEINE        ? 'C3 H7 N O2 S'   121.158 
GLN 'L-peptide linking' y GLUTAMINE       ? 'C5 H10 N2 O3'   146.144 
GLU 'L-peptide linking' y 'GLUTAMIC ACID' ? 'C5 H9 N O4'     147.129 
GLY 'peptide linking'   y GLYCINE         ? 'C2 H5 N O2'     75.067  
HIS 'L-peptide linking' y HISTIDINE       ? 'C6 H10 N3 O2 1' 156.162 
HOH non-polymer         . WATER           ? 'H2 O'           18.015  
ILE 'L-peptide linking' y ISOLEUCINE      ? 'C6 H13 N O2'    131.173 
LEU 'L-peptide linking' y LEUCINE         ? 'C6 H13 N O2'    131.173 
LYS 'L-peptide linking' y LYSINE          ? 'C6 H15 N2 O2 1' 147.195 
MET 'L-peptide linking' y METHIONINE      ? 'C5 H11 N O2 S'  149.211 
PHE 'L-peptide linking' y PHENYLALANINE   ? 'C9 H11 N O2'    165.189 
PRO 'L-peptide linking' y PROLINE         ? 'C5 H9 N O2'     115.130 
SER 'L-peptide linking' y SERINE          ? 'C3 H7 N O3'     105.093 
THR 'L-peptide linking' y THREONINE       ? 'C4 H9 N O3'     119.119 
TRP 'L-peptide linking' y TRYPTOPHAN      ? 'C11 H12 N2 O2'  204.225 
TYR 'L-peptide linking' y TYROSINE        ? 'C9 H11 N O3'    181.189 
VAL 'L-peptide linking' y VALINE          ? 'C5 H11 N O2'    117.146 
# 
loop_
_pdbx_poly_seq_scheme.asym_id 
_pdbx_poly_seq_scheme.entity_id 
_pdbx_poly_seq_scheme.seq_id 
_pdbx_poly_seq_scheme.mon_id 
_pdbx_poly_seq_scheme.ndb_seq_num 
_pdbx_poly_seq_scheme.pdb_seq_num 
_pdbx_poly_seq_scheme.auth_seq_num 
_pdbx_poly_seq_scheme.pdb_mon_id 
_pdbx_poly_seq_scheme.auth_mon_id 
_pdbx_poly_seq_scheme.pdb_strand_id 
_pdbx_poly_seq_scheme.pdb_ins_code 
_pdbx_poly_seq_scheme.hetero 
A 1 1   MET 1   4   ?   ?   ?   B . n 
A 1 2   LYS 2   5   ?   ?   ?   B . n 
A 1 3   ARG 3   6   ?   ?   ?   B . n 
A 1 4   GLN 4   7   ?   ?   ?   B . n 
A 1 5   GLY 5   8   ?   ?   ?   B . n 
A 1 6   LYS 6   9   ?   ?   ?   B . n 
A 1 7   ARG 7   10  ?   ?   ?   B . n 
A 1 8   PRO 8   11  ?   ?   ?   B . n 
A 1 9   SER 9   12  ?   ?   ?   B . n 
A 1 10  LYS 10  13  ?   ?   ?   B . n 
A 1 11  ASN 11  14  ?   ?   ?   B . n 
A 1 12  LEU 12  15  ?   ?   ?   B . n 
A 1 13  LYS 13  16  ?   ?   ?   B . n 
A 1 14  ALA 14  17  17  ALA ALA B . n 
A 1 15  ARG 15  18  18  ARG ARG B . n 
A 1 16  CYS 16  19  19  CYS CYS B . n 
A 1 17  SER 17  20  20  SER SER B . n 
A 1 18  ARG 18  21  21  ARG ARG B . n 
A 1 19  LYS 19  22  22  LYS LYS B . n 
A 1 20  ALA 20  23  23  ALA ALA B . n 
A 1 21  LEU 21  24  24  LEU LEU B . n 
A 1 22  HIS 22  25  25  HIS HIS B . n 
A 1 23  VAL 23  26  26  VAL VAL B . n 
A 1 24  ASN 24  27  27  ASN ASN B . n 
A 1 25  PHE 25  28  28  PHE PHE B . n 
A 1 26  LYS 26  29  29  LYS LYS B . n 
A 1 27  ASP 27  30  30  ASP ASP B . n 
A 1 28  MET 28  31  31  MET MET B . n 
A 1 29  GLY 29  32  32  GLY GLY B . n 
A 1 30  TRP 30  33  33  TRP TRP B . n 
A 1 31  ASP 31  34  34  ASP ASP B . n 
A 1 32  ASP 32  35  35  ASP ASP B . n 
A 1 33  TRP 33  36  36  TRP TRP B . n 
A 1 34  ILE 34  37  37  ILE ILE B . n 
A 1 35  ILE 35  38  38  ILE ILE B . n 
A 1 36  ALA 36  39  39  ALA ALA B . n 
A 1 37  PRO 37  40  40  PRO PRO B . n 
A 1 38  LEU 38  41  41  LEU LEU B . n 
A 1 39  GLU 39  42  42  GLU GLU B . n 
A 1 40  TYR 40  43  43  TYR TYR B . n 
A 1 41  GLU 41  44  44  GLU GLU B . n 
A 1 42  ALA 42  45  45  ALA ALA B . n 
A 1 43  PHE 43  46  46  PHE PHE B . n 
A 1 44  HIS 44  47  47  HIS HIS B . n 
A 1 45  CYS 45  48  48  CYS CYS B . n 
A 1 46  GLU 46  49  49  GLU GLU B . n 
A 1 47  GLY 47  50  50  GLY GLY B . n 
A 1 48  LEU 48  51  51  LEU LEU B . n 
A 1 49  CYS 49  52  52  CYS CYS B . n 
A 1 50  GLU 50  53  53  GLU GLU B . n 
A 1 51  PHE 51  54  54  PHE PHE B . n 
A 1 52  PRO 52  55  55  PRO PRO B . n 
A 1 53  LEU 53  56  56  LEU LEU B . n 
A 1 54  ARG 54  57  57  ARG ARG B . n 
A 1 55  SER 55  58  58  SER SER B . n 
A 1 56  HIS 56  59  59  HIS HIS B . n 
A 1 57  LEU 57  60  60  LEU LEU B . n 
A 1 58  GLU 58  61  61  GLU GLU B . n 
A 1 59  PRO 59  62  62  PRO PRO B . n 
A 1 60  THR 60  63  63  THR THR B . n 
A 1 61  ASN 61  64  64  ASN ASN B . n 
A 1 62  HIS 62  65  65  HIS HIS B . n 
A 1 63  ALA 63  66  66  ALA ALA B . n 
A 1 64  VAL 64  67  67  VAL VAL B . n 
A 1 65  ILE 65  68  68  ILE ILE B . n 
A 1 66  GLN 66  69  69  GLN GLN B . n 
A 1 67  THR 67  70  70  THR THR B . n 
A 1 68  LEU 68  71  71  LEU LEU B . n 
A 1 69  MET 69  72  72  MET MET B . n 
A 1 70  ASN 70  73  73  ASN ASN B . n 
A 1 71  SER 71  74  74  SER SER B . n 
A 1 72  MET 72  75  75  MET MET B . n 
A 1 73  ASP 73  76  76  ASP ASP B . n 
A 1 74  PRO 74  77  77  PRO PRO B . n 
A 1 75  GLU 75  78  78  GLU GLU B . n 
A 1 76  SER 76  79  79  SER SER B . n 
A 1 77  THR 77  80  80  THR THR B . n 
A 1 78  PRO 78  81  81  PRO PRO B . n 
A 1 79  PRO 79  82  82  PRO PRO B . n 
A 1 80  THR 80  83  83  THR THR B . n 
A 1 81  CYS 81  84  84  CYS CYS B . n 
A 1 82  CYS 82  85  85  CYS CYS B . n 
A 1 83  VAL 83  86  86  VAL VAL B . n 
A 1 84  PRO 84  87  87  PRO PRO B . n 
A 1 85  THR 85  88  88  THR THR B . n 
A 1 86  ARG 86  89  89  ARG ARG B . n 
A 1 87  LEU 87  90  90  LEU LEU B . n 
A 1 88  SER 88  91  91  SER SER B . n 
A 1 89  PRO 89  92  92  PRO PRO B . n 
A 1 90  ILE 90  93  93  ILE ILE B . n 
A 1 91  SER 91  94  94  SER SER B . n 
A 1 92  ILE 92  95  95  ILE ILE B . n 
A 1 93  LEU 93  96  96  LEU LEU B . n 
A 1 94  PHE 94  97  97  PHE PHE B . n 
A 1 95  ILE 95  98  98  ILE ILE B . n 
A 1 96  ASP 96  99  99  ASP ASP B . n 
A 1 97  SER 97  100 100 SER SER B . n 
A 1 98  ALA 98  101 101 ALA ALA B . n 
A 1 99  ASN 99  102 102 ASN ASN B . n 
A 1 100 ASN 100 103 103 ASN ASN B . n 
A 1 101 VAL 101 104 104 VAL VAL B . n 
A 1 102 VAL 102 105 105 VAL VAL B . n 
A 1 103 TYR 103 106 106 TYR TYR B . n 
A 1 104 LYS 104 107 107 LYS LYS B . n 
A 1 105 GLN 105 108 108 GLN GLN B . n 
A 1 106 TYR 106 109 109 TYR TYR B . n 
A 1 107 GLU 107 110 110 GLU GLU B . n 
A 1 108 ASP 108 111 111 ASP ASP B . n 
A 1 109 MET 109 112 112 MET MET B . n 
A 1 110 VAL 110 113 113 VAL VAL B . n 
A 1 111 VAL 111 114 114 VAL VAL B . n 
A 1 112 GLU 112 115 115 GLU GLU B . n 
A 1 113 SER 113 116 116 SER SER B . n 
A 1 114 CYS 114 117 117 CYS CYS B . n 
A 1 115 GLY 115 118 118 GLY GLY B . n 
A 1 116 CYS 116 119 119 CYS CYS B . n 
A 1 117 ARG 117 120 120 ARG ARG B . n 
B 2 1   GLY 1   -5  ?   ?   ?   C . n 
B 2 2   SER 2   -4  ?   ?   ?   C . n 
B 2 3   GLY 3   -3  ?   ?   ?   C . n 
B 2 4   ALA 4   -2  ?   ?   ?   C . n 
B 2 5   MET 5   -1  ?   ?   ?   C . n 
B 2 6   ALA 6   0   ?   ?   ?   C . n 
B 2 7   LYS 7   1   ?   ?   ?   C . n 
B 2 8   LYS 8   2   ?   ?   ?   C . n 
B 2 9   GLU 9   3   ?   ?   ?   C . n 
B 2 10  ASP 10  4   ?   ?   ?   C . n 
B 2 11  GLY 11  5   ?   ?   ?   C . n 
B 2 12  GLU 12  6   ?   ?   ?   C . n 
B 2 13  SER 13  7   ?   ?   ?   C . n 
B 2 14  THR 14  8   ?   ?   ?   C . n 
B 2 15  ALA 15  9   ?   ?   ?   C . n 
B 2 16  PRO 16  10  ?   ?   ?   C . n 
B 2 17  THR 17  11  ?   ?   ?   C . n 
B 2 18  PRO 18  12  ?   ?   ?   C . n 
B 2 19  ARG 19  13  ?   ?   ?   C . n 
B 2 20  PRO 20  14  ?   ?   ?   C . n 
B 2 21  LYS 21  15  ?   ?   ?   C . n 
B 2 22  ILE 22  16  16  ILE ILE C . n 
B 2 23  LEU 23  17  17  LEU LEU C . n 
B 2 24  ARG 24  18  18  ARG ARG C . n 
B 2 25  CYS 25  19  19  CYS CYS C . n 
B 2 26  LYS 26  20  20  LYS LYS C . n 
B 2 27  CYS 27  21  21  CYS CYS C . n 
B 2 28  HIS 28  22  22  HIS HIS C . n 
B 2 29  HIS 29  23  23  HIS HIS C . n 
B 2 30  HIS 30  24  24  HIS HIS C . n 
B 2 31  CYS 31  25  25  CYS CYS C . n 
B 2 32  PRO 32  26  26  PRO PRO C . n 
B 2 33  GLU 33  27  27  GLU GLU C . n 
B 2 34  ASP 34  28  28  ASP ASP C . n 
B 2 35  SER 35  29  29  SER SER C . n 
B 2 36  VAL 36  30  30  VAL VAL C . n 
B 2 37  ASN 37  31  31  ASN ASN C . n 
B 2 38  ASN 38  32  32  ASN ASN C . n 
B 2 39  ILE 39  33  33  ILE ILE C . n 
B 2 40  CYS 40  34  34  CYS CYS C . n 
B 2 41  SER 41  35  35  SER SER C . n 
B 2 42  THR 42  36  36  THR THR C . n 
B 2 43  ASP 43  37  37  ASP ASP C . n 
B 2 44  GLY 44  38  38  GLY GLY C . n 
B 2 45  TYR 45  39  39  TYR TYR C . n 
B 2 46  CYS 46  40  40  CYS CYS C . n 
B 2 47  PHE 47  41  41  PHE PHE C . n 
B 2 48  THR 48  42  42  THR THR C . n 
B 2 49  MET 49  43  43  MET MET C . n 
B 2 50  ILE 50  44  44  ILE ILE C . n 
B 2 51  GLU 51  45  45  GLU GLU C . n 
B 2 52  GLU 52  46  46  GLU GLU C . n 
B 2 53  ASP 53  47  47  ASP ASP C . n 
B 2 54  ASP 54  48  48  ASP ASP C . n 
B 2 55  SER 55  49  49  SER SER C . n 
B 2 56  GLY 56  50  50  GLY GLY C . n 
B 2 57  MET 57  51  51  MET MET C . n 
B 2 58  PRO 58  52  52  PRO PRO C . n 
B 2 59  VAL 59  53  53  VAL VAL C . n 
B 2 60  VAL 60  54  54  VAL VAL C . n 
B 2 61  THR 61  55  55  THR THR C . n 
B 2 62  SER 62  56  56  SER SER C . n 
B 2 63  GLY 63  57  57  GLY GLY C . n 
B 2 64  CYS 64  58  58  CYS CYS C . n 
B 2 65  LEU 65  59  59  LEU LEU C . n 
B 2 66  GLY 66  60  60  GLY GLY C . n 
B 2 67  LEU 67  61  61  LEU LEU C . n 
B 2 68  GLU 68  62  62  GLU GLU C . n 
B 2 69  GLY 69  63  63  GLY GLY C . n 
B 2 70  SER 70  64  64  SER SER C . n 
B 2 71  ASP 71  65  65  ASP ASP C . n 
B 2 72  PHE 72  66  66  PHE PHE C . n 
B 2 73  GLN 73  67  67  GLN GLN C . n 
B 2 74  CYS 74  68  68  CYS CYS C . n 
B 2 75  ARG 75  69  69  ARG ARG C . n 
B 2 76  ASP 76  70  70  ASP ASP C . n 
B 2 77  THR 77  71  71  THR THR C . n 
B 2 78  PRO 78  72  72  PRO PRO C . n 
B 2 79  ILE 79  73  73  ILE ILE C . n 
B 2 80  PRO 80  74  74  PRO PRO C . n 
B 2 81  HIS 81  75  75  HIS HIS C . n 
B 2 82  GLN 82  76  76  GLN GLN C . n 
B 2 83  ARG 83  77  77  ARG ARG C . n 
B 2 84  ARG 84  78  78  ARG ARG C . n 
B 2 85  SER 85  79  79  SER SER C . n 
B 2 86  ILE 86  80  80  ILE ILE C . n 
B 2 87  GLU 87  81  81  GLU GLU C . n 
B 2 88  CYS 88  82  82  CYS CYS C . n 
B 2 89  CYS 89  83  83  CYS CYS C . n 
B 2 90  THR 90  84  84  THR THR C . n 
B 2 91  GLU 91  85  85  GLU GLU C . n 
B 2 92  ARG 92  86  86  ARG ARG C . n 
B 2 93  ASN 93  87  87  ASN ASN C . n 
B 2 94  GLU 94  88  88  GLU GLU C . n 
B 2 95  CYS 95  89  89  CYS CYS C . n 
B 2 96  ASN 96  90  90  ASN ASN C . n 
B 2 97  LYS 97  91  91  LYS LYS C . n 
B 2 98  ASP 98  92  92  ASP ASP C . n 
B 2 99  LEU 99  93  93  LEU LEU C . n 
B 2 100 HIS 100 94  94  HIS HIS C . n 
B 2 101 PRO 101 95  95  PRO PRO C . n 
B 2 102 THR 102 96  96  THR THR C . n 
B 2 103 LEU 103 97  97  LEU LEU C . n 
B 2 104 PRO 104 98  98  PRO PRO C . n 
B 2 105 PRO 105 99  99  PRO PRO C . n 
B 2 106 LEU 106 100 100 LEU LEU C . n 
B 2 107 LYS 107 101 ?   ?   ?   C . n 
B 2 108 ASP 108 102 ?   ?   ?   C . n 
B 2 109 ARG 109 103 ?   ?   ?   C . n 
B 2 110 ASP 110 104 ?   ?   ?   C . n 
B 2 111 PHE 111 105 ?   ?   ?   C . n 
B 2 112 VAL 112 106 ?   ?   ?   C . n 
B 2 113 ASP 113 107 ?   ?   ?   C . n 
B 2 114 GLY 114 108 ?   ?   ?   C . n 
B 2 115 PRO 115 109 ?   ?   ?   C . n 
B 2 116 ILE 116 110 ?   ?   ?   C . n 
B 2 117 HIS 117 111 ?   ?   ?   C . n 
B 2 118 HIS 118 112 ?   ?   ?   C . n 
B 2 119 LYS 119 113 ?   ?   ?   C . n 
# 
loop_
_pdbx_nonpoly_scheme.asym_id 
_pdbx_nonpoly_scheme.entity_id 
_pdbx_nonpoly_scheme.mon_id 
_pdbx_nonpoly_scheme.ndb_seq_num 
_pdbx_nonpoly_scheme.pdb_seq_num 
_pdbx_nonpoly_scheme.auth_seq_num 
_pdbx_nonpoly_scheme.pdb_mon_id 
_pdbx_nonpoly_scheme.auth_mon_id 
_pdbx_nonpoly_scheme.pdb_strand_id 
_pdbx_nonpoly_scheme.pdb_ins_code 
C 3 HOH 1  121 4  HOH HOH B . 
C 3 HOH 2  122 5  HOH HOH B . 
C 3 HOH 3  123 6  HOH HOH B . 
C 3 HOH 4  124 7  HOH HOH B . 
C 3 HOH 5  125 8  HOH HOH B . 
C 3 HOH 6  126 10 HOH HOH B . 
C 3 HOH 7  127 11 HOH HOH B . 
C 3 HOH 8  128 12 HOH HOH B . 
C 3 HOH 9  129 13 HOH HOH B . 
C 3 HOH 10 130 15 HOH HOH B . 
C 3 HOH 11 131 16 HOH HOH B . 
C 3 HOH 12 132 17 HOH HOH B . 
C 3 HOH 13 133 18 HOH HOH B . 
C 3 HOH 14 134 19 HOH HOH B . 
C 3 HOH 15 135 20 HOH HOH B . 
C 3 HOH 16 136 21 HOH HOH B . 
C 3 HOH 17 137 31 HOH HOH B . 
C 3 HOH 18 138 32 HOH HOH B . 
C 3 HOH 19 139 33 HOH HOH B . 
C 3 HOH 20 140 34 HOH HOH B . 
C 3 HOH 21 141 35 HOH HOH B . 
C 3 HOH 22 142 36 HOH HOH B . 
C 3 HOH 23 143 37 HOH HOH B . 
C 3 HOH 24 144 38 HOH HOH B . 
C 3 HOH 25 145 39 HOH HOH B . 
C 3 HOH 26 146 40 HOH HOH B . 
C 3 HOH 27 147 41 HOH HOH B . 
C 3 HOH 28 148 42 HOH HOH B . 
C 3 HOH 29 149 43 HOH HOH B . 
C 3 HOH 30 150 44 HOH HOH B . 
C 3 HOH 31 151 45 HOH HOH B . 
C 3 HOH 32 152 50 HOH HOH B . 
C 3 HOH 33 153 51 HOH HOH B . 
D 3 HOH 1  114 1  HOH HOH C . 
D 3 HOH 2  115 2  HOH HOH C . 
D 3 HOH 3  116 3  HOH HOH C . 
D 3 HOH 4  117 9  HOH HOH C . 
D 3 HOH 5  118 14 HOH HOH C . 
D 3 HOH 6  119 22 HOH HOH C . 
D 3 HOH 7  120 23 HOH HOH C . 
D 3 HOH 8  121 24 HOH HOH C . 
D 3 HOH 9  122 25 HOH HOH C . 
D 3 HOH 10 123 26 HOH HOH C . 
D 3 HOH 11 124 27 HOH HOH C . 
D 3 HOH 12 125 28 HOH HOH C . 
D 3 HOH 13 126 29 HOH HOH C . 
D 3 HOH 14 127 30 HOH HOH C . 
D 3 HOH 15 128 46 HOH HOH C . 
D 3 HOH 16 129 47 HOH HOH C . 
D 3 HOH 17 130 48 HOH HOH C . 
D 3 HOH 18 131 49 HOH HOH C . 
# 
loop_
_software.name 
_software.version 
_software.date 
_software.type 
_software.contact_author 
_software.contact_author_email 
_software.classification 
_software.location 
_software.language 
_software.citation_id 
_software.pdbx_ordinal 
d*TREK       9.4SSI 'Jan 10 2006'   package 'Jim W. Pflugrath'    Jim.Pflugrath@Rigaku.com        'data scaling'    
http://www.rigaku.com/software/dtrek.html    ?          ? 1 
SHARP        .      ?               package 'Eric de La Fortelle' sharp-develop@globalphasing.com phasing           
http://www.globalphasing.com/sharp/          ?          ? 2 
DM           6.0    ?               program 'Kevin Cowtan'        kowtan@ysbl.york.ac.uk          phasing           
http://www.ccp4.ac.uk/dist/html/dm.html      Fortran_77 ? 3 
REFMAC       .      ?               program 'Garib N. Murshudov'  garib@ysbl.york.ac.uk           refinement        
http://www.ccp4.ac.uk/dist/html/refmac5.html Fortran_77 ? 4 
PDB_EXTRACT  3.006  'June 11, 2008' package PDB                   help@deposit.rcsb.org           'data extraction' 
http://sw-tools.pdb.org/apps/PDB_EXTRACT/    C++        ? 5 
MAR345dtb    .      ?               ?       ?                     ?                               'data collection' ? ?          ? 
6 
CrystalClear .      ?               ?       ?                     ?                               'data reduction'  ? ?          ? 
7 
CrystalClear .      ?               ?       ?                     ?                               'data scaling'    ? ?          ? 
8 
# 
_cell.length_a           76.455 
_cell.length_b           76.455 
_cell.length_c           82.784 
_cell.angle_alpha        90.000 
_cell.angle_beta         90.000 
_cell.angle_gamma        90.000 
_cell.entry_id           3EVS 
_cell.pdbx_unique_axis   ? 
_cell.Z_PDB              8 
_cell.length_a_esd       ? 
_cell.length_b_esd       ? 
_cell.length_c_esd       ? 
_cell.angle_alpha_esd    ? 
_cell.angle_beta_esd     ? 
_cell.angle_gamma_esd    ? 
# 
_symmetry.space_group_name_H-M             'P 42 21 2' 
_symmetry.entry_id                         3EVS 
_symmetry.Int_Tables_number                94 
_symmetry.pdbx_full_space_group_name_H-M   ? 
_symmetry.cell_setting                     ? 
_symmetry.space_group_name_Hall            ? 
# 
_exptl.crystals_number   2 
_exptl.entry_id          3EVS 
_exptl.method            'X-RAY DIFFRACTION' 
# 
loop_
_exptl_crystal.id 
_exptl_crystal.density_Matthews 
_exptl_crystal.density_meas 
_exptl_crystal.density_percent_sol 
_exptl_crystal.description 
_exptl_crystal.F_000 
_exptl_crystal.preparation 
1 2.27 ? 45.87 ? ? ? 
2 ?    ? ?     ? ? ? 
# 
_exptl_crystal_grow.crystal_id      1 
_exptl_crystal_grow.method          'VAPOR DIFFUSION' 
_exptl_crystal_grow.pH              5.25 
_exptl_crystal_grow.temp            294 
_exptl_crystal_grow.temp_details    ? 
_exptl_crystal_grow.pdbx_details    
'0.1M sodium acetate, 50% PPG 400, 30mM magnesium sulfate, pH 5.25, VAPOR DIFFUSION, temperature 294K' 
_exptl_crystal_grow.pdbx_pH_range   ? 
# 
loop_
_diffrn.id 
_diffrn.ambient_temp 
_diffrn.ambient_temp_details 
_diffrn.crystal_id 
1   100 ? 1 
2   100 ? 1 
1,2 ?   ? 1 
# 
loop_
_diffrn_detector.diffrn_id 
_diffrn_detector.detector 
_diffrn_detector.type 
_diffrn_detector.pdbx_collection_date 
_diffrn_detector.details 
1 CCD 'MARMOSAIC 225 mm CCD' 2006-06-05 mirrors 
2 CCD 'MARMOSAIC 225 mm CCD' 2007-03-07 mirrors 
# 
loop_
_diffrn_radiation.diffrn_id 
_diffrn_radiation.wavelength_id 
_diffrn_radiation.pdbx_diffrn_protocol 
_diffrn_radiation.monochromator 
_diffrn_radiation.pdbx_monochromatic_or_laue_m_l 
_diffrn_radiation.pdbx_scattering_type 
1 1 'SINGLE WAVELENGTH' 'Si-111 crystal' M x-ray 
2 1 MAD                 'Si-111 crystal' M x-ray 
# 
loop_
_diffrn_radiation_wavelength.id 
_diffrn_radiation_wavelength.wavelength 
_diffrn_radiation_wavelength.wt 
1 1.10485 1.0 
2 0.97962 1.0 
3 0.97979 1.0 
4 0.90789 1.0 
# 
loop_
_diffrn_source.diffrn_id 
_diffrn_source.source 
_diffrn_source.type 
_diffrn_source.pdbx_wavelength 
_diffrn_source.pdbx_wavelength_list 
_diffrn_source.pdbx_synchrotron_site 
_diffrn_source.pdbx_synchrotron_beamline 
1 SYNCHROTRON 'SLS BEAMLINE X06SA'  ? 1.10485                     SLS   X06SA 
2 SYNCHROTRON 'BESSY BEAMLINE 14.1' ? '0.97962, 0.97979, 0.90789' BESSY 14.1  
# 
_reflns.entry_id                     3EVS 
_reflns.d_resolution_high            2.100 
_reflns.d_resolution_low             34.190 
_reflns.number_obs                   14815 
_reflns.pdbx_scaling_rejects         1082 
_reflns.pdbx_Rmerge_I_obs            0.071 
_reflns.pdbx_chi_squared             0.990 
_reflns.pdbx_redundancy              9.660 
_reflns.percent_possible_obs         99.500 
_reflns.observed_criterion_sigma_F   0 
_reflns.observed_criterion_sigma_I   0 
_reflns.number_all                   15897 
_reflns.pdbx_Rsym_value              ? 
_reflns.pdbx_netI_over_sigmaI        ? 
_reflns.B_iso_Wilson_estimate        ? 
_reflns.R_free_details               ? 
_reflns.limit_h_max                  ? 
_reflns.limit_h_min                  ? 
_reflns.limit_k_max                  ? 
_reflns.limit_k_min                  ? 
_reflns.limit_l_max                  ? 
_reflns.limit_l_min                  ? 
_reflns.observed_criterion_F_max     ? 
_reflns.observed_criterion_F_min     ? 
_reflns.pdbx_ordinal                 1 
_reflns.pdbx_diffrn_id               1,2 
# 
_reflns_shell.d_res_high             2.10 
_reflns_shell.d_res_low              2.18 
_reflns_shell.number_measured_obs    ? 
_reflns_shell.number_measured_all    14428 
_reflns_shell.number_unique_obs      ? 
_reflns_shell.Rmerge_I_obs           0.354 
_reflns_shell.meanI_over_sigI_obs    5.3 
_reflns_shell.pdbx_Rsym_value        ? 
_reflns_shell.pdbx_chi_squared       1.190 
_reflns_shell.pdbx_redundancy        9.87 
_reflns_shell.percent_possible_obs   ? 
_reflns_shell.number_unique_all      1455 
_reflns_shell.percent_possible_all   100.00 
_reflns_shell.pdbx_ordinal           1 
_reflns_shell.pdbx_diffrn_id         1,2 
# 
_refine.entry_id                                 3EVS 
_refine.ls_d_res_high                            2.100 
_refine.ls_d_res_low                             34.19 
_refine.pdbx_ls_sigma_F                          0.00 
_refine.ls_percent_reflns_obs                    99.450 
_refine.ls_number_reflns_obs                     14814 
_refine.pdbx_ls_cross_valid_method               THROUGHOUT 
_refine.pdbx_R_Free_selection_details            RANDOM 
_refine.ls_R_factor_obs                          0.217 
_refine.ls_R_factor_R_work                       0.215 
_refine.ls_wR_factor_R_work                      0.283 
_refine.ls_R_factor_R_free                       0.256 
_refine.ls_wR_factor_R_free                      0.335 
_refine.ls_percent_reflns_R_free                 5.100 
_refine.ls_number_reflns_R_free                  752 
_refine.B_iso_mean                               71.871 
_refine.aniso_B[1][1]                            -2.81 
_refine.aniso_B[2][2]                            -2.81 
_refine.aniso_B[3][3]                            5.63 
_refine.aniso_B[1][2]                            0 
_refine.aniso_B[1][3]                            0 
_refine.aniso_B[2][3]                            0 
_refine.correlation_coeff_Fo_to_Fc               0.954 
_refine.correlation_coeff_Fo_to_Fc_free          0.939 
_refine.overall_SU_R_Cruickshank_DPI             0.264 
_refine.overall_SU_R_free                        0.234 
_refine.pdbx_overall_ESU_R                       0.203 
_refine.pdbx_overall_ESU_R_Free                  0.181 
_refine.overall_SU_ML                            0.128 
_refine.overall_SU_B                             10.020 
_refine.solvent_model_details                    'BABINET MODEL WITH MASK' 
_refine.pdbx_solvent_vdw_probe_radii             1.200 
_refine.pdbx_solvent_ion_probe_radii             0.800 
_refine.pdbx_solvent_shrinkage_radii             0.800 
_refine.pdbx_method_to_determine_struct          MAD 
_refine.pdbx_stereochemistry_target_values       'Engh & Huber' 
_refine.overall_FOM_work_R_set                   0.832 
_refine.B_iso_max                                114.78 
_refine.B_iso_min                                40.39 
_refine.occupancy_max                            1.00 
_refine.occupancy_min                            0.50 
_refine.pdbx_ls_sigma_I                          ? 
_refine.ls_number_reflns_all                     15897 
_refine.ls_R_factor_all                          0.217 
_refine.ls_redundancy_reflns_obs                 ? 
_refine.pdbx_data_cutoff_high_absF               ? 
_refine.pdbx_data_cutoff_low_absF                ? 
_refine.ls_number_parameters                     ? 
_refine.ls_number_restraints                     ? 
_refine.ls_R_factor_R_free_error                 ? 
_refine.ls_R_factor_R_free_error_details         ? 
_refine.pdbx_starting_model                      ? 
_refine.pdbx_stereochem_target_val_spec_case     ? 
_refine.solvent_model_param_bsol                 ? 
_refine.solvent_model_param_ksol                 ? 
_refine.pdbx_isotropic_thermal_model             ? 
_refine.details                                  ? 
_refine.pdbx_data_cutoff_high_rms_absF           ? 
_refine.overall_FOM_free_R_set                   ? 
_refine.pdbx_overall_phase_error                 ? 
_refine.pdbx_refine_id                           'X-RAY DIFFRACTION' 
_refine.pdbx_TLS_residual_ADP_flag               'LIKELY RESIDUAL' 
_refine.pdbx_diffrn_id                           1 
_refine.pdbx_overall_SU_R_free_Cruickshank_DPI   ? 
_refine.pdbx_overall_SU_R_Blow_DPI               ? 
_refine.pdbx_overall_SU_R_free_Blow_DPI          ? 
# 
_refine_analyze.entry_id                        3EVS 
_refine_analyze.Luzzati_coordinate_error_obs    0.203 
_refine_analyze.Luzzati_sigma_a_obs             ? 
_refine_analyze.Luzzati_d_res_low_obs           ? 
_refine_analyze.Luzzati_coordinate_error_free   0.181 
_refine_analyze.Luzzati_sigma_a_free            ? 
_refine_analyze.Luzzati_d_res_low_free          ? 
_refine_analyze.number_disordered_residues      ? 
_refine_analyze.occupancy_sum_non_hydrogen      ? 
_refine_analyze.occupancy_sum_hydrogen          ? 
_refine_analyze.pdbx_Luzzati_d_res_high_obs     ? 
_refine_analyze.pdbx_refine_id                  'X-RAY DIFFRACTION' 
# 
_refine_hist.pdbx_refine_id                   'X-RAY DIFFRACTION' 
_refine_hist.cycle_id                         LAST 
_refine_hist.pdbx_number_atoms_protein        1483 
_refine_hist.pdbx_number_atoms_nucleic_acid   0 
_refine_hist.pdbx_number_atoms_ligand         0 
_refine_hist.number_atoms_solvent             51 
_refine_hist.number_atoms_total               1534 
_refine_hist.d_res_high                       2.100 
_refine_hist.d_res_low                        34.19 
# 
loop_
_refine_ls_restr.type 
_refine_ls_restr.number 
_refine_ls_restr.dev_ideal 
_refine_ls_restr.dev_ideal_target 
_refine_ls_restr.weight 
_refine_ls_restr.pdbx_refine_id 
_refine_ls_restr.pdbx_restraint_function 
r_bond_refined_d         1528 0.014  0.021  ? 'X-RAY DIFFRACTION' ? 
r_angle_refined_deg      2083 1.339  1.961  ? 'X-RAY DIFFRACTION' ? 
r_dihedral_angle_1_deg   187  7.728  5.000  ? 'X-RAY DIFFRACTION' ? 
r_dihedral_angle_2_deg   72   34.453 24.306 ? 'X-RAY DIFFRACTION' ? 
r_dihedral_angle_3_deg   251  20.705 15.000 ? 'X-RAY DIFFRACTION' ? 
r_dihedral_angle_4_deg   10   19.031 15.000 ? 'X-RAY DIFFRACTION' ? 
r_chiral_restr           227  0.111  0.200  ? 'X-RAY DIFFRACTION' ? 
r_gen_planes_refined     1178 0.005  0.020  ? 'X-RAY DIFFRACTION' ? 
r_nbd_refined            607  0.257  0.300  ? 'X-RAY DIFFRACTION' ? 
r_nbtor_refined          1043 0.325  0.500  ? 'X-RAY DIFFRACTION' ? 
r_xyhbond_nbd_refined    117  0.223  0.500  ? 'X-RAY DIFFRACTION' ? 
r_symmetry_vdw_refined   55   0.357  0.300  ? 'X-RAY DIFFRACTION' ? 
r_symmetry_hbond_refined 22   0.296  0.500  ? 'X-RAY DIFFRACTION' ? 
r_mcbond_it              965  1.249  1.500  ? 'X-RAY DIFFRACTION' ? 
r_mcangle_it             1557 2.126  2.000  ? 'X-RAY DIFFRACTION' ? 
r_scbond_it              610  2.969  3.000  ? 'X-RAY DIFFRACTION' ? 
r_scangle_it             526  3.996  4.500  ? 'X-RAY DIFFRACTION' ? 
# 
_refine_ls_shell.d_res_high                       2.100 
_refine_ls_shell.d_res_low                        2.155 
_refine_ls_shell.pdbx_total_number_of_bins_used   20 
_refine_ls_shell.percent_reflns_obs               100.000 
_refine_ls_shell.number_reflns_R_work             1016 
_refine_ls_shell.R_factor_all                     ? 
_refine_ls_shell.R_factor_R_work                  0.289 
_refine_ls_shell.R_factor_R_free                  0.241 
_refine_ls_shell.percent_reflns_R_free            ? 
_refine_ls_shell.number_reflns_R_free             51 
_refine_ls_shell.R_factor_R_free_error            ? 
_refine_ls_shell.number_reflns_all                1067 
_refine_ls_shell.number_reflns_obs                1016 
_refine_ls_shell.redundancy_reflns_obs            ? 
_refine_ls_shell.pdbx_refine_id                   'X-RAY DIFFRACTION' 
# 
_struct.entry_id                  3EVS 
_struct.title                     'Crystal structure of the GDF-5:BMP receptor IB complex.' 
_struct.pdbx_model_details        ? 
_struct.pdbx_CASP_flag            ? 
_struct.pdbx_model_type_details   ? 
# 
_struct_keywords.entry_id        3EVS 
_struct_keywords.pdbx_keywords   'CYTOKINE/Transferase Receptor' 
_struct_keywords.text            
;ligand-receptor complex, cystin-knot ligand; three-finger toxn fold (receptor), Cleavage on pair of basic residues, Cytokine, Disease mutation, Dwarfism, Glycoprotein, Growth factor, Secreted, ATP-binding, Kinase, Magnesium, Manganese, Membrane, Metal-binding, Nucleotide-binding, Receptor, Serine/threonine-protein kinase, Transferase, Transmembrane, CYTOKINE-Transferase Receptor COMPLEX
;
# 
loop_
_struct_asym.id 
_struct_asym.pdbx_blank_PDB_chainid_flag 
_struct_asym.pdbx_modified 
_struct_asym.entity_id 
_struct_asym.details 
A N N 1 ? 
B N N 2 ? 
C N N 3 ? 
D N N 3 ? 
# 
loop_
_struct_ref.id 
_struct_ref.db_name 
_struct_ref.db_code 
_struct_ref.pdbx_db_accession 
_struct_ref.entity_id 
_struct_ref.pdbx_seq_one_letter_code 
_struct_ref.pdbx_align_begin 
_struct_ref.pdbx_db_isoform 
1 UNP GDF5_HUMAN  P43026 1 
;RQGKRPSKNLKARCSRKALHVNFKDMGWDDWIIAPLEYEAFHCEGLCEFPLRSHLEPTNHAVIQTLMNSMDPESTPPTCC
VPTRLSPISILFIDSANNVVYKQYEDMVVESCGCR
;
387 ? 
2 UNP BMR1B_MOUSE P36898 2 
;KKEDGESTAPTPRPKILRCKCHHHCPEDSVNNICSTDGYCFTMIEEDDSGMPVVTSGCLGLEGSDFQCRDTPIPHQRRSI
ECCTERNECNKDLHPTLPPLKDRDFVDGPIHHK
;
14  ? 
# 
loop_
_struct_ref_seq.align_id 
_struct_ref_seq.ref_id 
_struct_ref_seq.pdbx_PDB_id_code 
_struct_ref_seq.pdbx_strand_id 
_struct_ref_seq.seq_align_beg 
_struct_ref_seq.pdbx_seq_align_beg_ins_code 
_struct_ref_seq.seq_align_end 
_struct_ref_seq.pdbx_seq_align_end_ins_code 
_struct_ref_seq.pdbx_db_accession 
_struct_ref_seq.db_align_beg 
_struct_ref_seq.pdbx_db_align_beg_ins_code 
_struct_ref_seq.db_align_end 
_struct_ref_seq.pdbx_db_align_end_ins_code 
_struct_ref_seq.pdbx_auth_seq_align_beg 
_struct_ref_seq.pdbx_auth_seq_align_end 
1 1 3EVS B 3 ? 117 ? P43026 387 ? 501 ? 6 120 
2 2 3EVS C 7 ? 119 ? P36898 14  ? 126 ? 1 113 
# 
loop_
_struct_ref_seq_dif.align_id 
_struct_ref_seq_dif.pdbx_pdb_id_code 
_struct_ref_seq_dif.mon_id 
_struct_ref_seq_dif.pdbx_pdb_strand_id 
_struct_ref_seq_dif.seq_num 
_struct_ref_seq_dif.pdbx_pdb_ins_code 
_struct_ref_seq_dif.pdbx_seq_db_name 
_struct_ref_seq_dif.pdbx_seq_db_accession_code 
_struct_ref_seq_dif.db_mon_id 
_struct_ref_seq_dif.pdbx_seq_db_seq_num 
_struct_ref_seq_dif.details 
_struct_ref_seq_dif.pdbx_auth_seq_num 
_struct_ref_seq_dif.pdbx_ordinal 
1 3EVS MET B 1 ? UNP P43026 ? ? 'expression tag' 4  1 
1 3EVS LYS B 2 ? UNP P43026 ? ? 'expression tag' 5  2 
2 3EVS GLY C 1 ? UNP P36898 ? ? 'expression tag' -5 3 
2 3EVS SER C 2 ? UNP P36898 ? ? 'expression tag' -4 4 
2 3EVS GLY C 3 ? UNP P36898 ? ? 'expression tag' -3 5 
2 3EVS ALA C 4 ? UNP P36898 ? ? 'expression tag' -2 6 
2 3EVS MET C 5 ? UNP P36898 ? ? 'expression tag' -1 7 
2 3EVS ALA C 6 ? UNP P36898 ? ? 'expression tag' 0  8 
# 
_pdbx_struct_assembly.id                   1 
_pdbx_struct_assembly.details              author_and_software_defined_assembly 
_pdbx_struct_assembly.method_details       PISA 
_pdbx_struct_assembly.oligomeric_details   tetrameric 
_pdbx_struct_assembly.oligomeric_count     4 
# 
loop_
_pdbx_struct_assembly_prop.biol_id 
_pdbx_struct_assembly_prop.type 
_pdbx_struct_assembly_prop.value 
_pdbx_struct_assembly_prop.details 
1 'ABSA (A^2)' 6970  ? 
1 MORE         -53   ? 
1 'SSA (A^2)'  18260 ? 
# 
_pdbx_struct_assembly_gen.assembly_id       1 
_pdbx_struct_assembly_gen.oper_expression   1,2 
_pdbx_struct_assembly_gen.asym_id_list      A,B,C,D 
# 
loop_
_pdbx_struct_oper_list.id 
_pdbx_struct_oper_list.type 
_pdbx_struct_oper_list.name 
_pdbx_struct_oper_list.symmetry_operation 
_pdbx_struct_oper_list.matrix[1][1] 
_pdbx_struct_oper_list.matrix[1][2] 
_pdbx_struct_oper_list.matrix[1][3] 
_pdbx_struct_oper_list.vector[1] 
_pdbx_struct_oper_list.matrix[2][1] 
_pdbx_struct_oper_list.matrix[2][2] 
_pdbx_struct_oper_list.matrix[2][3] 
_pdbx_struct_oper_list.vector[2] 
_pdbx_struct_oper_list.matrix[3][1] 
_pdbx_struct_oper_list.matrix[3][2] 
_pdbx_struct_oper_list.matrix[3][3] 
_pdbx_struct_oper_list.vector[3] 
1 'identity operation'         1_555 x,y,z     1.0000000000  0.0000000000 0.0000000000 0.0000000000   0.0000000000 1.0000000000  0.0000000000 0.0000000000  0.0000000000 0.0000000000 1.0000000000 0.0000000000  
2 'crystal symmetry operation' 2_565 -x,-y+1,z -0.8661297559 0.2359373742 0.4406277357 -10.6157387139 0.2359373742 -0.5841761184 0.7765769879 21.7416174232 0.4406277357 0.7765769879 0.4503058742 -8.4164665365 
# 
_struct_biol.id        1 
_struct_biol.details   ? 
# 
loop_
_struct_conf.conf_type_id 
_struct_conf.id 
_struct_conf.pdbx_PDB_helix_id 
_struct_conf.beg_label_comp_id 
_struct_conf.beg_label_asym_id 
_struct_conf.beg_label_seq_id 
_struct_conf.pdbx_beg_PDB_ins_code 
_struct_conf.end_label_comp_id 
_struct_conf.end_label_asym_id 
_struct_conf.end_label_seq_id 
_struct_conf.pdbx_end_PDB_ins_code 
_struct_conf.beg_auth_comp_id 
_struct_conf.beg_auth_asym_id 
_struct_conf.beg_auth_seq_id 
_struct_conf.end_auth_comp_id 
_struct_conf.end_auth_asym_id 
_struct_conf.end_auth_seq_id 
_struct_conf.pdbx_PDB_helix_class 
_struct_conf.details 
_struct_conf.pdbx_PDB_helix_length 
HELX_P HELX_P1 1 LYS A 26 ? ASP A 32 ? LYS B 29 ASP B 35 5 ? 7  
HELX_P HELX_P2 2 ARG A 54 ? GLU A 58 ? ARG B 57 GLU B 61 5 ? 5  
HELX_P HELX_P3 3 THR A 60 ? ASP A 73 ? THR B 63 ASP B 76 1 ? 14 
HELX_P HELX_P4 4 GLY B 69 ? CYS B 74 ? GLY C 63 CYS C 68 1 ? 6  
HELX_P HELX_P5 5 GLU B 94 ? LEU B 99 ? GLU C 88 LEU C 93 5 ? 6  
# 
_struct_conf_type.id          HELX_P 
_struct_conf_type.criteria    ? 
_struct_conf_type.reference   ? 
# 
loop_
_struct_conn.id 
_struct_conn.conn_type_id 
_struct_conn.pdbx_leaving_atom_flag 
_struct_conn.pdbx_PDB_id 
_struct_conn.ptnr1_label_asym_id 
_struct_conn.ptnr1_label_comp_id 
_struct_conn.ptnr1_label_seq_id 
_struct_conn.ptnr1_label_atom_id 
_struct_conn.pdbx_ptnr1_label_alt_id 
_struct_conn.pdbx_ptnr1_PDB_ins_code 
_struct_conn.pdbx_ptnr1_standard_comp_id 
_struct_conn.ptnr1_symmetry 
_struct_conn.ptnr2_label_asym_id 
_struct_conn.ptnr2_label_comp_id 
_struct_conn.ptnr2_label_seq_id 
_struct_conn.ptnr2_label_atom_id 
_struct_conn.pdbx_ptnr2_label_alt_id 
_struct_conn.pdbx_ptnr2_PDB_ins_code 
_struct_conn.ptnr1_auth_asym_id 
_struct_conn.ptnr1_auth_comp_id 
_struct_conn.ptnr1_auth_seq_id 
_struct_conn.ptnr2_auth_asym_id 
_struct_conn.ptnr2_auth_comp_id 
_struct_conn.ptnr2_auth_seq_id 
_struct_conn.ptnr2_symmetry 
_struct_conn.pdbx_ptnr3_label_atom_id 
_struct_conn.pdbx_ptnr3_label_seq_id 
_struct_conn.pdbx_ptnr3_label_comp_id 
_struct_conn.pdbx_ptnr3_label_asym_id 
_struct_conn.pdbx_ptnr3_label_alt_id 
_struct_conn.pdbx_ptnr3_PDB_ins_code 
_struct_conn.details 
_struct_conn.pdbx_dist_value 
_struct_conn.pdbx_value_order 
_struct_conn.pdbx_role 
disulf1  disulf ? ? A CYS 16 SG ? ? ? 1_555 A CYS 82  SG ? ? B CYS 19 B CYS 85  1_555 ? ? ? ? ? ? ? 2.039 ? ? 
disulf2  disulf ? ? A CYS 45 SG ? ? ? 1_555 A CYS 114 SG ? ? B CYS 48 B CYS 117 1_555 ? ? ? ? ? ? ? 2.045 ? ? 
disulf3  disulf ? ? A CYS 49 SG ? ? ? 1_555 A CYS 116 SG ? ? B CYS 52 B CYS 119 1_555 ? ? ? ? ? ? ? 2.031 ? ? 
disulf4  disulf ? ? A CYS 81 SG ? ? ? 1_555 A CYS 81  SG ? ? B CYS 84 B CYS 84  2_565 ? ? ? ? ? ? ? 2.282 ? ? 
disulf5  disulf ? ? B CYS 25 SG ? ? ? 1_555 B CYS 46  SG ? ? C CYS 19 C CYS 40  1_555 ? ? ? ? ? ? ? 2.036 ? ? 
disulf6  disulf ? ? B CYS 27 SG A ? ? 1_555 B CYS 31  SG A ? C CYS 21 C CYS 25  1_555 ? ? ? ? ? ? ? 2.037 ? ? 
disulf7  disulf ? ? B CYS 27 SG B ? ? 1_555 B CYS 31  SG B ? C CYS 21 C CYS 25  1_555 ? ? ? ? ? ? ? 1.963 ? ? 
disulf8  disulf ? ? B CYS 40 SG ? ? ? 1_555 B CYS 64  SG ? ? C CYS 34 C CYS 58  1_555 ? ? ? ? ? ? ? 2.058 ? ? 
disulf9  disulf ? ? B CYS 74 SG ? ? ? 1_555 B CYS 88  SG ? ? C CYS 68 C CYS 82  1_555 ? ? ? ? ? ? ? 2.041 ? ? 
disulf10 disulf ? ? B CYS 89 SG ? ? ? 1_555 B CYS 95  SG ? ? C CYS 83 C CYS 89  1_555 ? ? ? ? ? ? ? 2.067 ? ? 
# 
_struct_conn_type.id          disulf 
_struct_conn_type.criteria    ? 
_struct_conn_type.reference   ? 
# 
loop_
_pdbx_modification_feature.ordinal 
_pdbx_modification_feature.label_comp_id 
_pdbx_modification_feature.label_asym_id 
_pdbx_modification_feature.label_seq_id 
_pdbx_modification_feature.label_alt_id 
_pdbx_modification_feature.modified_residue_label_comp_id 
_pdbx_modification_feature.modified_residue_label_asym_id 
_pdbx_modification_feature.modified_residue_label_seq_id 
_pdbx_modification_feature.modified_residue_label_alt_id 
_pdbx_modification_feature.auth_comp_id 
_pdbx_modification_feature.auth_asym_id 
_pdbx_modification_feature.auth_seq_id 
_pdbx_modification_feature.PDB_ins_code 
_pdbx_modification_feature.symmetry 
_pdbx_modification_feature.modified_residue_auth_comp_id 
_pdbx_modification_feature.modified_residue_auth_asym_id 
_pdbx_modification_feature.modified_residue_auth_seq_id 
_pdbx_modification_feature.modified_residue_PDB_ins_code 
_pdbx_modification_feature.modified_residue_symmetry 
_pdbx_modification_feature.comp_id_linking_atom 
_pdbx_modification_feature.modified_residue_id_linking_atom 
_pdbx_modification_feature.modified_residue_id 
_pdbx_modification_feature.ref_pcm_id 
_pdbx_modification_feature.ref_comp_id 
_pdbx_modification_feature.type 
_pdbx_modification_feature.category 
1  CYS A 16 ? CYS A 82  ? CYS B 19 ? 1_555 CYS B 85  ? 1_555 SG SG . . . None 'Disulfide bridge' 
2  CYS A 45 ? CYS A 114 ? CYS B 48 ? 1_555 CYS B 117 ? 1_555 SG SG . . . None 'Disulfide bridge' 
3  CYS A 49 ? CYS A 116 ? CYS B 52 ? 1_555 CYS B 119 ? 1_555 SG SG . . . None 'Disulfide bridge' 
4  CYS A 81 ? CYS A 81  ? CYS B 84 ? 1_555 CYS B 84  ? 2_565 SG SG . . . None 'Disulfide bridge' 
5  CYS B 25 ? CYS B 46  ? CYS C 19 ? 1_555 CYS C 40  ? 1_555 SG SG . . . None 'Disulfide bridge' 
6  CYS B 27 A CYS B 31  A CYS C 21 ? 1_555 CYS C 25  ? 1_555 SG SG . . . None 'Disulfide bridge' 
7  CYS B 27 B CYS B 31  B CYS C 21 ? 1_555 CYS C 25  ? 1_555 SG SG . . . None 'Disulfide bridge' 
8  CYS B 40 ? CYS B 64  ? CYS C 34 ? 1_555 CYS C 58  ? 1_555 SG SG . . . None 'Disulfide bridge' 
9  CYS B 74 ? CYS B 88  ? CYS C 68 ? 1_555 CYS C 82  ? 1_555 SG SG . . . None 'Disulfide bridge' 
10 CYS B 89 ? CYS B 95  ? CYS C 83 ? 1_555 CYS C 89  ? 1_555 SG SG . . . None 'Disulfide bridge' 
# 
loop_
_struct_mon_prot_cis.pdbx_id 
_struct_mon_prot_cis.label_comp_id 
_struct_mon_prot_cis.label_seq_id 
_struct_mon_prot_cis.label_asym_id 
_struct_mon_prot_cis.label_alt_id 
_struct_mon_prot_cis.pdbx_PDB_ins_code 
_struct_mon_prot_cis.auth_comp_id 
_struct_mon_prot_cis.auth_seq_id 
_struct_mon_prot_cis.auth_asym_id 
_struct_mon_prot_cis.pdbx_label_comp_id_2 
_struct_mon_prot_cis.pdbx_label_seq_id_2 
_struct_mon_prot_cis.pdbx_label_asym_id_2 
_struct_mon_prot_cis.pdbx_PDB_ins_code_2 
_struct_mon_prot_cis.pdbx_auth_comp_id_2 
_struct_mon_prot_cis.pdbx_auth_seq_id_2 
_struct_mon_prot_cis.pdbx_auth_asym_id_2 
_struct_mon_prot_cis.pdbx_PDB_model_num 
_struct_mon_prot_cis.pdbx_omega_angle 
1 ALA 36 A . ? ALA 39 B PRO 37 A ? PRO 40 B 1 -7.00 
2 PHE 51 A . ? PHE 54 B PRO 52 A ? PRO 55 B 1 -3.48 
# 
loop_
_struct_sheet.id 
_struct_sheet.type 
_struct_sheet.number_strands 
_struct_sheet.details 
A ? 2 ? 
B ? 2 ? 
C ? 3 ? 
D ? 2 ? 
E ? 3 ? 
# 
loop_
_struct_sheet_order.sheet_id 
_struct_sheet_order.range_id_1 
_struct_sheet_order.range_id_2 
_struct_sheet_order.offset 
_struct_sheet_order.sense 
A 1 2 ? anti-parallel 
B 1 2 ? anti-parallel 
C 1 2 ? anti-parallel 
C 2 3 ? anti-parallel 
D 1 2 ? anti-parallel 
E 1 2 ? anti-parallel 
E 2 3 ? anti-parallel 
# 
loop_
_struct_sheet_range.sheet_id 
_struct_sheet_range.id 
_struct_sheet_range.beg_label_comp_id 
_struct_sheet_range.beg_label_asym_id 
_struct_sheet_range.beg_label_seq_id 
_struct_sheet_range.pdbx_beg_PDB_ins_code 
_struct_sheet_range.end_label_comp_id 
_struct_sheet_range.end_label_asym_id 
_struct_sheet_range.end_label_seq_id 
_struct_sheet_range.pdbx_end_PDB_ins_code 
_struct_sheet_range.beg_auth_comp_id 
_struct_sheet_range.beg_auth_asym_id 
_struct_sheet_range.beg_auth_seq_id 
_struct_sheet_range.end_auth_comp_id 
_struct_sheet_range.end_auth_asym_id 
_struct_sheet_range.end_auth_seq_id 
A 1 SER A 17  ? LYS A 19  ? SER B 20  LYS B 22  
A 2 HIS A 44  ? GLU A 46  ? HIS B 47  GLU B 49  
B 1 HIS A 22  ? ASN A 24  ? HIS B 25  ASN B 27  
B 2 GLU A 39  ? GLU A 41  ? GLU B 42  GLU B 44  
C 1 ILE A 34  ? ALA A 36  ? ILE B 37  ALA B 39  
C 2 CYS A 82  ? ILE A 95  ? CYS B 85  ILE B 98  
C 3 VAL A 101 ? CYS A 116 ? VAL B 104 CYS B 119 
D 1 LEU B 23  ? LYS B 26  ? LEU C 17  LYS C 20  
D 2 ILE B 39  ? THR B 42  ? ILE C 33  THR C 36  
E 1 PRO B 58  ? LEU B 65  ? PRO C 52  LEU C 59  
E 2 TYR B 45  ? GLU B 52  ? TYR C 39  GLU C 46  
E 3 ARG B 84  ? CYS B 89  ? ARG C 78  CYS C 83  
# 
loop_
_pdbx_struct_sheet_hbond.sheet_id 
_pdbx_struct_sheet_hbond.range_id_1 
_pdbx_struct_sheet_hbond.range_id_2 
_pdbx_struct_sheet_hbond.range_1_label_atom_id 
_pdbx_struct_sheet_hbond.range_1_label_comp_id 
_pdbx_struct_sheet_hbond.range_1_label_asym_id 
_pdbx_struct_sheet_hbond.range_1_label_seq_id 
_pdbx_struct_sheet_hbond.range_1_PDB_ins_code 
_pdbx_struct_sheet_hbond.range_1_auth_atom_id 
_pdbx_struct_sheet_hbond.range_1_auth_comp_id 
_pdbx_struct_sheet_hbond.range_1_auth_asym_id 
_pdbx_struct_sheet_hbond.range_1_auth_seq_id 
_pdbx_struct_sheet_hbond.range_2_label_atom_id 
_pdbx_struct_sheet_hbond.range_2_label_comp_id 
_pdbx_struct_sheet_hbond.range_2_label_asym_id 
_pdbx_struct_sheet_hbond.range_2_label_seq_id 
_pdbx_struct_sheet_hbond.range_2_PDB_ins_code 
_pdbx_struct_sheet_hbond.range_2_auth_atom_id 
_pdbx_struct_sheet_hbond.range_2_auth_comp_id 
_pdbx_struct_sheet_hbond.range_2_auth_asym_id 
_pdbx_struct_sheet_hbond.range_2_auth_seq_id 
A 1 2 N LYS A 19 ? N LYS B 22 O HIS A 44  ? O HIS B 47  
B 1 2 N VAL A 23 ? N VAL B 26 O TYR A 40  ? O TYR B 43  
C 1 2 N ALA A 36 ? N ALA B 39 O LEU A 93  ? O LEU B 96  
C 2 3 N PHE A 94 ? N PHE B 97 O VAL A 102 ? O VAL B 105 
D 1 2 N LEU B 23 ? N LEU C 17 O THR B 42  ? O THR C 36  
E 1 2 O VAL B 59 ? O VAL C 53 N GLU B 51  ? N GLU C 45  
E 2 3 N ILE B 50 ? N ILE C 44 O SER B 85  ? O SER C 79  
# 
_pdbx_entry_details.entry_id                   3EVS 
_pdbx_entry_details.compound_details           ? 
_pdbx_entry_details.source_details             ? 
_pdbx_entry_details.nonpolymer_details         ? 
_pdbx_entry_details.sequence_details           ? 
_pdbx_entry_details.has_ligand_of_interest     ? 
_pdbx_entry_details.has_protein_modification   Y 
# 
_pdbx_validate_symm_contact.id                1 
_pdbx_validate_symm_contact.PDB_model_num     1 
_pdbx_validate_symm_contact.auth_atom_id_1    O 
_pdbx_validate_symm_contact.auth_asym_id_1    B 
_pdbx_validate_symm_contact.auth_comp_id_1    HOH 
_pdbx_validate_symm_contact.auth_seq_id_1     125 
_pdbx_validate_symm_contact.PDB_ins_code_1    ? 
_pdbx_validate_symm_contact.label_alt_id_1    ? 
_pdbx_validate_symm_contact.site_symmetry_1   1_555 
_pdbx_validate_symm_contact.auth_atom_id_2    O 
_pdbx_validate_symm_contact.auth_asym_id_2    B 
_pdbx_validate_symm_contact.auth_comp_id_2    HOH 
_pdbx_validate_symm_contact.auth_seq_id_2     139 
_pdbx_validate_symm_contact.PDB_ins_code_2    ? 
_pdbx_validate_symm_contact.label_alt_id_2    ? 
_pdbx_validate_symm_contact.site_symmetry_2   8_666 
_pdbx_validate_symm_contact.dist              2.14 
# 
loop_
_pdbx_validate_torsion.id 
_pdbx_validate_torsion.PDB_model_num 
_pdbx_validate_torsion.auth_comp_id 
_pdbx_validate_torsion.auth_asym_id 
_pdbx_validate_torsion.auth_seq_id 
_pdbx_validate_torsion.PDB_ins_code 
_pdbx_validate_torsion.label_alt_id 
_pdbx_validate_torsion.phi 
_pdbx_validate_torsion.psi 
1 1 PHE B 46 ? ? 61.24   155.70  
2 1 GLU B 61 ? ? 33.61   61.32   
3 1 ASP B 76 ? ? -150.24 89.25   
4 1 HIS C 22 ? A -129.33 -54.65  
5 1 HIS C 23 ? B 72.05   -138.19 
6 1 HIS C 24 ? A 61.58   100.86  
7 1 GLU C 27 ? ? -93.27  57.49   
8 1 SER C 29 ? ? -178.28 91.82   
9 1 ASP C 48 ? ? -39.21  -33.50  
# 
_pdbx_validate_peptide_omega.id               1 
_pdbx_validate_peptide_omega.PDB_model_num    1 
_pdbx_validate_peptide_omega.auth_comp_id_1   GLU 
_pdbx_validate_peptide_omega.auth_asym_id_1   C 
_pdbx_validate_peptide_omega.auth_seq_id_1    27 
_pdbx_validate_peptide_omega.PDB_ins_code_1   ? 
_pdbx_validate_peptide_omega.label_alt_id_1   ? 
_pdbx_validate_peptide_omega.auth_comp_id_2   ASP 
_pdbx_validate_peptide_omega.auth_asym_id_2   C 
_pdbx_validate_peptide_omega.auth_seq_id_2    28 
_pdbx_validate_peptide_omega.PDB_ins_code_2   ? 
_pdbx_validate_peptide_omega.label_alt_id_2   ? 
_pdbx_validate_peptide_omega.omega            148.39 
# 
_diffrn_reflns.diffrn_id                   1 
_diffrn_reflns.pdbx_d_res_high             2.600 
_diffrn_reflns.pdbx_d_res_low              38.310 
_diffrn_reflns.pdbx_number_obs             7954 
_diffrn_reflns.pdbx_Rmerge_I_obs           0.100 
_diffrn_reflns.pdbx_Rsym_value             ? 
_diffrn_reflns.pdbx_chi_squared            0.97 
_diffrn_reflns.av_sigmaI_over_netI         ? 
_diffrn_reflns.pdbx_redundancy             6.75 
_diffrn_reflns.pdbx_percent_possible_obs   99.90 
_diffrn_reflns.number                      54117 
_diffrn_reflns.pdbx_observed_criterion     ? 
_diffrn_reflns.limit_h_max                 ? 
_diffrn_reflns.limit_h_min                 ? 
_diffrn_reflns.limit_k_max                 ? 
_diffrn_reflns.limit_k_min                 ? 
_diffrn_reflns.limit_l_max                 ? 
_diffrn_reflns.limit_l_min                 ? 
# 
loop_
_pdbx_diffrn_reflns_shell.diffrn_id 
_pdbx_diffrn_reflns_shell.d_res_high 
_pdbx_diffrn_reflns_shell.d_res_low 
_pdbx_diffrn_reflns_shell.number_obs 
_pdbx_diffrn_reflns_shell.rejects 
_pdbx_diffrn_reflns_shell.Rmerge_I_obs 
_pdbx_diffrn_reflns_shell.Rsym_value 
_pdbx_diffrn_reflns_shell.chi_squared 
_pdbx_diffrn_reflns_shell.redundancy 
_pdbx_diffrn_reflns_shell.percent_possible_obs 
1 5.60 38.31 ? 31  0.067 ? 0.820 6.13 99.30  
1 4.44 5.60  ? 18  0.068 ? 0.710 6.65 99.80  
1 3.88 4.44  ? 10  0.075 ? 0.690 6.79 100.00 
1 3.53 3.88  ? 19  0.099 ? 0.800 6.80 99.90  
1 3.28 3.53  ? 26  0.127 ? 0.820 6.85 100.00 
1 3.08 3.28  ? 31  0.162 ? 0.990 6.88 100.00 
1 2.93 3.08  ? 42  0.221 ? 1.080 6.89 100.00 
1 2.80 2.93  ? 42  0.283 ? 1.190 6.90 100.00 
1 2.69 2.80  ? 87  0.340 ? 1.290 6.87 100.00 
1 2.60 2.69  ? 100 0.408 ? 1.300 6.85 100.00 
# 
loop_
_pdbx_refine_tls.id 
_pdbx_refine_tls.details 
_pdbx_refine_tls.method 
_pdbx_refine_tls.origin_x 
_pdbx_refine_tls.origin_y 
_pdbx_refine_tls.origin_z 
_pdbx_refine_tls.T[1][1] 
_pdbx_refine_tls.T[2][2] 
_pdbx_refine_tls.T[3][3] 
_pdbx_refine_tls.T[1][2] 
_pdbx_refine_tls.T[1][3] 
_pdbx_refine_tls.T[2][3] 
_pdbx_refine_tls.L[1][1] 
_pdbx_refine_tls.L[2][2] 
_pdbx_refine_tls.L[3][3] 
_pdbx_refine_tls.L[1][2] 
_pdbx_refine_tls.L[1][3] 
_pdbx_refine_tls.L[2][3] 
_pdbx_refine_tls.S[1][1] 
_pdbx_refine_tls.S[2][2] 
_pdbx_refine_tls.S[3][3] 
_pdbx_refine_tls.S[1][2] 
_pdbx_refine_tls.S[1][3] 
_pdbx_refine_tls.S[2][3] 
_pdbx_refine_tls.S[2][1] 
_pdbx_refine_tls.S[3][1] 
_pdbx_refine_tls.S[3][2] 
_pdbx_refine_tls.pdbx_refine_id 
1 ? refined -9.0874 5.2840  1.9102 -0.2021 -0.2907 -0.3288 -0.0189 -0.0779 -0.0854 2.0508 6.7814  4.3023 -0.7306 0.2091  -4.7407 0.0094  0.2977 -0.3071 -0.0183 -0.1708 0.3195  -0.4220 0.3458 -0.1977 'X-RAY DIFFRACTION' 
2 ? refined 10.9900 -7.5208 0.8236 -0.1381 -0.2721 -0.0628 0.0647  0.0142  -0.0160 9.4454 11.2284 5.8586 -2.3399 -1.0468 0.1711  -0.1180 0.0686 0.0494  0.0093  -0.4963 -0.9242 -0.4246 0.2499 0.4745  'X-RAY DIFFRACTION' 
# 
loop_
_pdbx_refine_tls_group.id 
_pdbx_refine_tls_group.refine_tls_id 
_pdbx_refine_tls_group.beg_auth_asym_id 
_pdbx_refine_tls_group.end_auth_asym_id 
_pdbx_refine_tls_group.end_auth_seq_id 
_pdbx_refine_tls_group.selection 
_pdbx_refine_tls_group.beg_auth_seq_id 
_pdbx_refine_tls_group.beg_label_asym_id 
_pdbx_refine_tls_group.beg_label_seq_id 
_pdbx_refine_tls_group.end_label_asym_id 
_pdbx_refine_tls_group.end_label_seq_id 
_pdbx_refine_tls_group.pdbx_refine_id 
_pdbx_refine_tls_group.selection_details 
1 1 B B 120 ? 17 . . . . 'X-RAY DIFFRACTION' ? 
2 2 C C 21  ? 16 . . . . 'X-RAY DIFFRACTION' ? 
3 2 C C 45  ? 31 . . . . 'X-RAY DIFFRACTION' ? 
4 2 C C 72  ? 50 . . . . 'X-RAY DIFFRACTION' ? 
5 2 C C 100 ? 77 . . . . 'X-RAY DIFFRACTION' ? 
# 
loop_
_pdbx_phasing_MAD_set.id 
_pdbx_phasing_MAD_set.d_res_low 
_pdbx_phasing_MAD_set.d_res_high 
_pdbx_phasing_MAD_set.reflns_acentric 
_pdbx_phasing_MAD_set.reflns_centric 
_pdbx_phasing_MAD_set.power_acentric 
_pdbx_phasing_MAD_set.power_centric 
ISO_1 38.31 2.03 6405  1540 0.000 0.000 
ISO_2 38.31 2.03 4603  1234 0.239 0.180 
ISO_3 38.31 2.03 4585  1227 0.467 0.332 
ISO_4 38.31 2.03 6375  1482 0.498 0.371 
ANO_1 38.31 2.03 6404  0    0.727 0.000 
ANO_2 38.31 2.03 4605  0    0.254 0.000 
ANO_3 38.31 2.03 4589  0    0.286 0.000 
ANO_4 38.31 2.03 13407 0    0.146 0.000 
# 
loop_
_pdbx_phasing_MAD_set_shell.id 
_pdbx_phasing_MAD_set_shell.d_res_low 
_pdbx_phasing_MAD_set_shell.d_res_high 
_pdbx_phasing_MAD_set_shell.reflns_acentric 
_pdbx_phasing_MAD_set_shell.reflns_centric 
_pdbx_phasing_MAD_set_shell.power_acentric 
_pdbx_phasing_MAD_set_shell.power_centric 
ISO_1 38.31 8.86 119  122 0.000 0.000 
ISO_1 8.86  6.35 250  122 0.000 0.000 
ISO_1 6.35  5.21 342  124 0.000 0.000 
ISO_1 5.21  4.52 402  121 0.000 0.000 
ISO_1 4.52  4.05 474  132 0.000 0.000 
ISO_1 4.05  3.70 525  129 0.000 0.000 
ISO_1 3.70  3.43 580  125 0.000 0.000 
ISO_1 3.43  3.21 625  125 0.000 0.000 
ISO_1 3.21  3.03 666  133 0.000 0.000 
ISO_1 3.03  2.87 712  128 0.000 0.000 
ISO_1 2.87  2.74 745  119 0.000 0.000 
ISO_1 2.74  2.62 795  136 0.000 0.000 
ISO_1 2.62  2.52 170  24  0.000 0.000 
ISO_1 2.52  2.43 0    0   0.000 0.000 
ISO_1 2.43  2.35 0    0   0.000 0.000 
ISO_1 2.35  2.27 0    0   0.000 0.000 
ISO_1 2.27  2.21 0    0   0.000 0.000 
ISO_1 2.21  2.14 0    0   0.000 0.000 
ISO_1 2.14  2.09 0    0   0.000 0.000 
ISO_1 2.09  2.03 0    0   0.000 0.000 
ANO_1 38.31 8.86 118  0   1.953 0.000 
ANO_1 8.86  6.35 250  0   1.879 0.000 
ANO_1 6.35  5.21 342  0   1.624 0.000 
ANO_1 5.21  4.52 402  0   1.402 0.000 
ANO_1 4.52  4.05 474  0   1.089 0.000 
ANO_1 4.05  3.70 525  0   0.666 0.000 
ANO_1 3.70  3.43 580  0   0.639 0.000 
ANO_1 3.43  3.21 625  0   0.489 0.000 
ANO_1 3.21  3.03 666  0   0.435 0.000 
ANO_1 3.03  2.87 712  0   0.361 0.000 
ANO_1 2.87  2.74 745  0   0.264 0.000 
ANO_1 2.74  2.62 795  0   0.234 0.000 
ANO_1 2.62  2.52 170  0   0.226 0.000 
ANO_1 2.52  2.43 0    0   0.000 0.000 
ANO_1 2.43  2.35 0    0   0.000 0.000 
ANO_1 2.35  2.27 0    0   0.000 0.000 
ANO_1 2.27  2.21 0    0   0.000 0.000 
ANO_1 2.21  2.14 0    0   0.000 0.000 
ANO_1 2.14  2.09 0    0   0.000 0.000 
ANO_1 2.09  2.03 0    0   0.000 0.000 
ISO_2 38.31 8.86 119  120 0.887 0.265 
ISO_2 8.86  6.35 250  121 0.689 0.439 
ISO_2 6.35  5.21 341  124 0.563 0.303 
ISO_2 5.21  4.52 401  121 0.439 0.185 
ISO_2 4.52  4.05 474  131 0.312 0.176 
ISO_2 4.05  3.70 525  129 0.232 0.141 
ISO_2 3.70  3.43 580  125 0.184 0.111 
ISO_2 3.43  3.21 625  122 0.136 0.070 
ISO_2 3.21  3.03 666  130 0.107 0.075 
ISO_2 3.03  2.87 622  111 0.073 0.052 
ISO_2 2.87  2.74 0    0   0.000 0.000 
ISO_2 2.74  2.62 0    0   0.000 0.000 
ISO_2 2.62  2.52 0    0   0.000 0.000 
ISO_2 2.52  2.43 0    0   0.000 0.000 
ISO_2 2.43  2.35 0    0   0.000 0.000 
ISO_2 2.35  2.27 0    0   0.000 0.000 
ISO_2 2.27  2.21 0    0   0.000 0.000 
ISO_2 2.21  2.14 0    0   0.000 0.000 
ISO_2 2.14  2.09 0    0   0.000 0.000 
ISO_2 2.09  2.03 0    0   0.000 0.000 
ANO_2 38.31 8.86 119  0   0.878 0.000 
ANO_2 8.86  6.35 249  0   0.637 0.000 
ANO_2 6.35  5.21 341  0   0.527 0.000 
ANO_2 5.21  4.52 400  0   0.408 0.000 
ANO_2 4.52  4.05 474  0   0.310 0.000 
ANO_2 4.05  3.70 525  0   0.211 0.000 
ANO_2 3.70  3.43 580  0   0.176 0.000 
ANO_2 3.43  3.21 625  0   0.131 0.000 
ANO_2 3.21  3.03 667  0   0.120 0.000 
ANO_2 3.03  2.87 625  0   0.099 0.000 
ANO_2 2.87  2.74 0    0   0.000 0.000 
ANO_2 2.74  2.62 0    0   0.000 0.000 
ANO_2 2.62  2.52 0    0   0.000 0.000 
ANO_2 2.52  2.43 0    0   0.000 0.000 
ANO_2 2.43  2.35 0    0   0.000 0.000 
ANO_2 2.35  2.27 0    0   0.000 0.000 
ANO_2 2.27  2.21 0    0   0.000 0.000 
ANO_2 2.21  2.14 0    0   0.000 0.000 
ANO_2 2.14  2.09 0    0   0.000 0.000 
ANO_2 2.09  2.03 0    0   0.000 0.000 
ISO_3 38.31 8.86 119  120 1.261 0.464 
ISO_3 8.86  6.35 250  121 0.910 0.610 
ISO_3 6.35  5.21 342  123 0.982 0.542 
ISO_3 5.21  4.52 402  121 0.809 0.572 
ISO_3 4.52  4.05 474  129 0.594 0.213 
ISO_3 4.05  3.70 525  128 0.417 0.317 
ISO_3 3.70  3.43 580  124 0.330 0.225 
ISO_3 3.43  3.21 624  124 0.276 0.153 
ISO_3 3.21  3.03 666  131 0.210 0.119 
ISO_3 3.03  2.87 603  106 0.158 0.096 
ISO_3 2.87  2.74 0    0   0.000 0.000 
ISO_3 2.74  2.62 0    0   0.000 0.000 
ISO_3 2.62  2.52 0    0   0.000 0.000 
ISO_3 2.52  2.43 0    0   0.000 0.000 
ISO_3 2.43  2.35 0    0   0.000 0.000 
ISO_3 2.35  2.27 0    0   0.000 0.000 
ISO_3 2.27  2.21 0    0   0.000 0.000 
ISO_3 2.21  2.14 0    0   0.000 0.000 
ISO_3 2.14  2.09 0    0   0.000 0.000 
ISO_3 2.09  2.03 0    0   0.000 0.000 
ANO_3 38.31 8.86 119  0   1.125 0.000 
ANO_3 8.86  6.35 250  0   0.444 0.000 
ANO_3 6.35  5.21 342  0   0.607 0.000 
ANO_3 5.21  4.52 402  0   0.504 0.000 
ANO_3 4.52  4.05 474  0   0.349 0.000 
ANO_3 4.05  3.70 525  0   0.244 0.000 
ANO_3 3.70  3.43 580  0   0.189 0.000 
ANO_3 3.43  3.21 624  0   0.151 0.000 
ANO_3 3.21  3.03 667  0   0.139 0.000 
ANO_3 3.03  2.87 606  0   0.114 0.000 
ANO_3 2.87  2.74 0    0   0.000 0.000 
ANO_3 2.74  2.62 0    0   0.000 0.000 
ANO_3 2.62  2.52 0    0   0.000 0.000 
ANO_3 2.52  2.43 0    0   0.000 0.000 
ANO_3 2.43  2.35 0    0   0.000 0.000 
ANO_3 2.35  2.27 0    0   0.000 0.000 
ANO_3 2.27  2.21 0    0   0.000 0.000 
ANO_3 2.21  2.14 0    0   0.000 0.000 
ANO_3 2.14  2.09 0    0   0.000 0.000 
ANO_3 2.09  2.03 0    0   0.000 0.000 
ISO_4 38.31 8.86 90   87  0.486 0.473 
ISO_4 8.86  6.35 249  113 0.518 0.382 
ISO_4 6.35  5.21 342  117 0.510 0.313 
ISO_4 5.21  4.52 402  116 0.418 0.295 
ISO_4 4.52  4.05 474  132 0.326 0.190 
ISO_4 4.05  3.70 525  128 0.277 0.231 
ISO_4 3.70  3.43 580  125 0.267 0.209 
ISO_4 3.43  3.21 625  125 0.240 0.185 
ISO_4 3.21  3.03 666  133 0.226 0.164 
ISO_4 3.03  2.87 712  127 0.211 0.147 
ISO_4 2.87  2.74 745  119 0.197 0.150 
ISO_4 2.74  2.62 795  136 0.171 0.153 
ISO_4 2.62  2.52 170  24  0.209 0.116 
ISO_4 2.52  2.43 0    0   0.000 0.000 
ISO_4 2.43  2.35 0    0   0.000 0.000 
ISO_4 2.35  2.27 0    0   0.000 0.000 
ISO_4 2.27  2.21 0    0   0.000 0.000 
ISO_4 2.21  2.14 0    0   0.000 0.000 
ISO_4 2.14  2.09 0    0   0.000 0.000 
ISO_4 2.09  2.03 0    0   0.000 0.000 
ANO_4 38.31 8.86 82   0   0.479 0.000 
ANO_4 8.86  6.35 245  0   0.415 0.000 
ANO_4 6.35  5.21 342  0   0.441 0.000 
ANO_4 5.21  4.52 402  0   0.320 0.000 
ANO_4 4.52  4.05 474  0   0.212 0.000 
ANO_4 4.05  3.70 525  0   0.168 0.000 
ANO_4 3.70  3.43 580  0   0.142 0.000 
ANO_4 3.43  3.21 625  0   0.132 0.000 
ANO_4 3.21  3.03 667  0   0.108 0.000 
ANO_4 3.03  2.87 715  0   0.094 0.000 
ANO_4 2.87  2.74 746  0   0.069 0.000 
ANO_4 2.74  2.62 795  0   0.056 0.000 
ANO_4 2.62  2.52 812  0   0.041 0.000 
ANO_4 2.52  2.43 868  0   0.032 0.000 
ANO_4 2.43  2.35 881  0   0.028 0.000 
ANO_4 2.35  2.27 938  0   0.021 0.000 
ANO_4 2.27  2.21 943  0   0.016 0.000 
ANO_4 2.21  2.14 1000 0   0.014 0.000 
ANO_4 2.14  2.09 1003 0   0.011 0.000 
ANO_4 2.09  2.03 764  0   0.008 0.000 
# 
_pdbx_phasing_dm.entry_id   3EVS 
_pdbx_phasing_dm.method     'Solvent flattening  and Histogram matching' 
_pdbx_phasing_dm.reflns     15945 
# 
loop_
_pdbx_phasing_dm_shell.d_res_high 
_pdbx_phasing_dm_shell.d_res_low 
_pdbx_phasing_dm_shell.delta_phi_final 
_pdbx_phasing_dm_shell.delta_phi_initial 
_pdbx_phasing_dm_shell.fom_acentric 
_pdbx_phasing_dm_shell.fom_centric 
_pdbx_phasing_dm_shell.fom 
_pdbx_phasing_dm_shell.reflns_acentric 
_pdbx_phasing_dm_shell.reflns_centric 
_pdbx_phasing_dm_shell.reflns 
6.810 100.000 58.800 ? ? ? 0.803 ? ? 502 
5.340 6.810   62.900 ? ? ? 0.877 ? ? 506 
4.630 5.340   63.000 ? ? ? 0.897 ? ? 503 
4.180 4.630   63.900 ? ? ? 0.918 ? ? 502 
3.870 4.180   65.600 ? ? ? 0.908 ? ? 501 
3.630 3.870   68.100 ? ? ? 0.897 ? ? 518 
3.440 3.630   72.400 ? ? ? 0.881 ? ? 509 
3.280 3.440   78.400 ? ? ? 0.879 ? ? 511 
3.140 3.280   75.100 ? ? ? 0.864 ? ? 543 
3.020 3.140   81.700 ? ? ? 0.826 ? ? 541 
2.920 3.020   81.000 ? ? ? 0.850 ? ? 570 
2.820 2.920   81.400 ? ? ? 0.841 ? ? 582 
2.730 2.820   84.000 ? ? ? 0.835 ? ? 605 
2.650 2.730   85.400 ? ? ? 0.823 ? ? 627 
2.580 2.650   86.500 ? ? ? 0.831 ? ? 635 
2.510 2.580   89.300 ? ? ? 0.823 ? ? 658 
2.450 2.510   90.800 ? ? ? 0.834 ? ? 671 
2.390 2.450   88.200 ? ? ? 0.837 ? ? 687 
2.340 2.390   92.000 ? ? ? 0.824 ? ? 717 
2.280 2.340   89.100 ? ? ? 0.800 ? ? 706 
2.240 2.280   88.900 ? ? ? 0.815 ? ? 734 
2.190 2.240   92.400 ? ? ? 0.815 ? ? 739 
2.150 2.190   92.400 ? ? ? 0.731 ? ? 767 
2.110 2.150   93.900 ? ? ? 0.693 ? ? 769 
2.070 2.110   88.800 ? ? ? 0.721 ? ? 781 
2.030 2.070   88.000 ? ? ? 0.695 ? ? 561 
# 
_phasing.method   MAD 
# 
loop_
_pdbx_unobs_or_zero_occ_residues.id 
_pdbx_unobs_or_zero_occ_residues.PDB_model_num 
_pdbx_unobs_or_zero_occ_residues.polymer_flag 
_pdbx_unobs_or_zero_occ_residues.occupancy_flag 
_pdbx_unobs_or_zero_occ_residues.auth_asym_id 
_pdbx_unobs_or_zero_occ_residues.auth_comp_id 
_pdbx_unobs_or_zero_occ_residues.auth_seq_id 
_pdbx_unobs_or_zero_occ_residues.PDB_ins_code 
_pdbx_unobs_or_zero_occ_residues.label_asym_id 
_pdbx_unobs_or_zero_occ_residues.label_comp_id 
_pdbx_unobs_or_zero_occ_residues.label_seq_id 
1  1 Y 1 B MET 4   ? A MET 1   
2  1 Y 1 B LYS 5   ? A LYS 2   
3  1 Y 1 B ARG 6   ? A ARG 3   
4  1 Y 1 B GLN 7   ? A GLN 4   
5  1 Y 1 B GLY 8   ? A GLY 5   
6  1 Y 1 B LYS 9   ? A LYS 6   
7  1 Y 1 B ARG 10  ? A ARG 7   
8  1 Y 1 B PRO 11  ? A PRO 8   
9  1 Y 1 B SER 12  ? A SER 9   
10 1 Y 1 B LYS 13  ? A LYS 10  
11 1 Y 1 B ASN 14  ? A ASN 11  
12 1 Y 1 B LEU 15  ? A LEU 12  
13 1 Y 1 B LYS 16  ? A LYS 13  
14 1 Y 1 C GLY -5  ? B GLY 1   
15 1 Y 1 C SER -4  ? B SER 2   
16 1 Y 1 C GLY -3  ? B GLY 3   
17 1 Y 1 C ALA -2  ? B ALA 4   
18 1 Y 1 C MET -1  ? B MET 5   
19 1 Y 1 C ALA 0   ? B ALA 6   
20 1 Y 1 C LYS 1   ? B LYS 7   
21 1 Y 1 C LYS 2   ? B LYS 8   
22 1 Y 1 C GLU 3   ? B GLU 9   
23 1 Y 1 C ASP 4   ? B ASP 10  
24 1 Y 1 C GLY 5   ? B GLY 11  
25 1 Y 1 C GLU 6   ? B GLU 12  
26 1 Y 1 C SER 7   ? B SER 13  
27 1 Y 1 C THR 8   ? B THR 14  
28 1 Y 1 C ALA 9   ? B ALA 15  
29 1 Y 1 C PRO 10  ? B PRO 16  
30 1 Y 1 C THR 11  ? B THR 17  
31 1 Y 1 C PRO 12  ? B PRO 18  
32 1 Y 1 C ARG 13  ? B ARG 19  
33 1 Y 1 C PRO 14  ? B PRO 20  
34 1 Y 1 C LYS 15  ? B LYS 21  
35 1 Y 1 C LYS 101 ? B LYS 107 
36 1 Y 1 C ASP 102 ? B ASP 108 
37 1 Y 1 C ARG 103 ? B ARG 109 
38 1 Y 1 C ASP 104 ? B ASP 110 
39 1 Y 1 C PHE 105 ? B PHE 111 
40 1 Y 1 C VAL 106 ? B VAL 112 
41 1 Y 1 C ASP 107 ? B ASP 113 
42 1 Y 1 C GLY 108 ? B GLY 114 
43 1 Y 1 C PRO 109 ? B PRO 115 
44 1 Y 1 C ILE 110 ? B ILE 116 
45 1 Y 1 C HIS 111 ? B HIS 117 
46 1 Y 1 C HIS 112 ? B HIS 118 
47 1 Y 1 C LYS 113 ? B LYS 119 
# 
loop_
_chem_comp_atom.comp_id 
_chem_comp_atom.atom_id 
_chem_comp_atom.type_symbol 
_chem_comp_atom.pdbx_aromatic_flag 
_chem_comp_atom.pdbx_stereo_config 
_chem_comp_atom.pdbx_ordinal 
ALA N    N N N 1   
ALA CA   C N S 2   
ALA C    C N N 3   
ALA O    O N N 4   
ALA CB   C N N 5   
ALA OXT  O N N 6   
ALA H    H N N 7   
ALA H2   H N N 8   
ALA HA   H N N 9   
ALA HB1  H N N 10  
ALA HB2  H N N 11  
ALA HB3  H N N 12  
ALA HXT  H N N 13  
ARG N    N N N 14  
ARG CA   C N S 15  
ARG C    C N N 16  
ARG O    O N N 17  
ARG CB   C N N 18  
ARG CG   C N N 19  
ARG CD   C N N 20  
ARG NE   N N N 21  
ARG CZ   C N N 22  
ARG NH1  N N N 23  
ARG NH2  N N N 24  
ARG OXT  O N N 25  
ARG H    H N N 26  
ARG H2   H N N 27  
ARG HA   H N N 28  
ARG HB2  H N N 29  
ARG HB3  H N N 30  
ARG HG2  H N N 31  
ARG HG3  H N N 32  
ARG HD2  H N N 33  
ARG HD3  H N N 34  
ARG HE   H N N 35  
ARG HH11 H N N 36  
ARG HH12 H N N 37  
ARG HH21 H N N 38  
ARG HH22 H N N 39  
ARG HXT  H N N 40  
ASN N    N N N 41  
ASN CA   C N S 42  
ASN C    C N N 43  
ASN O    O N N 44  
ASN CB   C N N 45  
ASN CG   C N N 46  
ASN OD1  O N N 47  
ASN ND2  N N N 48  
ASN OXT  O N N 49  
ASN H    H N N 50  
ASN H2   H N N 51  
ASN HA   H N N 52  
ASN HB2  H N N 53  
ASN HB3  H N N 54  
ASN HD21 H N N 55  
ASN HD22 H N N 56  
ASN HXT  H N N 57  
ASP N    N N N 58  
ASP CA   C N S 59  
ASP C    C N N 60  
ASP O    O N N 61  
ASP CB   C N N 62  
ASP CG   C N N 63  
ASP OD1  O N N 64  
ASP OD2  O N N 65  
ASP OXT  O N N 66  
ASP H    H N N 67  
ASP H2   H N N 68  
ASP HA   H N N 69  
ASP HB2  H N N 70  
ASP HB3  H N N 71  
ASP HD2  H N N 72  
ASP HXT  H N N 73  
CYS N    N N N 74  
CYS CA   C N R 75  
CYS C    C N N 76  
CYS O    O N N 77  
CYS CB   C N N 78  
CYS SG   S N N 79  
CYS OXT  O N N 80  
CYS H    H N N 81  
CYS H2   H N N 82  
CYS HA   H N N 83  
CYS HB2  H N N 84  
CYS HB3  H N N 85  
CYS HG   H N N 86  
CYS HXT  H N N 87  
GLN N    N N N 88  
GLN CA   C N S 89  
GLN C    C N N 90  
GLN O    O N N 91  
GLN CB   C N N 92  
GLN CG   C N N 93  
GLN CD   C N N 94  
GLN OE1  O N N 95  
GLN NE2  N N N 96  
GLN OXT  O N N 97  
GLN H    H N N 98  
GLN H2   H N N 99  
GLN HA   H N N 100 
GLN HB2  H N N 101 
GLN HB3  H N N 102 
GLN HG2  H N N 103 
GLN HG3  H N N 104 
GLN HE21 H N N 105 
GLN HE22 H N N 106 
GLN HXT  H N N 107 
GLU N    N N N 108 
GLU CA   C N S 109 
GLU C    C N N 110 
GLU O    O N N 111 
GLU CB   C N N 112 
GLU CG   C N N 113 
GLU CD   C N N 114 
GLU OE1  O N N 115 
GLU OE2  O N N 116 
GLU OXT  O N N 117 
GLU H    H N N 118 
GLU H2   H N N 119 
GLU HA   H N N 120 
GLU HB2  H N N 121 
GLU HB3  H N N 122 
GLU HG2  H N N 123 
GLU HG3  H N N 124 
GLU HE2  H N N 125 
GLU HXT  H N N 126 
GLY N    N N N 127 
GLY CA   C N N 128 
GLY C    C N N 129 
GLY O    O N N 130 
GLY OXT  O N N 131 
GLY H    H N N 132 
GLY H2   H N N 133 
GLY HA2  H N N 134 
GLY HA3  H N N 135 
GLY HXT  H N N 136 
HIS N    N N N 137 
HIS CA   C N S 138 
HIS C    C N N 139 
HIS O    O N N 140 
HIS CB   C N N 141 
HIS CG   C Y N 142 
HIS ND1  N Y N 143 
HIS CD2  C Y N 144 
HIS CE1  C Y N 145 
HIS NE2  N Y N 146 
HIS OXT  O N N 147 
HIS H    H N N 148 
HIS H2   H N N 149 
HIS HA   H N N 150 
HIS HB2  H N N 151 
HIS HB3  H N N 152 
HIS HD1  H N N 153 
HIS HD2  H N N 154 
HIS HE1  H N N 155 
HIS HE2  H N N 156 
HIS HXT  H N N 157 
HOH O    O N N 158 
HOH H1   H N N 159 
HOH H2   H N N 160 
ILE N    N N N 161 
ILE CA   C N S 162 
ILE C    C N N 163 
ILE O    O N N 164 
ILE CB   C N S 165 
ILE CG1  C N N 166 
ILE CG2  C N N 167 
ILE CD1  C N N 168 
ILE OXT  O N N 169 
ILE H    H N N 170 
ILE H2   H N N 171 
ILE HA   H N N 172 
ILE HB   H N N 173 
ILE HG12 H N N 174 
ILE HG13 H N N 175 
ILE HG21 H N N 176 
ILE HG22 H N N 177 
ILE HG23 H N N 178 
ILE HD11 H N N 179 
ILE HD12 H N N 180 
ILE HD13 H N N 181 
ILE HXT  H N N 182 
LEU N    N N N 183 
LEU CA   C N S 184 
LEU C    C N N 185 
LEU O    O N N 186 
LEU CB   C N N 187 
LEU CG   C N N 188 
LEU CD1  C N N 189 
LEU CD2  C N N 190 
LEU OXT  O N N 191 
LEU H    H N N 192 
LEU H2   H N N 193 
LEU HA   H N N 194 
LEU HB2  H N N 195 
LEU HB3  H N N 196 
LEU HG   H N N 197 
LEU HD11 H N N 198 
LEU HD12 H N N 199 
LEU HD13 H N N 200 
LEU HD21 H N N 201 
LEU HD22 H N N 202 
LEU HD23 H N N 203 
LEU HXT  H N N 204 
LYS N    N N N 205 
LYS CA   C N S 206 
LYS C    C N N 207 
LYS O    O N N 208 
LYS CB   C N N 209 
LYS CG   C N N 210 
LYS CD   C N N 211 
LYS CE   C N N 212 
LYS NZ   N N N 213 
LYS OXT  O N N 214 
LYS H    H N N 215 
LYS H2   H N N 216 
LYS HA   H N N 217 
LYS HB2  H N N 218 
LYS HB3  H N N 219 
LYS HG2  H N N 220 
LYS HG3  H N N 221 
LYS HD2  H N N 222 
LYS HD3  H N N 223 
LYS HE2  H N N 224 
LYS HE3  H N N 225 
LYS HZ1  H N N 226 
LYS HZ2  H N N 227 
LYS HZ3  H N N 228 
LYS HXT  H N N 229 
MET N    N N N 230 
MET CA   C N S 231 
MET C    C N N 232 
MET O    O N N 233 
MET CB   C N N 234 
MET CG   C N N 235 
MET SD   S N N 236 
MET CE   C N N 237 
MET OXT  O N N 238 
MET H    H N N 239 
MET H2   H N N 240 
MET HA   H N N 241 
MET HB2  H N N 242 
MET HB3  H N N 243 
MET HG2  H N N 244 
MET HG3  H N N 245 
MET HE1  H N N 246 
MET HE2  H N N 247 
MET HE3  H N N 248 
MET HXT  H N N 249 
PHE N    N N N 250 
PHE CA   C N S 251 
PHE C    C N N 252 
PHE O    O N N 253 
PHE CB   C N N 254 
PHE CG   C Y N 255 
PHE CD1  C Y N 256 
PHE CD2  C Y N 257 
PHE CE1  C Y N 258 
PHE CE2  C Y N 259 
PHE CZ   C Y N 260 
PHE OXT  O N N 261 
PHE H    H N N 262 
PHE H2   H N N 263 
PHE HA   H N N 264 
PHE HB2  H N N 265 
PHE HB3  H N N 266 
PHE HD1  H N N 267 
PHE HD2  H N N 268 
PHE HE1  H N N 269 
PHE HE2  H N N 270 
PHE HZ   H N N 271 
PHE HXT  H N N 272 
PRO N    N N N 273 
PRO CA   C N S 274 
PRO C    C N N 275 
PRO O    O N N 276 
PRO CB   C N N 277 
PRO CG   C N N 278 
PRO CD   C N N 279 
PRO OXT  O N N 280 
PRO H    H N N 281 
PRO HA   H N N 282 
PRO HB2  H N N 283 
PRO HB3  H N N 284 
PRO HG2  H N N 285 
PRO HG3  H N N 286 
PRO HD2  H N N 287 
PRO HD3  H N N 288 
PRO HXT  H N N 289 
SER N    N N N 290 
SER CA   C N S 291 
SER C    C N N 292 
SER O    O N N 293 
SER CB   C N N 294 
SER OG   O N N 295 
SER OXT  O N N 296 
SER H    H N N 297 
SER H2   H N N 298 
SER HA   H N N 299 
SER HB2  H N N 300 
SER HB3  H N N 301 
SER HG   H N N 302 
SER HXT  H N N 303 
THR N    N N N 304 
THR CA   C N S 305 
THR C    C N N 306 
THR O    O N N 307 
THR CB   C N R 308 
THR OG1  O N N 309 
THR CG2  C N N 310 
THR OXT  O N N 311 
THR H    H N N 312 
THR H2   H N N 313 
THR HA   H N N 314 
THR HB   H N N 315 
THR HG1  H N N 316 
THR HG21 H N N 317 
THR HG22 H N N 318 
THR HG23 H N N 319 
THR HXT  H N N 320 
TRP N    N N N 321 
TRP CA   C N S 322 
TRP C    C N N 323 
TRP O    O N N 324 
TRP CB   C N N 325 
TRP CG   C Y N 326 
TRP CD1  C Y N 327 
TRP CD2  C Y N 328 
TRP NE1  N Y N 329 
TRP CE2  C Y N 330 
TRP CE3  C Y N 331 
TRP CZ2  C Y N 332 
TRP CZ3  C Y N 333 
TRP CH2  C Y N 334 
TRP OXT  O N N 335 
TRP H    H N N 336 
TRP H2   H N N 337 
TRP HA   H N N 338 
TRP HB2  H N N 339 
TRP HB3  H N N 340 
TRP HD1  H N N 341 
TRP HE1  H N N 342 
TRP HE3  H N N 343 
TRP HZ2  H N N 344 
TRP HZ3  H N N 345 
TRP HH2  H N N 346 
TRP HXT  H N N 347 
TYR N    N N N 348 
TYR CA   C N S 349 
TYR C    C N N 350 
TYR O    O N N 351 
TYR CB   C N N 352 
TYR CG   C Y N 353 
TYR CD1  C Y N 354 
TYR CD2  C Y N 355 
TYR CE1  C Y N 356 
TYR CE2  C Y N 357 
TYR CZ   C Y N 358 
TYR OH   O N N 359 
TYR OXT  O N N 360 
TYR H    H N N 361 
TYR H2   H N N 362 
TYR HA   H N N 363 
TYR HB2  H N N 364 
TYR HB3  H N N 365 
TYR HD1  H N N 366 
TYR HD2  H N N 367 
TYR HE1  H N N 368 
TYR HE2  H N N 369 
TYR HH   H N N 370 
TYR HXT  H N N 371 
VAL N    N N N 372 
VAL CA   C N S 373 
VAL C    C N N 374 
VAL O    O N N 375 
VAL CB   C N N 376 
VAL CG1  C N N 377 
VAL CG2  C N N 378 
VAL OXT  O N N 379 
VAL H    H N N 380 
VAL H2   H N N 381 
VAL HA   H N N 382 
VAL HB   H N N 383 
VAL HG11 H N N 384 
VAL HG12 H N N 385 
VAL HG13 H N N 386 
VAL HG21 H N N 387 
VAL HG22 H N N 388 
VAL HG23 H N N 389 
VAL HXT  H N N 390 
# 
loop_
_chem_comp_bond.comp_id 
_chem_comp_bond.atom_id_1 
_chem_comp_bond.atom_id_2 
_chem_comp_bond.value_order 
_chem_comp_bond.pdbx_aromatic_flag 
_chem_comp_bond.pdbx_stereo_config 
_chem_comp_bond.pdbx_ordinal 
ALA N   CA   sing N N 1   
ALA N   H    sing N N 2   
ALA N   H2   sing N N 3   
ALA CA  C    sing N N 4   
ALA CA  CB   sing N N 5   
ALA CA  HA   sing N N 6   
ALA C   O    doub N N 7   
ALA C   OXT  sing N N 8   
ALA CB  HB1  sing N N 9   
ALA CB  HB2  sing N N 10  
ALA CB  HB3  sing N N 11  
ALA OXT HXT  sing N N 12  
ARG N   CA   sing N N 13  
ARG N   H    sing N N 14  
ARG N   H2   sing N N 15  
ARG CA  C    sing N N 16  
ARG CA  CB   sing N N 17  
ARG CA  HA   sing N N 18  
ARG C   O    doub N N 19  
ARG C   OXT  sing N N 20  
ARG CB  CG   sing N N 21  
ARG CB  HB2  sing N N 22  
ARG CB  HB3  sing N N 23  
ARG CG  CD   sing N N 24  
ARG CG  HG2  sing N N 25  
ARG CG  HG3  sing N N 26  
ARG CD  NE   sing N N 27  
ARG CD  HD2  sing N N 28  
ARG CD  HD3  sing N N 29  
ARG NE  CZ   sing N N 30  
ARG NE  HE   sing N N 31  
ARG CZ  NH1  sing N N 32  
ARG CZ  NH2  doub N N 33  
ARG NH1 HH11 sing N N 34  
ARG NH1 HH12 sing N N 35  
ARG NH2 HH21 sing N N 36  
ARG NH2 HH22 sing N N 37  
ARG OXT HXT  sing N N 38  
ASN N   CA   sing N N 39  
ASN N   H    sing N N 40  
ASN N   H2   sing N N 41  
ASN CA  C    sing N N 42  
ASN CA  CB   sing N N 43  
ASN CA  HA   sing N N 44  
ASN C   O    doub N N 45  
ASN C   OXT  sing N N 46  
ASN CB  CG   sing N N 47  
ASN CB  HB2  sing N N 48  
ASN CB  HB3  sing N N 49  
ASN CG  OD1  doub N N 50  
ASN CG  ND2  sing N N 51  
ASN ND2 HD21 sing N N 52  
ASN ND2 HD22 sing N N 53  
ASN OXT HXT  sing N N 54  
ASP N   CA   sing N N 55  
ASP N   H    sing N N 56  
ASP N   H2   sing N N 57  
ASP CA  C    sing N N 58  
ASP CA  CB   sing N N 59  
ASP CA  HA   sing N N 60  
ASP C   O    doub N N 61  
ASP C   OXT  sing N N 62  
ASP CB  CG   sing N N 63  
ASP CB  HB2  sing N N 64  
ASP CB  HB3  sing N N 65  
ASP CG  OD1  doub N N 66  
ASP CG  OD2  sing N N 67  
ASP OD2 HD2  sing N N 68  
ASP OXT HXT  sing N N 69  
CYS N   CA   sing N N 70  
CYS N   H    sing N N 71  
CYS N   H2   sing N N 72  
CYS CA  C    sing N N 73  
CYS CA  CB   sing N N 74  
CYS CA  HA   sing N N 75  
CYS C   O    doub N N 76  
CYS C   OXT  sing N N 77  
CYS CB  SG   sing N N 78  
CYS CB  HB2  sing N N 79  
CYS CB  HB3  sing N N 80  
CYS SG  HG   sing N N 81  
CYS OXT HXT  sing N N 82  
GLN N   CA   sing N N 83  
GLN N   H    sing N N 84  
GLN N   H2   sing N N 85  
GLN CA  C    sing N N 86  
GLN CA  CB   sing N N 87  
GLN CA  HA   sing N N 88  
GLN C   O    doub N N 89  
GLN C   OXT  sing N N 90  
GLN CB  CG   sing N N 91  
GLN CB  HB2  sing N N 92  
GLN CB  HB3  sing N N 93  
GLN CG  CD   sing N N 94  
GLN CG  HG2  sing N N 95  
GLN CG  HG3  sing N N 96  
GLN CD  OE1  doub N N 97  
GLN CD  NE2  sing N N 98  
GLN NE2 HE21 sing N N 99  
GLN NE2 HE22 sing N N 100 
GLN OXT HXT  sing N N 101 
GLU N   CA   sing N N 102 
GLU N   H    sing N N 103 
GLU N   H2   sing N N 104 
GLU CA  C    sing N N 105 
GLU CA  CB   sing N N 106 
GLU CA  HA   sing N N 107 
GLU C   O    doub N N 108 
GLU C   OXT  sing N N 109 
GLU CB  CG   sing N N 110 
GLU CB  HB2  sing N N 111 
GLU CB  HB3  sing N N 112 
GLU CG  CD   sing N N 113 
GLU CG  HG2  sing N N 114 
GLU CG  HG3  sing N N 115 
GLU CD  OE1  doub N N 116 
GLU CD  OE2  sing N N 117 
GLU OE2 HE2  sing N N 118 
GLU OXT HXT  sing N N 119 
GLY N   CA   sing N N 120 
GLY N   H    sing N N 121 
GLY N   H2   sing N N 122 
GLY CA  C    sing N N 123 
GLY CA  HA2  sing N N 124 
GLY CA  HA3  sing N N 125 
GLY C   O    doub N N 126 
GLY C   OXT  sing N N 127 
GLY OXT HXT  sing N N 128 
HIS N   CA   sing N N 129 
HIS N   H    sing N N 130 
HIS N   H2   sing N N 131 
HIS CA  C    sing N N 132 
HIS CA  CB   sing N N 133 
HIS CA  HA   sing N N 134 
HIS C   O    doub N N 135 
HIS C   OXT  sing N N 136 
HIS CB  CG   sing N N 137 
HIS CB  HB2  sing N N 138 
HIS CB  HB3  sing N N 139 
HIS CG  ND1  sing Y N 140 
HIS CG  CD2  doub Y N 141 
HIS ND1 CE1  doub Y N 142 
HIS ND1 HD1  sing N N 143 
HIS CD2 NE2  sing Y N 144 
HIS CD2 HD2  sing N N 145 
HIS CE1 NE2  sing Y N 146 
HIS CE1 HE1  sing N N 147 
HIS NE2 HE2  sing N N 148 
HIS OXT HXT  sing N N 149 
HOH O   H1   sing N N 150 
HOH O   H2   sing N N 151 
ILE N   CA   sing N N 152 
ILE N   H    sing N N 153 
ILE N   H2   sing N N 154 
ILE CA  C    sing N N 155 
ILE CA  CB   sing N N 156 
ILE CA  HA   sing N N 157 
ILE C   O    doub N N 158 
ILE C   OXT  sing N N 159 
ILE CB  CG1  sing N N 160 
ILE CB  CG2  sing N N 161 
ILE CB  HB   sing N N 162 
ILE CG1 CD1  sing N N 163 
ILE CG1 HG12 sing N N 164 
ILE CG1 HG13 sing N N 165 
ILE CG2 HG21 sing N N 166 
ILE CG2 HG22 sing N N 167 
ILE CG2 HG23 sing N N 168 
ILE CD1 HD11 sing N N 169 
ILE CD1 HD12 sing N N 170 
ILE CD1 HD13 sing N N 171 
ILE OXT HXT  sing N N 172 
LEU N   CA   sing N N 173 
LEU N   H    sing N N 174 
LEU N   H2   sing N N 175 
LEU CA  C    sing N N 176 
LEU CA  CB   sing N N 177 
LEU CA  HA   sing N N 178 
LEU C   O    doub N N 179 
LEU C   OXT  sing N N 180 
LEU CB  CG   sing N N 181 
LEU CB  HB2  sing N N 182 
LEU CB  HB3  sing N N 183 
LEU CG  CD1  sing N N 184 
LEU CG  CD2  sing N N 185 
LEU CG  HG   sing N N 186 
LEU CD1 HD11 sing N N 187 
LEU CD1 HD12 sing N N 188 
LEU CD1 HD13 sing N N 189 
LEU CD2 HD21 sing N N 190 
LEU CD2 HD22 sing N N 191 
LEU CD2 HD23 sing N N 192 
LEU OXT HXT  sing N N 193 
LYS N   CA   sing N N 194 
LYS N   H    sing N N 195 
LYS N   H2   sing N N 196 
LYS CA  C    sing N N 197 
LYS CA  CB   sing N N 198 
LYS CA  HA   sing N N 199 
LYS C   O    doub N N 200 
LYS C   OXT  sing N N 201 
LYS CB  CG   sing N N 202 
LYS CB  HB2  sing N N 203 
LYS CB  HB3  sing N N 204 
LYS CG  CD   sing N N 205 
LYS CG  HG2  sing N N 206 
LYS CG  HG3  sing N N 207 
LYS CD  CE   sing N N 208 
LYS CD  HD2  sing N N 209 
LYS CD  HD3  sing N N 210 
LYS CE  NZ   sing N N 211 
LYS CE  HE2  sing N N 212 
LYS CE  HE3  sing N N 213 
LYS NZ  HZ1  sing N N 214 
LYS NZ  HZ2  sing N N 215 
LYS NZ  HZ3  sing N N 216 
LYS OXT HXT  sing N N 217 
MET N   CA   sing N N 218 
MET N   H    sing N N 219 
MET N   H2   sing N N 220 
MET CA  C    sing N N 221 
MET CA  CB   sing N N 222 
MET CA  HA   sing N N 223 
MET C   O    doub N N 224 
MET C   OXT  sing N N 225 
MET CB  CG   sing N N 226 
MET CB  HB2  sing N N 227 
MET CB  HB3  sing N N 228 
MET CG  SD   sing N N 229 
MET CG  HG2  sing N N 230 
MET CG  HG3  sing N N 231 
MET SD  CE   sing N N 232 
MET CE  HE1  sing N N 233 
MET CE  HE2  sing N N 234 
MET CE  HE3  sing N N 235 
MET OXT HXT  sing N N 236 
PHE N   CA   sing N N 237 
PHE N   H    sing N N 238 
PHE N   H2   sing N N 239 
PHE CA  C    sing N N 240 
PHE CA  CB   sing N N 241 
PHE CA  HA   sing N N 242 
PHE C   O    doub N N 243 
PHE C   OXT  sing N N 244 
PHE CB  CG   sing N N 245 
PHE CB  HB2  sing N N 246 
PHE CB  HB3  sing N N 247 
PHE CG  CD1  doub Y N 248 
PHE CG  CD2  sing Y N 249 
PHE CD1 CE1  sing Y N 250 
PHE CD1 HD1  sing N N 251 
PHE CD2 CE2  doub Y N 252 
PHE CD2 HD2  sing N N 253 
PHE CE1 CZ   doub Y N 254 
PHE CE1 HE1  sing N N 255 
PHE CE2 CZ   sing Y N 256 
PHE CE2 HE2  sing N N 257 
PHE CZ  HZ   sing N N 258 
PHE OXT HXT  sing N N 259 
PRO N   CA   sing N N 260 
PRO N   CD   sing N N 261 
PRO N   H    sing N N 262 
PRO CA  C    sing N N 263 
PRO CA  CB   sing N N 264 
PRO CA  HA   sing N N 265 
PRO C   O    doub N N 266 
PRO C   OXT  sing N N 267 
PRO CB  CG   sing N N 268 
PRO CB  HB2  sing N N 269 
PRO CB  HB3  sing N N 270 
PRO CG  CD   sing N N 271 
PRO CG  HG2  sing N N 272 
PRO CG  HG3  sing N N 273 
PRO CD  HD2  sing N N 274 
PRO CD  HD3  sing N N 275 
PRO OXT HXT  sing N N 276 
SER N   CA   sing N N 277 
SER N   H    sing N N 278 
SER N   H2   sing N N 279 
SER CA  C    sing N N 280 
SER CA  CB   sing N N 281 
SER CA  HA   sing N N 282 
SER C   O    doub N N 283 
SER C   OXT  sing N N 284 
SER CB  OG   sing N N 285 
SER CB  HB2  sing N N 286 
SER CB  HB3  sing N N 287 
SER OG  HG   sing N N 288 
SER OXT HXT  sing N N 289 
THR N   CA   sing N N 290 
THR N   H    sing N N 291 
THR N   H2   sing N N 292 
THR CA  C    sing N N 293 
THR CA  CB   sing N N 294 
THR CA  HA   sing N N 295 
THR C   O    doub N N 296 
THR C   OXT  sing N N 297 
THR CB  OG1  sing N N 298 
THR CB  CG2  sing N N 299 
THR CB  HB   sing N N 300 
THR OG1 HG1  sing N N 301 
THR CG2 HG21 sing N N 302 
THR CG2 HG22 sing N N 303 
THR CG2 HG23 sing N N 304 
THR OXT HXT  sing N N 305 
TRP N   CA   sing N N 306 
TRP N   H    sing N N 307 
TRP N   H2   sing N N 308 
TRP CA  C    sing N N 309 
TRP CA  CB   sing N N 310 
TRP CA  HA   sing N N 311 
TRP C   O    doub N N 312 
TRP C   OXT  sing N N 313 
TRP CB  CG   sing N N 314 
TRP CB  HB2  sing N N 315 
TRP CB  HB3  sing N N 316 
TRP CG  CD1  doub Y N 317 
TRP CG  CD2  sing Y N 318 
TRP CD1 NE1  sing Y N 319 
TRP CD1 HD1  sing N N 320 
TRP CD2 CE2  doub Y N 321 
TRP CD2 CE3  sing Y N 322 
TRP NE1 CE2  sing Y N 323 
TRP NE1 HE1  sing N N 324 
TRP CE2 CZ2  sing Y N 325 
TRP CE3 CZ3  doub Y N 326 
TRP CE3 HE3  sing N N 327 
TRP CZ2 CH2  doub Y N 328 
TRP CZ2 HZ2  sing N N 329 
TRP CZ3 CH2  sing Y N 330 
TRP CZ3 HZ3  sing N N 331 
TRP CH2 HH2  sing N N 332 
TRP OXT HXT  sing N N 333 
TYR N   CA   sing N N 334 
TYR N   H    sing N N 335 
TYR N   H2   sing N N 336 
TYR CA  C    sing N N 337 
TYR CA  CB   sing N N 338 
TYR CA  HA   sing N N 339 
TYR C   O    doub N N 340 
TYR C   OXT  sing N N 341 
TYR CB  CG   sing N N 342 
TYR CB  HB2  sing N N 343 
TYR CB  HB3  sing N N 344 
TYR CG  CD1  doub Y N 345 
TYR CG  CD2  sing Y N 346 
TYR CD1 CE1  sing Y N 347 
TYR CD1 HD1  sing N N 348 
TYR CD2 CE2  doub Y N 349 
TYR CD2 HD2  sing N N 350 
TYR CE1 CZ   doub Y N 351 
TYR CE1 HE1  sing N N 352 
TYR CE2 CZ   sing Y N 353 
TYR CE2 HE2  sing N N 354 
TYR CZ  OH   sing N N 355 
TYR OH  HH   sing N N 356 
TYR OXT HXT  sing N N 357 
VAL N   CA   sing N N 358 
VAL N   H    sing N N 359 
VAL N   H2   sing N N 360 
VAL CA  C    sing N N 361 
VAL CA  CB   sing N N 362 
VAL CA  HA   sing N N 363 
VAL C   O    doub N N 364 
VAL C   OXT  sing N N 365 
VAL CB  CG1  sing N N 366 
VAL CB  CG2  sing N N 367 
VAL CB  HB   sing N N 368 
VAL CG1 HG11 sing N N 369 
VAL CG1 HG12 sing N N 370 
VAL CG1 HG13 sing N N 371 
VAL CG2 HG21 sing N N 372 
VAL CG2 HG22 sing N N 373 
VAL CG2 HG23 sing N N 374 
VAL OXT HXT  sing N N 375 
# 
_atom_sites.entry_id                    3EVS 
_atom_sites.fract_transf_matrix[1][1]   -0.00506425 
_atom_sites.fract_transf_matrix[1][2]   -0.00992390 
_atom_sites.fract_transf_matrix[1][3]   0.00685243 
_atom_sites.fract_transf_matrix[2][1]   0.01157532 
_atom_sites.fract_transf_matrix[2][2]   -0.00608536 
_atom_sites.fract_transf_matrix[2][3]   -0.00025833 
_atom_sites.fract_transf_matrix[3][1]   0.00312532 
_atom_sites.fract_transf_matrix[3][2]   0.00550816 
_atom_sites.fract_transf_matrix[3][3]   0.01028683 
_atom_sites.fract_transf_vector[1]      0.109837 
_atom_sites.fract_transf_vector[2]      0.626522 
_atom_sites.fract_transf_vector[3]      0.298112 
# 
loop_
_atom_type.symbol 
C 
N 
O 
S 
# 
loop_
_atom_site.group_PDB 
_atom_site.id 
_atom_site.type_symbol 
_atom_site.label_atom_id 
_atom_site.label_alt_id 
_atom_site.label_comp_id 
_atom_site.label_asym_id 
_atom_site.label_entity_id 
_atom_site.label_seq_id 
_atom_site.pdbx_PDB_ins_code 
_atom_site.Cartn_x 
_atom_site.Cartn_y 
_atom_site.Cartn_z 
_atom_site.occupancy 
_atom_site.B_iso_or_equiv 
_atom_site.pdbx_formal_charge 
_atom_site.auth_seq_id 
_atom_site.auth_comp_id 
_atom_site.auth_asym_id 
_atom_site.auth_atom_id 
_atom_site.pdbx_PDB_model_num 
ATOM   1    N N   . ALA A 1 14  ? -21.099 9.502   -11.695 1.00 74.99  ? 17  ALA B N   1 
ATOM   2    C CA  . ALA A 1 14  ? -21.059 9.650   -10.211 1.00 75.59  ? 17  ALA B CA  1 
ATOM   3    C C   . ALA A 1 14  ? -19.835 10.438  -9.729  1.00 76.05  ? 17  ALA B C   1 
ATOM   4    O O   . ALA A 1 14  ? -18.684 10.099  -10.024 1.00 76.09  ? 17  ALA B O   1 
ATOM   5    C CB  . ALA A 1 14  ? -21.132 8.300   -9.528  1.00 75.40  ? 17  ALA B CB  1 
ATOM   6    N N   A ARG A 1 15  ? -20.110 11.493  -8.973  0.50 76.19  ? 18  ARG B N   1 
ATOM   7    N N   B ARG A 1 15  ? -20.085 11.468  -9.009  0.50 76.55  ? 18  ARG B N   1 
ATOM   8    C CA  A ARG A 1 15  ? -19.087 12.376  -8.486  0.50 75.93  ? 18  ARG B CA  1 
ATOM   9    C CA  B ARG A 1 15  ? -19.079 12.349  -8.479  0.50 76.24  ? 18  ARG B CA  1 
ATOM   10   C C   A ARG A 1 15  ? -18.299 11.708  -7.381  0.50 74.55  ? 18  ARG B C   1 
ATOM   11   C C   B ARG A 1 15  ? -18.283 11.678  -7.384  0.50 74.47  ? 18  ARG B C   1 
ATOM   12   O O   A ARG A 1 15  ? -18.800 10.816  -6.693  0.50 75.53  ? 18  ARG B O   1 
ATOM   13   O O   B ARG A 1 15  ? -18.768 10.769  -6.703  0.50 75.21  ? 18  ARG B O   1 
ATOM   14   C CB  A ARG A 1 15  ? -19.706 13.685  -7.981  0.50 76.86  ? 18  ARG B CB  1 
ATOM   15   C CB  B ARG A 1 15  ? -19.723 13.638  -7.955  0.50 77.26  ? 18  ARG B CB  1 
ATOM   16   C CG  A ARG A 1 15  ? -20.182 14.644  -9.115  0.50 83.00  ? 18  ARG B CG  1 
ATOM   17   C CG  B ARG A 1 15  ? -20.159 14.622  -9.076  0.50 84.13  ? 18  ARG B CG  1 
ATOM   18   C CD  A ARG A 1 15  ? -19.861 16.139  -8.806  0.50 90.90  ? 18  ARG B CD  1 
ATOM   19   C CD  B ARG A 1 15  ? -19.770 16.091  -8.743  0.50 92.94  ? 18  ARG B CD  1 
ATOM   20   N NE  A ARG A 1 15  ? -19.702 16.386  -7.368  0.50 94.53  ? 18  ARG B NE  1 
ATOM   21   N NE  B ARG A 1 15  ? -20.417 16.580  -7.523  0.50 97.17  ? 18  ARG B NE  1 
ATOM   22   C CZ  A ARG A 1 15  ? -20.677 16.803  -6.560  0.50 98.08  ? 18  ARG B CZ  1 
ATOM   23   C CZ  B ARG A 1 15  ? -21.691 16.975  -7.464  0.50 100.03 ? 18  ARG B CZ  1 
ATOM   24   N NH1 A ARG A 1 15  ? -21.895 17.050  -7.042  0.50 97.65  ? 18  ARG B NH1 1 
ATOM   25   N NH1 B ARG A 1 15  ? -22.452 16.945  -8.561  0.50 98.27  ? 18  ARG B NH1 1 
ATOM   26   N NH2 A ARG A 1 15  ? -20.432 16.980  -5.265  0.50 99.25  ? 18  ARG B NH2 1 
ATOM   27   N NH2 B ARG A 1 15  ? -22.208 17.397  -6.311  0.50 101.17 ? 18  ARG B NH2 1 
ATOM   28   N N   . CYS A 1 16  ? -17.064 12.159  -7.205  1.00 71.72  ? 19  CYS B N   1 
ATOM   29   C CA  . CYS A 1 16  ? -16.205 11.669  -6.145  1.00 70.56  ? 19  CYS B CA  1 
ATOM   30   C C   . CYS A 1 16  ? -16.894 11.619  -4.763  1.00 70.24  ? 19  CYS B C   1 
ATOM   31   O O   . CYS A 1 16  ? -17.362 12.654  -4.260  1.00 70.06  ? 19  CYS B O   1 
ATOM   32   C CB  . CYS A 1 16  ? -14.965 12.553  -6.075  1.00 69.13  ? 19  CYS B CB  1 
ATOM   33   S SG  . CYS A 1 16  ? -13.984 12.241  -4.637  1.00 68.74  ? 19  CYS B SG  1 
ATOM   34   N N   . SER A 1 17  ? -16.938 10.431  -4.152  1.00 68.22  ? 20  SER B N   1 
ATOM   35   C CA  . SER A 1 17  ? -17.600 10.243  -2.850  1.00 67.93  ? 20  SER B CA  1 
ATOM   36   C C   . SER A 1 17  ? -17.153 8.978   -2.122  1.00 67.75  ? 20  SER B C   1 
ATOM   37   O O   . SER A 1 17  ? -16.467 8.145   -2.690  1.00 66.43  ? 20  SER B O   1 
ATOM   38   C CB  . SER A 1 17  ? -19.128 10.243  -2.989  1.00 67.88  ? 20  SER B CB  1 
ATOM   39   O OG  . SER A 1 17  ? -19.589 9.152   -3.776  1.00 68.39  ? 20  SER B OG  1 
ATOM   40   N N   . ARG A 1 18  ? -17.541 8.849   -0.858  1.00 67.98  ? 21  ARG B N   1 
ATOM   41   C CA  . ARG A 1 18  ? -17.199 7.673   -0.066  1.00 67.85  ? 21  ARG B CA  1 
ATOM   42   C C   . ARG A 1 18  ? -18.159 6.540   -0.359  1.00 68.17  ? 21  ARG B C   1 
ATOM   43   O O   . ARG A 1 18  ? -19.370 6.713   -0.286  1.00 68.69  ? 21  ARG B O   1 
ATOM   44   C CB  . ARG A 1 18  ? -17.235 7.999   1.425   1.00 68.58  ? 21  ARG B CB  1 
ATOM   45   C CG  . ARG A 1 18  ? -16.501 6.976   2.282   1.00 69.12  ? 21  ARG B CG  1 
ATOM   46   C CD  . ARG A 1 18  ? -16.507 7.349   3.748   1.00 67.11  ? 21  ARG B CD  1 
ATOM   47   N NE  . ARG A 1 18  ? -17.847 7.191   4.308   1.00 67.86  ? 21  ARG B NE  1 
ATOM   48   C CZ  . ARG A 1 18  ? -18.106 6.938   5.586   1.00 65.34  ? 21  ARG B CZ  1 
ATOM   49   N NH1 . ARG A 1 18  ? -17.123 6.795   6.474   1.00 63.78  ? 21  ARG B NH1 1 
ATOM   50   N NH2 . ARG A 1 18  ? -19.362 6.804   5.968   1.00 65.04  ? 21  ARG B NH2 1 
ATOM   51   N N   . LYS A 1 19  ? -17.614 5.383   -0.716  1.00 67.27  ? 22  LYS B N   1 
ATOM   52   C CA  . LYS A 1 19  ? -18.403 4.192   -0.937  1.00 65.70  ? 22  LYS B CA  1 
ATOM   53   C C   . LYS A 1 19  ? -17.929 3.105   0.034   1.00 64.33  ? 22  LYS B C   1 
ATOM   54   O O   . LYS A 1 19  ? -16.974 3.313   0.782   1.00 64.57  ? 22  LYS B O   1 
ATOM   55   C CB  . LYS A 1 19  ? -18.322 3.796   -2.409  1.00 66.87  ? 22  LYS B CB  1 
ATOM   56   C CG  . LYS A 1 19  ? -18.798 4.956   -3.299  1.00 69.19  ? 22  LYS B CG  1 
ATOM   57   C CD  . LYS A 1 19  ? -18.644 4.712   -4.789  1.00 76.97  ? 22  LYS B CD  1 
ATOM   58   C CE  . LYS A 1 19  ? -19.455 5.732   -5.616  1.00 76.68  ? 22  LYS B CE  1 
ATOM   59   N NZ  . LYS A 1 19  ? -18.898 7.146   -5.672  1.00 78.45  ? 22  LYS B NZ  1 
ATOM   60   N N   . ALA A 1 20  ? -18.630 1.986   0.074   1.00 62.69  ? 23  ALA B N   1 
ATOM   61   C CA  . ALA A 1 20  ? -18.385 0.942   1.065   1.00 62.78  ? 23  ALA B CA  1 
ATOM   62   C C   . ALA A 1 20  ? -17.160 0.126   0.684   1.00 61.90  ? 23  ALA B C   1 
ATOM   63   O O   . ALA A 1 20  ? -16.942 -0.132  -0.494  1.00 62.11  ? 23  ALA B O   1 
ATOM   64   C CB  . ALA A 1 20  ? -19.620 0.013   1.168   1.00 62.54  ? 23  ALA B CB  1 
ATOM   65   N N   . LEU A 1 21  ? -16.372 -0.284  1.672   1.00 61.55  ? 24  LEU B N   1 
ATOM   66   C CA  . LEU A 1 21  ? -15.342 -1.320  1.461   1.00 61.38  ? 24  LEU B CA  1 
ATOM   67   C C   . LEU A 1 21  ? -15.388 -2.205  2.665   1.00 60.84  ? 24  LEU B C   1 
ATOM   68   O O   . LEU A 1 21  ? -14.941 -1.812  3.748   1.00 61.74  ? 24  LEU B O   1 
ATOM   69   C CB  . LEU A 1 21  ? -13.939 -0.710  1.394   1.00 61.64  ? 24  LEU B CB  1 
ATOM   70   C CG  . LEU A 1 21  ? -12.869 -1.298  0.455   1.00 63.14  ? 24  LEU B CG  1 
ATOM   71   C CD1 . LEU A 1 21  ? -11.471 -1.186  1.022   1.00 59.71  ? 24  LEU B CD1 1 
ATOM   72   C CD2 . LEU A 1 21  ? -13.160 -2.692  0.084   1.00 59.05  ? 24  LEU B CD2 1 
ATOM   73   N N   . HIS A 1 22  ? -15.913 -3.401  2.494   1.00 61.39  ? 25  HIS B N   1 
ATOM   74   C CA  . HIS A 1 22  ? -16.002 -4.317  3.615   1.00 60.42  ? 25  HIS B CA  1 
ATOM   75   C C   . HIS A 1 22  ? -14.744 -5.168  3.676   1.00 60.23  ? 25  HIS B C   1 
ATOM   76   O O   . HIS A 1 22  ? -14.472 -5.924  2.745   1.00 58.97  ? 25  HIS B O   1 
ATOM   77   C CB  . HIS A 1 22  ? -17.257 -5.195  3.525   1.00 57.97  ? 25  HIS B CB  1 
ATOM   78   C CG  . HIS A 1 22  ? -17.387 -6.153  4.666   1.00 59.00  ? 25  HIS B CG  1 
ATOM   79   N ND1 . HIS A 1 22  ? -17.652 -5.741  5.955   1.00 58.44  ? 25  HIS B ND1 1 
ATOM   80   C CD2 . HIS A 1 22  ? -17.269 -7.504  4.720   1.00 58.31  ? 25  HIS B CD2 1 
ATOM   81   C CE1 . HIS A 1 22  ? -17.681 -6.794  6.758   1.00 58.48  ? 25  HIS B CE1 1 
ATOM   82   N NE2 . HIS A 1 22  ? -17.449 -7.876  6.034   1.00 57.05  ? 25  HIS B NE2 1 
ATOM   83   N N   . VAL A 1 23  ? -13.980 -5.042  4.766   1.00 60.42  ? 26  VAL B N   1 
ATOM   84   C CA  . VAL A 1 23  ? -12.763 -5.831  4.893   1.00 60.55  ? 26  VAL B CA  1 
ATOM   85   C C   . VAL A 1 23  ? -12.959 -7.081  5.753   1.00 61.46  ? 26  VAL B C   1 
ATOM   86   O O   . VAL A 1 23  ? -13.358 -6.987  6.908   1.00 61.46  ? 26  VAL B O   1 
ATOM   87   C CB  . VAL A 1 23  ? -11.594 -4.980  5.402   1.00 61.61  ? 26  VAL B CB  1 
ATOM   88   C CG1 . VAL A 1 23  ? -10.292 -5.845  5.599   1.00 61.39  ? 26  VAL B CG1 1 
ATOM   89   C CG2 . VAL A 1 23  ? -11.358 -3.791  4.484   1.00 57.10  ? 26  VAL B CG2 1 
ATOM   90   N N   . ASN A 1 24  ? -12.692 -8.244  5.163   1.00 61.35  ? 27  ASN B N   1 
ATOM   91   C CA  . ASN A 1 24  ? -12.757 -9.512  5.843   1.00 62.23  ? 27  ASN B CA  1 
ATOM   92   C C   . ASN A 1 24  ? -11.343 -10.081 5.911   1.00 63.39  ? 27  ASN B C   1 
ATOM   93   O O   . ASN A 1 24  ? -10.798 -10.531 4.894   1.00 61.13  ? 27  ASN B O   1 
ATOM   94   C CB  . ASN A 1 24  ? -13.679 -10.486 5.081   1.00 63.52  ? 27  ASN B CB  1 
ATOM   95   C CG  . ASN A 1 24  ? -14.013 -11.735 5.885   1.00 64.46  ? 27  ASN B CG  1 
ATOM   96   O OD1 . ASN A 1 24  ? -13.211 -12.226 6.682   1.00 63.54  ? 27  ASN B OD1 1 
ATOM   97   N ND2 . ASN A 1 24  ? -15.208 -12.251 5.675   1.00 64.99  ? 27  ASN B ND2 1 
ATOM   98   N N   . PHE A 1 25  ? -10.761 -10.043 7.109   1.00 62.78  ? 28  PHE B N   1 
ATOM   99   C CA  . PHE A 1 25  ? -9.410  -10.545 7.354   1.00 65.81  ? 28  PHE B CA  1 
ATOM   100  C C   . PHE A 1 25  ? -9.247  -12.033 7.155   1.00 66.37  ? 28  PHE B C   1 
ATOM   101  O O   . PHE A 1 25  ? -8.194  -12.497 6.726   1.00 66.09  ? 28  PHE B O   1 
ATOM   102  C CB  . PHE A 1 25  ? -8.953  -10.188 8.765   1.00 64.63  ? 28  PHE B CB  1 
ATOM   103  C CG  . PHE A 1 25  ? -8.673  -8.728  8.943   1.00 66.30  ? 28  PHE B CG  1 
ATOM   104  C CD1 . PHE A 1 25  ? -8.014  -8.017  7.950   1.00 62.89  ? 28  PHE B CD1 1 
ATOM   105  C CD2 . PHE A 1 25  ? -9.045  -8.069  10.120  1.00 69.90  ? 28  PHE B CD2 1 
ATOM   106  C CE1 . PHE A 1 25  ? -7.746  -6.681  8.108   1.00 68.29  ? 28  PHE B CE1 1 
ATOM   107  C CE2 . PHE A 1 25  ? -8.775  -6.738  10.297  1.00 65.08  ? 28  PHE B CE2 1 
ATOM   108  C CZ  . PHE A 1 25  ? -8.119  -6.034  9.299   1.00 67.35  ? 28  PHE B CZ  1 
ATOM   109  N N   . LYS A 1 26  ? -10.287 -12.781 7.490   1.00 68.20  ? 29  LYS B N   1 
ATOM   110  C CA  . LYS A 1 26  ? -10.283 -14.211 7.266   1.00 70.31  ? 29  LYS B CA  1 
ATOM   111  C C   . LYS A 1 26  ? -10.099 -14.482 5.774   1.00 70.93  ? 29  LYS B C   1 
ATOM   112  O O   . LYS A 1 26  ? -9.356  -15.379 5.379   1.00 71.12  ? 29  LYS B O   1 
ATOM   113  C CB  . LYS A 1 26  ? -11.580 -14.824 7.779   1.00 69.85  ? 29  LYS B CB  1 
ATOM   114  C CG  . LYS A 1 26  ? -11.669 -16.286 7.520   1.00 72.19  ? 29  LYS B CG  1 
ATOM   115  C CD  . LYS A 1 26  ? -12.760 -16.918 8.340   1.00 75.31  ? 29  LYS B CD  1 
ATOM   116  C CE  . LYS A 1 26  ? -12.449 -18.368 8.598   1.00 74.41  ? 29  LYS B CE  1 
ATOM   117  N NZ  . LYS A 1 26  ? -13.258 -18.854 9.733   1.00 75.42  ? 29  LYS B NZ  1 
ATOM   118  N N   . ASP A 1 27  ? -10.790 -13.687 4.963   1.00 72.52  ? 30  ASP B N   1 
ATOM   119  C CA  . ASP A 1 27  ? -10.717 -13.743 3.502   1.00 73.92  ? 30  ASP B CA  1 
ATOM   120  C C   . ASP A 1 27  ? -9.299  -13.459 3.002   1.00 74.77  ? 30  ASP B C   1 
ATOM   121  O O   . ASP A 1 27  ? -8.917  -13.869 1.905   1.00 74.96  ? 30  ASP B O   1 
ATOM   122  C CB  . ASP A 1 27  ? -11.678 -12.703 2.901   1.00 74.06  ? 30  ASP B CB  1 
ATOM   123  C CG  . ASP A 1 27  ? -13.082 -13.264 2.667   1.00 75.51  ? 30  ASP B CG  1 
ATOM   124  O OD1 . ASP A 1 27  ? -13.282 -14.482 2.876   1.00 73.63  ? 30  ASP B OD1 1 
ATOM   125  O OD2 . ASP A 1 27  ? -13.980 -12.482 2.265   1.00 75.52  ? 30  ASP B OD2 1 
ATOM   126  N N   . MET A 1 28  ? -8.532  -12.746 3.817   1.00 75.03  ? 31  MET B N   1 
ATOM   127  C CA  . MET A 1 28  ? -7.163  -12.395 3.488   1.00 76.03  ? 31  MET B CA  1 
ATOM   128  C C   . MET A 1 28  ? -6.169  -13.423 3.997   1.00 75.01  ? 31  MET B C   1 
ATOM   129  O O   . MET A 1 28  ? -4.979  -13.325 3.717   1.00 75.53  ? 31  MET B O   1 
ATOM   130  C CB  . MET A 1 28  ? -6.834  -11.044 4.092   1.00 75.60  ? 31  MET B CB  1 
ATOM   131  C CG  . MET A 1 28  ? -7.856  -9.990  3.762   1.00 76.14  ? 31  MET B CG  1 
ATOM   132  S SD  . MET A 1 28  ? -7.029  -8.459  3.399   1.00 81.72  ? 31  MET B SD  1 
ATOM   133  C CE  . MET A 1 28  ? -8.394  -7.323  3.303   1.00 80.25  ? 31  MET B CE  1 
ATOM   134  N N   . GLY A 1 29  ? -6.662  -14.406 4.747   1.00 73.81  ? 32  GLY B N   1 
ATOM   135  C CA  . GLY A 1 29  ? -5.808  -15.436 5.335   1.00 72.97  ? 32  GLY B CA  1 
ATOM   136  C C   . GLY A 1 29  ? -5.162  -15.051 6.660   1.00 72.14  ? 32  GLY B C   1 
ATOM   137  O O   . GLY A 1 29  ? -4.337  -15.788 7.192   1.00 72.21  ? 32  GLY B O   1 
ATOM   138  N N   . TRP A 1 30  ? -5.538  -13.900 7.196   1.00 71.03  ? 33  TRP B N   1 
ATOM   139  C CA  . TRP A 1 30  ? -4.899  -13.362 8.385   1.00 70.45  ? 33  TRP B CA  1 
ATOM   140  C C   . TRP A 1 30  ? -5.555  -13.805 9.697   1.00 70.45  ? 33  TRP B C   1 
ATOM   141  O O   . TRP A 1 30  ? -5.156  -13.353 10.763  1.00 70.24  ? 33  TRP B O   1 
ATOM   142  C CB  . TRP A 1 30  ? -4.898  -11.837 8.330   1.00 69.82  ? 33  TRP B CB  1 
ATOM   143  C CG  . TRP A 1 30  ? -4.131  -11.252 7.192   1.00 69.06  ? 33  TRP B CG  1 
ATOM   144  C CD1 . TRP A 1 30  ? -3.274  -11.902 6.353   1.00 69.48  ? 33  TRP B CD1 1 
ATOM   145  C CD2 . TRP A 1 30  ? -4.143  -9.884  6.774   1.00 67.16  ? 33  TRP B CD2 1 
ATOM   146  N NE1 . TRP A 1 30  ? -2.747  -11.013 5.444   1.00 66.90  ? 33  TRP B NE1 1 
ATOM   147  C CE2 . TRP A 1 30  ? -3.263  -9.771  5.686   1.00 64.86  ? 33  TRP B CE2 1 
ATOM   148  C CE3 . TRP A 1 30  ? -4.805  -8.740  7.227   1.00 68.75  ? 33  TRP B CE3 1 
ATOM   149  C CZ2 . TRP A 1 30  ? -3.038  -8.570  5.032   1.00 67.74  ? 33  TRP B CZ2 1 
ATOM   150  C CZ3 . TRP A 1 30  ? -4.578  -7.547  6.582   1.00 70.48  ? 33  TRP B CZ3 1 
ATOM   151  C CH2 . TRP A 1 30  ? -3.702  -7.472  5.489   1.00 69.57  ? 33  TRP B CH2 1 
ATOM   152  N N   . ASP A 1 31  ? -6.562  -14.669 9.630   1.00 70.45  ? 34  ASP B N   1 
ATOM   153  C CA  . ASP A 1 31  ? -7.141  -15.232 10.840  1.00 71.34  ? 34  ASP B CA  1 
ATOM   154  C C   . ASP A 1 31  ? -6.137  -16.050 11.660  1.00 72.26  ? 34  ASP B C   1 
ATOM   155  O O   . ASP A 1 31  ? -6.481  -16.532 12.742  1.00 72.70  ? 34  ASP B O   1 
ATOM   156  C CB  . ASP A 1 31  ? -8.377  -16.087 10.528  1.00 71.79  ? 34  ASP B CB  1 
ATOM   157  C CG  . ASP A 1 31  ? -8.182  -17.002 9.323   1.00 72.57  ? 34  ASP B CG  1 
ATOM   158  O OD1 . ASP A 1 31  ? -7.617  -16.554 8.302   1.00 70.95  ? 34  ASP B OD1 1 
ATOM   159  O OD2 . ASP A 1 31  ? -8.618  -18.172 9.389   1.00 76.56  ? 34  ASP B OD2 1 
ATOM   160  N N   . ASP A 1 32  ? -4.910  -16.216 11.155  1.00 71.96  ? 35  ASP B N   1 
ATOM   161  C CA  . ASP A 1 32  ? -3.876  -16.924 11.915  1.00 71.90  ? 35  ASP B CA  1 
ATOM   162  C C   . ASP A 1 32  ? -3.075  -16.037 12.869  1.00 71.25  ? 35  ASP B C   1 
ATOM   163  O O   . ASP A 1 32  ? -2.491  -16.543 13.826  1.00 71.75  ? 35  ASP B O   1 
ATOM   164  C CB  . ASP A 1 32  ? -2.934  -17.732 11.016  1.00 72.46  ? 35  ASP B CB  1 
ATOM   165  C CG  . ASP A 1 32  ? -2.270  -16.890 9.940   1.00 74.04  ? 35  ASP B CG  1 
ATOM   166  O OD1 . ASP A 1 32  ? -2.585  -15.702 9.797   1.00 75.23  ? 35  ASP B OD1 1 
ATOM   167  O OD2 . ASP A 1 32  ? -1.417  -17.432 9.212   1.00 81.51  ? 35  ASP B OD2 1 
ATOM   168  N N   . TRP A 1 33  ? -3.041  -14.729 12.615  1.00 69.59  ? 36  TRP B N   1 
ATOM   169  C CA  . TRP A 1 33  ? -2.487  -13.796 13.597  1.00 67.22  ? 36  TRP B CA  1 
ATOM   170  C C   . TRP A 1 33  ? -3.529  -12.860 14.190  1.00 66.59  ? 36  TRP B C   1 
ATOM   171  O O   . TRP A 1 33  ? -3.418  -12.482 15.347  1.00 66.78  ? 36  TRP B O   1 
ATOM   172  C CB  . TRP A 1 33  ? -1.261  -13.034 13.073  1.00 66.27  ? 36  TRP B CB  1 
ATOM   173  C CG  . TRP A 1 33  ? -1.541  -12.178 11.887  1.00 67.94  ? 36  TRP B CG  1 
ATOM   174  C CD1 . TRP A 1 33  ? -1.835  -12.610 10.619  1.00 66.88  ? 36  TRP B CD1 1 
ATOM   175  C CD2 . TRP A 1 33  ? -1.564  -10.741 11.838  1.00 64.83  ? 36  TRP B CD2 1 
ATOM   176  N NE1 . TRP A 1 33  ? -2.045  -11.532 9.792   1.00 65.28  ? 36  TRP B NE1 1 
ATOM   177  C CE2 . TRP A 1 33  ? -1.885  -10.374 10.510  1.00 65.88  ? 36  TRP B CE2 1 
ATOM   178  C CE3 . TRP A 1 33  ? -1.344  -9.730  12.784  1.00 66.47  ? 36  TRP B CE3 1 
ATOM   179  C CZ2 . TRP A 1 33  ? -1.986  -9.041  10.102  1.00 65.28  ? 36  TRP B CZ2 1 
ATOM   180  C CZ3 . TRP A 1 33  ? -1.453  -8.387  12.372  1.00 65.75  ? 36  TRP B CZ3 1 
ATOM   181  C CH2 . TRP A 1 33  ? -1.779  -8.065  11.043  1.00 68.34  ? 36  TRP B CH2 1 
ATOM   182  N N   . ILE A 1 34  ? -4.549  -12.494 13.422  1.00 64.90  ? 37  ILE B N   1 
ATOM   183  C CA  . ILE A 1 34  ? -5.578  -11.597 13.938  1.00 63.97  ? 37  ILE B CA  1 
ATOM   184  C C   . ILE A 1 34  ? -6.718  -12.341 14.655  1.00 65.04  ? 37  ILE B C   1 
ATOM   185  O O   . ILE A 1 34  ? -7.371  -13.211 14.073  1.00 65.50  ? 37  ILE B O   1 
ATOM   186  C CB  . ILE A 1 34  ? -6.188  -10.726 12.825  1.00 63.51  ? 37  ILE B CB  1 
ATOM   187  C CG1 . ILE A 1 34  ? -5.107  -9.854  12.186  1.00 62.41  ? 37  ILE B CG1 1 
ATOM   188  C CG2 . ILE A 1 34  ? -7.353  -9.895  13.374  1.00 62.11  ? 37  ILE B CG2 1 
ATOM   189  C CD1 . ILE A 1 34  ? -5.605  -8.933  11.086  1.00 62.02  ? 37  ILE B CD1 1 
ATOM   190  N N   . ILE A 1 35  ? -6.965  -11.972 15.910  1.00 65.40  ? 38  ILE B N   1 
ATOM   191  C CA  . ILE A 1 35  ? -8.019  -12.582 16.716  1.00 64.81  ? 38  ILE B CA  1 
ATOM   192  C C   . ILE A 1 35  ? -9.324  -11.833 16.514  1.00 65.93  ? 38  ILE B C   1 
ATOM   193  O O   . ILE A 1 35  ? -10.354 -12.451 16.256  1.00 67.15  ? 38  ILE B O   1 
ATOM   194  C CB  . ILE A 1 35  ? -7.641  -12.591 18.229  1.00 65.07  ? 38  ILE B CB  1 
ATOM   195  C CG1 . ILE A 1 35  ? -6.252  -13.210 18.419  1.00 64.09  ? 38  ILE B CG1 1 
ATOM   196  C CG2 . ILE A 1 35  ? -8.663  -13.383 19.043  1.00 63.53  ? 38  ILE B CG2 1 
ATOM   197  C CD1 . ILE A 1 35  ? -5.692  -13.102 19.831  1.00 64.97  ? 38  ILE B CD1 1 
ATOM   198  N N   . ALA A 1 36  ? -9.285  -10.502 16.621  1.00 65.83  ? 39  ALA B N   1 
ATOM   199  C CA  . ALA A 1 36  ? -10.494 -9.686  16.540  1.00 65.70  ? 39  ALA B CA  1 
ATOM   200  C C   . ALA A 1 36  ? -10.135 -8.237  16.237  1.00 66.37  ? 39  ALA B C   1 
ATOM   201  O O   . ALA A 1 36  ? -9.088  -7.754  16.672  1.00 67.15  ? 39  ALA B O   1 
ATOM   202  C CB  . ALA A 1 36  ? -11.277 -9.763  17.839  1.00 65.34  ? 39  ALA B CB  1 
ATOM   203  N N   . PRO A 1 37  ? -10.990 -7.543  15.464  1.00 66.35  ? 40  PRO B N   1 
ATOM   204  C CA  . PRO A 1 37  ? -12.149 -8.113  14.781  1.00 66.63  ? 40  PRO B CA  1 
ATOM   205  C C   . PRO A 1 37  ? -11.688 -8.766  13.485  1.00 67.66  ? 40  PRO B C   1 
ATOM   206  O O   . PRO A 1 37  ? -10.638 -8.394  12.944  1.00 68.84  ? 40  PRO B O   1 
ATOM   207  C CB  . PRO A 1 37  ? -12.958 -6.874  14.421  1.00 65.79  ? 40  PRO B CB  1 
ATOM   208  C CG  . PRO A 1 37  ? -11.893 -5.866  14.067  1.00 65.06  ? 40  PRO B CG  1 
ATOM   209  C CD  . PRO A 1 37  ? -10.841 -6.105  15.169  1.00 66.33  ? 40  PRO B CD  1 
ATOM   210  N N   . LEU A 1 38  ? -12.475 -9.695  12.953  1.00 68.38  ? 41  LEU B N   1 
ATOM   211  C CA  . LEU A 1 38  ? -12.124 -10.319 11.677  1.00 69.11  ? 41  LEU B CA  1 
ATOM   212  C C   . LEU A 1 38  ? -12.744 -9.624  10.483  1.00 68.81  ? 41  LEU B C   1 
ATOM   213  O O   . LEU A 1 38  ? -12.451 -9.981  9.344   1.00 69.98  ? 41  LEU B O   1 
ATOM   214  C CB  . LEU A 1 38  ? -12.514 -11.799 11.651  1.00 69.62  ? 41  LEU B CB  1 
ATOM   215  C CG  . LEU A 1 38  ? -11.405 -12.850 11.830  1.00 70.84  ? 41  LEU B CG  1 
ATOM   216  C CD1 . LEU A 1 38  ? -10.271 -12.361 12.707  1.00 69.18  ? 41  LEU B CD1 1 
ATOM   217  C CD2 . LEU A 1 38  ? -11.984 -14.186 12.342  1.00 70.39  ? 41  LEU B CD2 1 
ATOM   218  N N   . GLU A 1 39  ? -13.631 -8.667  10.740  1.00 67.65  ? 42  GLU B N   1 
ATOM   219  C CA  . GLU A 1 39  ? -14.177 -7.835  9.678   1.00 66.63  ? 42  GLU B CA  1 
ATOM   220  C C   . GLU A 1 39  ? -14.294 -6.388  10.149  1.00 65.81  ? 42  GLU B C   1 
ATOM   221  O O   . GLU A 1 39  ? -14.383 -6.105  11.352  1.00 65.48  ? 42  GLU B O   1 
ATOM   222  C CB  . GLU A 1 39  ? -15.542 -8.346  9.179   1.00 66.37  ? 42  GLU B CB  1 
ATOM   223  C CG  . GLU A 1 39  ? -15.892 -9.772  9.573   1.00 71.18  ? 42  GLU B CG  1 
ATOM   224  C CD  . GLU A 1 39  ? -16.773 -10.509 8.548   1.00 72.81  ? 42  GLU B CD  1 
ATOM   225  O OE1 . GLU A 1 39  ? -17.577 -9.893  7.812   1.00 70.06  ? 42  GLU B OE1 1 
ATOM   226  O OE2 . GLU A 1 39  ? -16.636 -11.742 8.483   1.00 76.91  ? 42  GLU B OE2 1 
ATOM   227  N N   . TYR A 1 40  ? -14.274 -5.459  9.202   1.00 64.81  ? 43  TYR B N   1 
ATOM   228  C CA  . TYR A 1 40  ? -14.574 -4.080  9.534   1.00 64.84  ? 43  TYR B CA  1 
ATOM   229  C C   . TYR A 1 40  ? -14.803 -3.268  8.271   1.00 64.02  ? 43  TYR B C   1 
ATOM   230  O O   . TYR A 1 40  ? -14.525 -3.730  7.154   1.00 62.58  ? 43  TYR B O   1 
ATOM   231  C CB  . TYR A 1 40  ? -13.464 -3.487  10.400  1.00 65.98  ? 43  TYR B CB  1 
ATOM   232  C CG  . TYR A 1 40  ? -12.331 -2.879  9.603   1.00 67.66  ? 43  TYR B CG  1 
ATOM   233  C CD1 . TYR A 1 40  ? -11.280 -3.662  9.149   1.00 64.94  ? 43  TYR B CD1 1 
ATOM   234  C CD2 . TYR A 1 40  ? -12.314 -1.509  9.315   1.00 67.61  ? 43  TYR B CD2 1 
ATOM   235  C CE1 . TYR A 1 40  ? -10.241 -3.104  8.414   1.00 69.12  ? 43  TYR B CE1 1 
ATOM   236  C CE2 . TYR A 1 40  ? -11.284 -0.951  8.595   1.00 67.61  ? 43  TYR B CE2 1 
ATOM   237  C CZ  . TYR A 1 40  ? -10.254 -1.756  8.139   1.00 69.50  ? 43  TYR B CZ  1 
ATOM   238  O OH  . TYR A 1 40  ? -9.237  -1.187  7.394   1.00 75.11  ? 43  TYR B OH  1 
ATOM   239  N N   . GLU A 1 41  ? -15.350 -2.072  8.451   1.00 63.67  ? 44  GLU B N   1 
ATOM   240  C CA  . GLU A 1 41  ? -15.793 -1.261  7.316   1.00 64.58  ? 44  GLU B CA  1 
ATOM   241  C C   . GLU A 1 41  ? -14.740 -0.199  7.050   1.00 65.09  ? 44  GLU B C   1 
ATOM   242  O O   . GLU A 1 41  ? -14.498 0.671   7.899   1.00 64.05  ? 44  GLU B O   1 
ATOM   243  C CB  . GLU A 1 41  ? -17.141 -0.624  7.613   1.00 64.17  ? 44  GLU B CB  1 
ATOM   244  C CG  . GLU A 1 41  ? -18.224 -1.688  7.804   1.00 65.92  ? 44  GLU B CG  1 
ATOM   245  C CD  . GLU A 1 41  ? -18.497 -2.468  6.525   1.00 68.57  ? 44  GLU B CD  1 
ATOM   246  O OE1 . GLU A 1 41  ? -18.180 -1.928  5.447   1.00 69.75  ? 44  GLU B OE1 1 
ATOM   247  O OE2 . GLU A 1 41  ? -19.023 -3.610  6.592   1.00 67.44  ? 44  GLU B OE2 1 
ATOM   248  N N   . ALA A 1 42  ? -14.064 -0.319  5.909   1.00 64.35  ? 45  ALA B N   1 
ATOM   249  C CA  . ALA A 1 42  ? -12.915 0.562   5.649   1.00 64.31  ? 45  ALA B CA  1 
ATOM   250  C C   . ALA A 1 42  ? -13.336 1.745   4.761   1.00 63.53  ? 45  ALA B C   1 
ATOM   251  O O   . ALA A 1 42  ? -12.729 2.809   4.802   1.00 65.40  ? 45  ALA B O   1 
ATOM   252  C CB  . ALA A 1 42  ? -11.783 -0.230  4.998   1.00 62.76  ? 45  ALA B CB  1 
ATOM   253  N N   . PHE A 1 43  ? -14.369 1.536   3.953   1.00 63.68  ? 46  PHE B N   1 
ATOM   254  C CA  . PHE A 1 43  ? -14.799 2.498   2.944   1.00 62.58  ? 46  PHE B CA  1 
ATOM   255  C C   . PHE A 1 43  ? -13.695 2.749   1.921   1.00 61.07  ? 46  PHE B C   1 
ATOM   256  O O   . PHE A 1 43  ? -12.539 2.457   2.206   1.00 61.86  ? 46  PHE B O   1 
ATOM   257  C CB  . PHE A 1 43  ? -15.256 3.772   3.636   1.00 62.85  ? 46  PHE B CB  1 
ATOM   258  C CG  . PHE A 1 43  ? -16.418 3.558   4.581   1.00 64.32  ? 46  PHE B CG  1 
ATOM   259  C CD1 . PHE A 1 43  ? -16.202 3.359   5.945   1.00 65.74  ? 46  PHE B CD1 1 
ATOM   260  C CD2 . PHE A 1 43  ? -17.717 3.557   4.112   1.00 64.11  ? 46  PHE B CD2 1 
ATOM   261  C CE1 . PHE A 1 43  ? -17.263 3.166   6.816   1.00 65.28  ? 46  PHE B CE1 1 
ATOM   262  C CE2 . PHE A 1 43  ? -18.796 3.359   4.985   1.00 63.97  ? 46  PHE B CE2 1 
ATOM   263  C CZ  . PHE A 1 43  ? -18.567 3.170   6.337   1.00 63.70  ? 46  PHE B CZ  1 
ATOM   264  N N   . HIS A 1 44  ? -14.059 3.184   0.700   1.00 60.18  ? 47  HIS B N   1 
ATOM   265  C CA  . HIS A 1 44  ? -13.086 3.647   -0.292  1.00 54.57  ? 47  HIS B CA  1 
ATOM   266  C C   . HIS A 1 44  ? -13.648 4.917   -0.905  1.00 56.56  ? 47  HIS B C   1 
ATOM   267  O O   . HIS A 1 44  ? -14.835 5.206   -0.747  1.00 54.50  ? 47  HIS B O   1 
ATOM   268  C CB  . HIS A 1 44  ? -12.726 2.580   -1.320  1.00 57.00  ? 47  HIS B CB  1 
ATOM   269  C CG  . HIS A 1 44  ? -13.784 2.325   -2.376  1.00 43.27  ? 47  HIS B CG  1 
ATOM   270  N ND1 . HIS A 1 44  ? -14.772 1.374   -2.224  1.00 58.85  ? 47  HIS B ND1 1 
ATOM   271  C CD2 . HIS A 1 44  ? -13.905 2.780   -3.645  1.00 58.08  ? 47  HIS B CD2 1 
ATOM   272  C CE1 . HIS A 1 44  ? -15.486 1.278   -3.346  1.00 47.94  ? 47  HIS B CE1 1 
ATOM   273  N NE2 . HIS A 1 44  ? -14.989 2.140   -4.221  1.00 47.18  ? 47  HIS B NE2 1 
ATOM   274  N N   . CYS A 1 45  ? -12.793 5.734   -1.518  1.00 58.83  ? 48  CYS B N   1 
ATOM   275  C CA  . CYS A 1 45  ? -13.279 6.859   -2.313  1.00 59.93  ? 48  CYS B CA  1 
ATOM   276  C C   . CYS A 1 45  ? -13.306 6.465   -3.768  1.00 60.89  ? 48  CYS B C   1 
ATOM   277  O O   . CYS A 1 45  ? -12.416 5.762   -4.222  1.00 62.27  ? 48  CYS B O   1 
ATOM   278  C CB  . CYS A 1 45  ? -12.360 8.015   -2.185  1.00 59.53  ? 48  CYS B CB  1 
ATOM   279  S SG  . CYS A 1 45  ? -12.230 8.516   -0.430  1.00 63.81  ? 48  CYS B SG  1 
ATOM   280  N N   . GLU A 1 46  ? -14.267 6.995   -4.501  1.00 60.12  ? 49  GLU B N   1 
ATOM   281  C CA  . GLU A 1 46  ? -14.349 6.731   -5.916  1.00 61.83  ? 49  GLU B CA  1 
ATOM   282  C C   . GLU A 1 46  ? -15.310 7.732   -6.564  1.00 62.73  ? 49  GLU B C   1 
ATOM   283  O O   . GLU A 1 46  ? -16.242 8.199   -5.909  1.00 62.35  ? 49  GLU B O   1 
ATOM   284  C CB  . GLU A 1 46  ? -14.845 5.302   -6.112  1.00 61.82  ? 49  GLU B CB  1 
ATOM   285  C CG  . GLU A 1 46  ? -14.994 4.873   -7.592  1.00 62.53  ? 49  GLU B CG  1 
ATOM   286  C CD  . GLU A 1 46  ? -15.486 3.468   -7.713  1.00 65.93  ? 49  GLU B CD  1 
ATOM   287  O OE1 . GLU A 1 46  ? -15.620 2.799   -6.678  1.00 65.55  ? 49  GLU B OE1 1 
ATOM   288  O OE2 . GLU A 1 46  ? -15.765 3.000   -8.853  1.00 76.80  ? 49  GLU B OE2 1 
ATOM   289  N N   . GLY A 1 47  ? -15.107 8.047   -7.847  1.00 62.45  ? 50  GLY B N   1 
ATOM   290  C CA  . GLY A 1 47  ? -15.938 9.057   -8.493  1.00 62.82  ? 50  GLY B CA  1 
ATOM   291  C C   . GLY A 1 47  ? -15.205 10.129  -9.269  1.00 63.84  ? 50  GLY B C   1 
ATOM   292  O O   . GLY A 1 47  ? -13.990 10.291  -9.151  1.00 62.25  ? 50  GLY B O   1 
ATOM   293  N N   . LEU A 1 48  ? -15.946 10.844  -10.113 1.00 66.37  ? 51  LEU B N   1 
ATOM   294  C CA  . LEU A 1 48  ? -15.361 11.884  -10.956 1.00 67.47  ? 51  LEU B CA  1 
ATOM   295  C C   . LEU A 1 48  ? -14.954 13.129  -10.174 1.00 67.70  ? 51  LEU B C   1 
ATOM   296  O O   . LEU A 1 48  ? -15.594 13.519  -9.188  1.00 67.57  ? 51  LEU B O   1 
ATOM   297  C CB  . LEU A 1 48  ? -16.308 12.254  -12.095 1.00 68.68  ? 51  LEU B CB  1 
ATOM   298  C CG  . LEU A 1 48  ? -16.768 11.108  -12.989 1.00 70.48  ? 51  LEU B CG  1 
ATOM   299  C CD1 . LEU A 1 48  ? -17.632 11.626  -14.099 1.00 68.96  ? 51  LEU B CD1 1 
ATOM   300  C CD2 . LEU A 1 48  ? -15.566 10.350  -13.524 1.00 73.76  ? 51  LEU B CD2 1 
ATOM   301  N N   . CYS A 1 49  ? -13.861 13.743  -10.599 1.00 68.42  ? 52  CYS B N   1 
ATOM   302  C CA  . CYS A 1 49  ? -13.437 15.016  -10.023 1.00 68.57  ? 52  CYS B CA  1 
ATOM   303  C C   . CYS A 1 49  ? -13.526 16.038  -11.155 1.00 70.00  ? 52  CYS B C   1 
ATOM   304  O O   . CYS A 1 49  ? -12.674 16.086  -12.044 1.00 70.61  ? 52  CYS B O   1 
ATOM   305  C CB  . CYS A 1 49  ? -12.018 14.924  -9.468  1.00 68.96  ? 52  CYS B CB  1 
ATOM   306  S SG  . CYS A 1 49  ? -11.868 14.051  -7.840  1.00 69.02  ? 52  CYS B SG  1 
ATOM   307  N N   . GLU A 1 50  ? -14.602 16.814  -11.163 1.00 69.88  ? 53  GLU B N   1 
ATOM   308  C CA  . GLU A 1 50  ? -14.896 17.648  -12.306 1.00 68.77  ? 53  GLU B CA  1 
ATOM   309  C C   . GLU A 1 50  ? -15.088 19.075  -11.893 1.00 66.81  ? 53  GLU B C   1 
ATOM   310  O O   . GLU A 1 50  ? -15.529 19.340  -10.807 1.00 66.86  ? 53  GLU B O   1 
ATOM   311  C CB  . GLU A 1 50  ? -16.160 17.173  -12.969 1.00 69.45  ? 53  GLU B CB  1 
ATOM   312  C CG  . GLU A 1 50  ? -15.930 16.064  -13.939 1.00 73.82  ? 53  GLU B CG  1 
ATOM   313  C CD  . GLU A 1 50  ? -17.219 15.440  -14.345 1.00 78.36  ? 53  GLU B CD  1 
ATOM   314  O OE1 . GLU A 1 50  ? -18.130 15.356  -13.483 1.00 80.79  ? 53  GLU B OE1 1 
ATOM   315  O OE2 . GLU A 1 50  ? -17.321 15.047  -15.526 1.00 80.35  ? 53  GLU B OE2 1 
ATOM   316  N N   . PHE A 1 51  ? -14.770 19.991  -12.788 1.00 65.59  ? 54  PHE B N   1 
ATOM   317  C CA  . PHE A 1 51  ? -14.962 21.408  -12.540 1.00 63.88  ? 54  PHE B CA  1 
ATOM   318  C C   . PHE A 1 51  ? -16.433 21.791  -12.386 1.00 63.31  ? 54  PHE B C   1 
ATOM   319  O O   . PHE A 1 51  ? -17.275 21.349  -13.153 1.00 61.82  ? 54  PHE B O   1 
ATOM   320  C CB  . PHE A 1 51  ? -14.337 22.217  -13.666 1.00 62.17  ? 54  PHE B CB  1 
ATOM   321  C CG  . PHE A 1 51  ? -14.370 23.672  -13.425 1.00 62.09  ? 54  PHE B CG  1 
ATOM   322  C CD1 . PHE A 1 51  ? -15.511 24.412  -13.722 1.00 63.84  ? 54  PHE B CD1 1 
ATOM   323  C CD2 . PHE A 1 51  ? -13.272 24.315  -12.920 1.00 61.28  ? 54  PHE B CD2 1 
ATOM   324  C CE1 . PHE A 1 51  ? -15.558 25.795  -13.488 1.00 63.80  ? 54  PHE B CE1 1 
ATOM   325  C CE2 . PHE A 1 51  ? -13.304 25.698  -12.694 1.00 65.03  ? 54  PHE B CE2 1 
ATOM   326  C CZ  . PHE A 1 51  ? -14.457 26.433  -12.981 1.00 61.12  ? 54  PHE B CZ  1 
ATOM   327  N N   . PRO A 1 52  ? -16.745 22.619  -11.375 1.00 63.42  ? 55  PRO B N   1 
ATOM   328  C CA  . PRO A 1 52  ? -15.803 23.111  -10.388 1.00 62.76  ? 55  PRO B CA  1 
ATOM   329  C C   . PRO A 1 52  ? -15.740 22.114  -9.254  1.00 62.90  ? 55  PRO B C   1 
ATOM   330  O O   . PRO A 1 52  ? -16.709 21.412  -8.993  1.00 63.42  ? 55  PRO B O   1 
ATOM   331  C CB  . PRO A 1 52  ? -16.474 24.398  -9.904  1.00 62.32  ? 55  PRO B CB  1 
ATOM   332  C CG  . PRO A 1 52  ? -17.922 24.108  -9.982  1.00 61.75  ? 55  PRO B CG  1 
ATOM   333  C CD  . PRO A 1 52  ? -18.113 23.126  -11.127 1.00 63.23  ? 55  PRO B CD  1 
ATOM   334  N N   . LEU A 1 53  ? -14.605 22.051  -8.585  1.00 64.15  ? 56  LEU B N   1 
ATOM   335  C CA  . LEU A 1 53  ? -14.432 21.155  -7.447  1.00 62.56  ? 56  LEU B CA  1 
ATOM   336  C C   . LEU A 1 53  ? -15.135 21.751  -6.218  1.00 62.31  ? 56  LEU B C   1 
ATOM   337  O O   . LEU A 1 53  ? -14.749 22.797  -5.681  1.00 60.16  ? 56  LEU B O   1 
ATOM   338  C CB  . LEU A 1 53  ? -12.952 20.884  -7.203  1.00 62.96  ? 56  LEU B CB  1 
ATOM   339  C CG  . LEU A 1 53  ? -12.180 20.260  -8.366  1.00 63.31  ? 56  LEU B CG  1 
ATOM   340  C CD1 . LEU A 1 53  ? -10.751 19.958  -7.972  1.00 64.81  ? 56  LEU B CD1 1 
ATOM   341  C CD2 . LEU A 1 53  ? -12.851 19.008  -8.839  1.00 65.84  ? 56  LEU B CD2 1 
ATOM   342  N N   . ARG A 1 54  ? -16.201 21.077  -5.804  1.00 61.82  ? 57  ARG B N   1 
ATOM   343  C CA  . ARG A 1 54  ? -17.113 21.630  -4.834  1.00 61.52  ? 57  ARG B CA  1 
ATOM   344  C C   . ARG A 1 54  ? -16.508 21.655  -3.446  1.00 61.98  ? 57  ARG B C   1 
ATOM   345  O O   . ARG A 1 54  ? -15.525 20.980  -3.177  1.00 61.30  ? 57  ARG B O   1 
ATOM   346  C CB  . ARG A 1 54  ? -18.425 20.863  -4.876  1.00 60.86  ? 57  ARG B CB  1 
ATOM   347  C CG  . ARG A 1 54  ? -19.305 21.336  -6.039  1.00 63.53  ? 57  ARG B CG  1 
ATOM   348  C CD  . ARG A 1 54  ? -20.299 20.278  -6.430  1.00 65.69  ? 57  ARG B CD  1 
ATOM   349  N NE  . ARG A 1 54  ? -21.048 20.648  -7.634  1.00 65.10  ? 57  ARG B NE  1 
ATOM   350  C CZ  . ARG A 1 54  ? -22.313 21.040  -7.611  1.00 65.14  ? 57  ARG B CZ  1 
ATOM   351  N NH1 . ARG A 1 54  ? -22.961 21.136  -6.451  1.00 65.84  ? 57  ARG B NH1 1 
ATOM   352  N NH2 . ARG A 1 54  ? -22.929 21.340  -8.737  1.00 63.83  ? 57  ARG B NH2 1 
ATOM   353  N N   . SER A 1 55  ? -17.081 22.463  -2.575  1.00 63.28  ? 58  SER B N   1 
ATOM   354  C CA  . SER A 1 55  ? -16.521 22.694  -1.256  1.00 64.57  ? 58  SER B CA  1 
ATOM   355  C C   . SER A 1 55  ? -16.265 21.415  -0.431  1.00 65.49  ? 58  SER B C   1 
ATOM   356  O O   . SER A 1 55  ? -15.246 21.297  0.258   1.00 65.28  ? 58  SER B O   1 
ATOM   357  C CB  . SER A 1 55  ? -17.446 23.623  -0.500  1.00 64.55  ? 58  SER B CB  1 
ATOM   358  O OG  . SER A 1 55  ? -16.937 23.922  0.769   1.00 67.50  ? 58  SER B OG  1 
ATOM   359  N N   . HIS A 1 56  ? -17.174 20.449  -0.489  1.00 66.28  ? 59  HIS B N   1 
ATOM   360  C CA  . HIS A 1 56  ? -16.995 19.267  0.343   1.00 67.36  ? 59  HIS B CA  1 
ATOM   361  C C   . HIS A 1 56  ? -15.800 18.428  -0.109  1.00 67.15  ? 59  HIS B C   1 
ATOM   362  O O   . HIS A 1 56  ? -15.261 17.644  0.672   1.00 67.14  ? 59  HIS B O   1 
ATOM   363  C CB  . HIS A 1 56  ? -18.279 18.445  0.435   1.00 67.99  ? 59  HIS B CB  1 
ATOM   364  C CG  . HIS A 1 56  ? -18.666 17.778  -0.847  1.00 73.42  ? 59  HIS B CG  1 
ATOM   365  N ND1 . HIS A 1 56  ? -19.394 18.418  -1.831  1.00 77.47  ? 59  HIS B ND1 1 
ATOM   366  C CD2 . HIS A 1 56  ? -18.448 16.518  -1.297  1.00 76.20  ? 59  HIS B CD2 1 
ATOM   367  C CE1 . HIS A 1 56  ? -19.599 17.584  -2.838  1.00 77.14  ? 59  HIS B CE1 1 
ATOM   368  N NE2 . HIS A 1 56  ? -19.040 16.424  -2.537  1.00 80.18  ? 59  HIS B NE2 1 
ATOM   369  N N   . LEU A 1 57  ? -15.365 18.630  -1.352  1.00 65.70  ? 60  LEU B N   1 
ATOM   370  C CA  . LEU A 1 57  ? -14.197 17.939  -1.904  1.00 65.44  ? 60  LEU B CA  1 
ATOM   371  C C   . LEU A 1 57  ? -12.868 18.545  -1.480  1.00 66.27  ? 60  LEU B C   1 
ATOM   372  O O   . LEU A 1 57  ? -11.798 18.009  -1.820  1.00 65.55  ? 60  LEU B O   1 
ATOM   373  C CB  . LEU A 1 57  ? -14.249 17.962  -3.419  1.00 65.84  ? 60  LEU B CB  1 
ATOM   374  C CG  . LEU A 1 57  ? -14.913 16.774  -4.125  1.00 67.23  ? 60  LEU B CG  1 
ATOM   375  C CD1 . LEU A 1 57  ? -15.859 15.988  -3.228  1.00 68.86  ? 60  LEU B CD1 1 
ATOM   376  C CD2 . LEU A 1 57  ? -15.541 17.171  -5.444  1.00 61.59  ? 60  LEU B CD2 1 
ATOM   377  N N   . GLU A 1 58  ? -12.947 19.668  -0.761  1.00 65.26  ? 61  GLU B N   1 
ATOM   378  C CA  . GLU A 1 58  ? -11.781 20.398  -0.250  1.00 67.25  ? 61  GLU B CA  1 
ATOM   379  C C   . GLU A 1 58  ? -10.521 20.377  -1.120  1.00 66.65  ? 61  GLU B C   1 
ATOM   380  O O   . GLU A 1 58  ? -9.478  19.930  -0.676  1.00 69.25  ? 61  GLU B O   1 
ATOM   381  C CB  . GLU A 1 58  ? -11.438 19.966  1.185   1.00 66.54  ? 61  GLU B CB  1 
ATOM   382  C CG  . GLU A 1 58  ? -12.608 20.083  2.139   1.00 68.55  ? 61  GLU B CG  1 
ATOM   383  C CD  . GLU A 1 58  ? -12.388 19.284  3.408   1.00 72.00  ? 61  GLU B CD  1 
ATOM   384  O OE1 . GLU A 1 58  ? -12.305 18.048  3.335   1.00 75.71  ? 61  GLU B OE1 1 
ATOM   385  O OE2 . GLU A 1 58  ? -12.293 19.890  4.474   1.00 70.23  ? 61  GLU B OE2 1 
ATOM   386  N N   . PRO A 1 59  ? -10.607 20.906  -2.343  1.00 65.72  ? 62  PRO B N   1 
ATOM   387  C CA  . PRO A 1 59  ? -9.484  20.836  -3.262  1.00 64.33  ? 62  PRO B CA  1 
ATOM   388  C C   . PRO A 1 59  ? -8.330  21.729  -2.838  1.00 63.89  ? 62  PRO B C   1 
ATOM   389  O O   . PRO A 1 59  ? -8.529  22.743  -2.175  1.00 61.93  ? 62  PRO B O   1 
ATOM   390  C CB  . PRO A 1 59  ? -10.085 21.368  -4.554  1.00 65.75  ? 62  PRO B CB  1 
ATOM   391  C CG  . PRO A 1 59  ? -11.131 22.382  -4.042  1.00 65.18  ? 62  PRO B CG  1 
ATOM   392  C CD  . PRO A 1 59  ? -11.764 21.605  -2.934  1.00 65.04  ? 62  PRO B CD  1 
ATOM   393  N N   . THR A 1 60  ? -7.117  21.334  -3.200  1.00 63.51  ? 63  THR B N   1 
ATOM   394  C CA  . THR A 1 60  ? -6.007  22.242  -3.115  1.00 62.60  ? 63  THR B CA  1 
ATOM   395  C C   . THR A 1 60  ? -6.039  23.201  -4.314  1.00 61.76  ? 63  THR B C   1 
ATOM   396  O O   . THR A 1 60  ? -6.718  22.940  -5.325  1.00 61.76  ? 63  THR B O   1 
ATOM   397  C CB  . THR A 1 60  ? -4.684  21.456  -3.096  1.00 63.42  ? 63  THR B CB  1 
ATOM   398  O OG1 . THR A 1 60  ? -4.637  20.617  -4.236  1.00 63.61  ? 63  THR B OG1 1 
ATOM   399  C CG2 . THR A 1 60  ? -4.597  20.550  -1.858  1.00 64.27  ? 63  THR B CG2 1 
ATOM   400  N N   . ASN A 1 61  ? -5.299  24.301  -4.220  1.00 60.89  ? 64  ASN B N   1 
ATOM   401  C CA  . ASN A 1 61  ? -5.027  25.129  -5.405  1.00 60.49  ? 64  ASN B CA  1 
ATOM   402  C C   . ASN A 1 61  ? -4.550  24.237  -6.571  1.00 60.96  ? 64  ASN B C   1 
ATOM   403  O O   . ASN A 1 61  ? -5.036  24.324  -7.725  1.00 61.14  ? 64  ASN B O   1 
ATOM   404  C CB  . ASN A 1 61  ? -3.993  26.209  -5.042  1.00 60.77  ? 64  ASN B CB  1 
ATOM   405  C CG  . ASN A 1 61  ? -4.625  27.404  -4.373  1.00 59.73  ? 64  ASN B CG  1 
ATOM   406  O OD1 . ASN A 1 61  ? -5.718  27.809  -4.761  1.00 63.39  ? 64  ASN B OD1 1 
ATOM   407  N ND2 . ASN A 1 61  ? -3.951  27.984  -3.366  1.00 62.78  ? 64  ASN B ND2 1 
ATOM   408  N N   . HIS A 1 62  ? -3.619  23.340  -6.269  1.00 58.73  ? 65  HIS B N   1 
ATOM   409  C CA  . HIS A 1 62  ? -3.104  22.475  -7.311  1.00 58.00  ? 65  HIS B CA  1 
ATOM   410  C C   . HIS A 1 62  ? -4.166  21.637  -8.003  1.00 57.14  ? 65  HIS B C   1 
ATOM   411  O O   . HIS A 1 62  ? -4.148  21.470  -9.243  1.00 59.26  ? 65  HIS B O   1 
ATOM   412  C CB  . HIS A 1 62  ? -2.023  21.548  -6.764  1.00 56.50  ? 65  HIS B CB  1 
ATOM   413  C CG  . HIS A 1 62  ? -1.252  20.886  -7.842  1.00 58.74  ? 65  HIS B CG  1 
ATOM   414  N ND1 . HIS A 1 62  ? -1.701  19.756  -8.492  1.00 55.45  ? 65  HIS B ND1 1 
ATOM   415  C CD2 . HIS A 1 62  ? -0.100  21.244  -8.450  1.00 57.13  ? 65  HIS B CD2 1 
ATOM   416  C CE1 . HIS A 1 62  ? -0.829  19.422  -9.422  1.00 58.73  ? 65  HIS B CE1 1 
ATOM   417  N NE2 . HIS A 1 62  ? 0.149   20.310  -9.423  1.00 56.90  ? 65  HIS B NE2 1 
ATOM   418  N N   . ALA A 1 63  ? -5.073  21.051  -7.228  1.00 57.93  ? 66  ALA B N   1 
ATOM   419  C CA  . ALA A 1 63  ? -6.121  20.211  -7.845  1.00 57.37  ? 66  ALA B CA  1 
ATOM   420  C C   . ALA A 1 63  ? -6.975  21.031  -8.770  1.00 59.15  ? 66  ALA B C   1 
ATOM   421  O O   . ALA A 1 63  ? -7.391  20.570  -9.882  1.00 56.50  ? 66  ALA B O   1 
ATOM   422  C CB  . ALA A 1 63  ? -6.997  19.547  -6.788  1.00 57.81  ? 66  ALA B CB  1 
ATOM   423  N N   . VAL A 1 64  ? -7.265  22.260  -8.357  1.00 58.47  ? 67  VAL B N   1 
ATOM   424  C CA  . VAL A 1 64  ? -8.055  23.113  -9.267  1.00 59.57  ? 67  VAL B CA  1 
ATOM   425  C C   . VAL A 1 64  ? -7.315  23.353  -10.584 1.00 60.38  ? 67  VAL B C   1 
ATOM   426  O O   . VAL A 1 64  ? -7.885  23.194  -11.684 1.00 61.44  ? 67  VAL B O   1 
ATOM   427  C CB  . VAL A 1 64  ? -8.461  24.432  -8.601  1.00 59.62  ? 67  VAL B CB  1 
ATOM   428  C CG1 . VAL A 1 64  ? -9.150  25.361  -9.617  1.00 60.28  ? 67  VAL B CG1 1 
ATOM   429  C CG2 . VAL A 1 64  ? -9.361  24.125  -7.436  1.00 58.95  ? 67  VAL B CG2 1 
ATOM   430  N N   . ILE A 1 65  ? -6.038  23.705  -10.502 1.00 60.11  ? 68  ILE B N   1 
ATOM   431  C CA  . ILE A 1 65  ? -5.278  24.009  -11.716 1.00 59.24  ? 68  ILE B CA  1 
ATOM   432  C C   . ILE A 1 65  ? -5.210  22.778  -12.604 1.00 60.32  ? 68  ILE B C   1 
ATOM   433  O O   . ILE A 1 65  ? -5.378  22.868  -13.826 1.00 60.81  ? 68  ILE B O   1 
ATOM   434  C CB  . ILE A 1 65  ? -3.835  24.406  -11.410 1.00 61.19  ? 68  ILE B CB  1 
ATOM   435  C CG1 . ILE A 1 65  ? -3.766  25.642  -10.494 1.00 60.54  ? 68  ILE B CG1 1 
ATOM   436  C CG2 . ILE A 1 65  ? -3.048  24.640  -12.690 1.00 56.83  ? 68  ILE B CG2 1 
ATOM   437  C CD1 . ILE A 1 65  ? -4.502  26.770  -10.993 1.00 63.03  ? 68  ILE B CD1 1 
ATOM   438  N N   . GLN A 1 66  ? -4.919  21.625  -12.000 1.00 59.80  ? 69  GLN B N   1 
ATOM   439  C CA  . GLN A 1 66  ? -4.773  20.405  -12.776 1.00 58.86  ? 69  GLN B CA  1 
ATOM   440  C C   . GLN A 1 66  ? -6.101  20.062  -13.411 1.00 59.92  ? 69  GLN B C   1 
ATOM   441  O O   . GLN A 1 66  ? -6.164  19.640  -14.564 1.00 58.18  ? 69  GLN B O   1 
ATOM   442  C CB  . GLN A 1 66  ? -4.290  19.247  -11.899 1.00 58.87  ? 69  GLN B CB  1 
ATOM   443  C CG  . GLN A 1 66  ? -3.962  18.010  -12.724 1.00 56.79  ? 69  GLN B CG  1 
ATOM   444  C CD  . GLN A 1 66  ? -3.511  16.836  -11.869 1.00 63.50  ? 69  GLN B CD  1 
ATOM   445  O OE1 . GLN A 1 66  ? -2.944  16.998  -10.760 1.00 56.75  ? 69  GLN B OE1 1 
ATOM   446  N NE2 . GLN A 1 66  ? -3.791  15.638  -12.359 1.00 53.75  ? 69  GLN B NE2 1 
ATOM   447  N N   . THR A 1 67  ? -7.184  20.221  -12.654 1.00 60.76  ? 70  THR B N   1 
ATOM   448  C CA  . THR A 1 67  ? -8.502  19.959  -13.230 1.00 64.09  ? 70  THR B CA  1 
ATOM   449  C C   . THR A 1 67  ? -8.770  20.825  -14.463 1.00 65.05  ? 70  THR B C   1 
ATOM   450  O O   . THR A 1 67  ? -9.236  20.341  -15.484 1.00 65.38  ? 70  THR B O   1 
ATOM   451  C CB  . THR A 1 67  ? -9.591  20.138  -12.172 1.00 64.71  ? 70  THR B CB  1 
ATOM   452  O OG1 . THR A 1 67  ? -9.409  19.118  -11.189 1.00 66.44  ? 70  THR B OG1 1 
ATOM   453  C CG2 . THR A 1 67  ? -11.016 19.997  -12.798 1.00 64.63  ? 70  THR B CG2 1 
ATOM   454  N N   . LEU A 1 68  ? -8.449  22.110  -14.376 1.00 66.23  ? 71  LEU B N   1 
ATOM   455  C CA  . LEU A 1 68  ? -8.589  22.977  -15.538 1.00 67.51  ? 71  LEU B CA  1 
ATOM   456  C C   . LEU A 1 68  ? -7.715  22.498  -16.688 1.00 68.61  ? 71  LEU B C   1 
ATOM   457  O O   . LEU A 1 68  ? -8.180  22.367  -17.809 1.00 69.46  ? 71  LEU B O   1 
ATOM   458  C CB  . LEU A 1 68  ? -8.257  24.421  -15.180 1.00 67.17  ? 71  LEU B CB  1 
ATOM   459  C CG  . LEU A 1 68  ? -9.232  25.020  -14.169 1.00 66.66  ? 71  LEU B CG  1 
ATOM   460  C CD1 . LEU A 1 68  ? -8.786  26.402  -13.772 1.00 64.09  ? 71  LEU B CD1 1 
ATOM   461  C CD2 . LEU A 1 68  ? -10.622 25.064  -14.814 1.00 70.69  ? 71  LEU B CD2 1 
ATOM   462  N N   . MET A 1 69  ? -6.450  22.222  -16.405 1.00 69.90  ? 72  MET B N   1 
ATOM   463  C CA  . MET A 1 69  ? -5.522  21.815  -17.449 1.00 71.10  ? 72  MET B CA  1 
ATOM   464  C C   . MET A 1 69  ? -5.949  20.524  -18.132 1.00 71.07  ? 72  MET B C   1 
ATOM   465  O O   . MET A 1 69  ? -5.887  20.418  -19.352 1.00 70.11  ? 72  MET B O   1 
ATOM   466  C CB  . MET A 1 69  ? -4.107  21.671  -16.889 1.00 70.29  ? 72  MET B CB  1 
ATOM   467  C CG  . MET A 1 69  ? -3.521  22.974  -16.410 1.00 71.59  ? 72  MET B CG  1 
ATOM   468  S SD  . MET A 1 69  ? -1.874  23.260  -17.061 1.00 77.68  ? 72  MET B SD  1 
ATOM   469  C CE  . MET A 1 69  ? -1.930  22.519  -18.694 1.00 75.47  ? 72  MET B CE  1 
ATOM   470  N N   . ASN A 1 70  ? -6.371  19.532  -17.351 1.00 71.29  ? 73  ASN B N   1 
ATOM   471  C CA  . ASN A 1 70  ? -6.802  18.268  -17.942 1.00 71.87  ? 73  ASN B CA  1 
ATOM   472  C C   . ASN A 1 70  ? -7.888  18.462  -18.988 1.00 73.18  ? 73  ASN B C   1 
ATOM   473  O O   . ASN A 1 70  ? -7.841  17.889  -20.077 1.00 73.16  ? 73  ASN B O   1 
ATOM   474  C CB  . ASN A 1 70  ? -7.345  17.341  -16.871 1.00 71.28  ? 73  ASN B CB  1 
ATOM   475  C CG  . ASN A 1 70  ? -8.030  16.136  -17.461 1.00 69.80  ? 73  ASN B CG  1 
ATOM   476  O OD1 . ASN A 1 70  ? -9.247  16.093  -17.566 1.00 64.57  ? 73  ASN B OD1 1 
ATOM   477  N ND2 . ASN A 1 70  ? -7.247  15.159  -17.868 1.00 68.03  ? 73  ASN B ND2 1 
ATOM   478  N N   . SER A 1 71  ? -8.886  19.259  -18.644 1.00 74.66  ? 74  SER B N   1 
ATOM   479  C CA  . SER A 1 71  ? -10.055 19.380  -19.492 1.00 77.08  ? 74  SER B CA  1 
ATOM   480  C C   . SER A 1 71  ? -9.759  20.226  -20.739 1.00 78.20  ? 74  SER B C   1 
ATOM   481  O O   . SER A 1 71  ? -10.425 20.090  -21.772 1.00 78.26  ? 74  SER B O   1 
ATOM   482  C CB  . SER A 1 71  ? -11.205 19.982  -18.705 1.00 77.19  ? 74  SER B CB  1 
ATOM   483  O OG  . SER A 1 71  ? -11.155 21.386  -18.827 1.00 79.26  ? 74  SER B OG  1 
ATOM   484  N N   . MET A 1 72  ? -8.756  21.094  -20.659 1.00 79.41  ? 75  MET B N   1 
ATOM   485  C CA  . MET A 1 72  ? -8.309  21.790  -21.860 1.00 80.08  ? 75  MET B CA  1 
ATOM   486  C C   . MET A 1 72  ? -7.223  21.051  -22.634 1.00 79.88  ? 75  MET B C   1 
ATOM   487  O O   . MET A 1 72  ? -7.083  21.257  -23.827 1.00 79.88  ? 75  MET B O   1 
ATOM   488  C CB  . MET A 1 72  ? -7.926  23.242  -21.580 1.00 79.37  ? 75  MET B CB  1 
ATOM   489  C CG  . MET A 1 72  ? -6.537  23.461  -21.037 1.00 81.21  ? 75  MET B CG  1 
ATOM   490  S SD  . MET A 1 72  ? -6.387  25.145  -20.358 1.00 82.66  ? 75  MET B SD  1 
ATOM   491  C CE  . MET A 1 72  ? -7.998  25.315  -19.602 1.00 83.22  ? 75  MET B CE  1 
ATOM   492  N N   . ASP A 1 73  ? -6.460  20.184  -21.973 1.00 80.06  ? 76  ASP B N   1 
ATOM   493  C CA  . ASP A 1 73  ? -5.559  19.278  -22.707 1.00 80.48  ? 76  ASP B CA  1 
ATOM   494  C C   . ASP A 1 73  ? -5.339  17.964  -21.975 1.00 80.26  ? 76  ASP B C   1 
ATOM   495  O O   . ASP A 1 73  ? -4.398  17.830  -21.191 1.00 79.91  ? 76  ASP B O   1 
ATOM   496  C CB  . ASP A 1 73  ? -4.216  19.946  -23.029 1.00 80.47  ? 76  ASP B CB  1 
ATOM   497  C CG  . ASP A 1 73  ? -3.244  19.010  -23.744 1.00 80.82  ? 76  ASP B CG  1 
ATOM   498  O OD1 . ASP A 1 73  ? -3.536  17.806  -23.883 1.00 82.04  ? 76  ASP B OD1 1 
ATOM   499  O OD2 . ASP A 1 73  ? -2.170  19.480  -24.169 1.00 82.28  ? 76  ASP B OD2 1 
ATOM   500  N N   . PRO A 1 74  ? -6.203  16.977  -22.244 1.00 80.38  ? 77  PRO B N   1 
ATOM   501  C CA  . PRO A 1 74  ? -6.148  15.709  -21.532 1.00 80.38  ? 77  PRO B CA  1 
ATOM   502  C C   . PRO A 1 74  ? -4.843  14.931  -21.734 1.00 80.33  ? 77  PRO B C   1 
ATOM   503  O O   . PRO A 1 74  ? -4.616  13.947  -21.030 1.00 80.35  ? 77  PRO B O   1 
ATOM   504  C CB  . PRO A 1 74  ? -7.347  14.939  -22.100 1.00 80.35  ? 77  PRO B CB  1 
ATOM   505  C CG  . PRO A 1 74  ? -8.249  15.999  -22.662 1.00 80.62  ? 77  PRO B CG  1 
ATOM   506  C CD  . PRO A 1 74  ? -7.302  17.005  -23.222 1.00 80.26  ? 77  PRO B CD  1 
ATOM   507  N N   . GLU A 1 75  ? -3.990  15.359  -22.667 1.00 80.37  ? 78  GLU B N   1 
ATOM   508  C CA  . GLU A 1 75  ? -2.650  14.761  -22.797 1.00 80.46  ? 78  GLU B CA  1 
ATOM   509  C C   . GLU A 1 75  ? -1.665  15.221  -21.713 1.00 80.03  ? 78  GLU B C   1 
ATOM   510  O O   . GLU A 1 75  ? -0.849  14.429  -21.226 1.00 80.30  ? 78  GLU B O   1 
ATOM   511  C CB  . GLU A 1 75  ? -2.050  15.005  -24.182 1.00 80.97  ? 78  GLU B CB  1 
ATOM   512  C CG  . GLU A 1 75  ? -1.904  13.743  -25.033 1.00 83.34  ? 78  GLU B CG  1 
ATOM   513  C CD  . GLU A 1 75  ? -2.905  13.689  -26.177 1.00 87.49  ? 78  GLU B CD  1 
ATOM   514  O OE1 . GLU A 1 75  ? -4.041  14.178  -25.992 1.00 89.20  ? 78  GLU B OE1 1 
ATOM   515  O OE2 . GLU A 1 75  ? -2.560  13.164  -27.265 1.00 88.27  ? 78  GLU B OE2 1 
ATOM   516  N N   . SER A 1 76  ? -1.751  16.493  -21.329 1.00 78.56  ? 79  SER B N   1 
ATOM   517  C CA  . SER A 1 76  ? -0.772  17.096  -20.427 1.00 77.12  ? 79  SER B CA  1 
ATOM   518  C C   . SER A 1 76  ? -0.796  16.450  -19.056 1.00 75.94  ? 79  SER B C   1 
ATOM   519  O O   . SER A 1 76  ? 0.235   16.302  -18.398 1.00 76.03  ? 79  SER B O   1 
ATOM   520  C CB  . SER A 1 76  ? -1.042  18.588  -20.279 1.00 77.43  ? 79  SER B CB  1 
ATOM   521  O OG  . SER A 1 76  ? -2.275  18.810  -19.606 1.00 80.11  ? 79  SER B OG  1 
ATOM   522  N N   . THR A 1 77  ? -1.991  16.081  -18.619 1.00 74.41  ? 80  THR B N   1 
ATOM   523  C CA  . THR A 1 77  ? -2.187  15.550  -17.287 1.00 71.65  ? 80  THR B CA  1 
ATOM   524  C C   . THR A 1 77  ? -3.553  14.902  -17.225 1.00 70.57  ? 80  THR B C   1 
ATOM   525  O O   . THR A 1 77  ? -4.504  15.393  -17.833 1.00 71.55  ? 80  THR B O   1 
ATOM   526  C CB  . THR A 1 77  ? -2.116  16.661  -16.218 1.00 72.17  ? 80  THR B CB  1 
ATOM   527  O OG1 . THR A 1 77  ? -2.331  16.086  -14.923 1.00 71.25  ? 80  THR B OG1 1 
ATOM   528  C CG2 . THR A 1 77  ? -3.162  17.756  -16.479 1.00 70.12  ? 80  THR B CG2 1 
ATOM   529  N N   . PRO A 1 78  ? -3.655  13.778  -16.515 1.00 68.96  ? 81  PRO B N   1 
ATOM   530  C CA  . PRO A 1 78  ? -4.942  13.191  -16.198 1.00 68.57  ? 81  PRO B CA  1 
ATOM   531  C C   . PRO A 1 78  ? -5.748  14.080  -15.252 1.00 68.72  ? 81  PRO B C   1 
ATOM   532  O O   . PRO A 1 78  ? -5.217  15.058  -14.705 1.00 67.99  ? 81  PRO B O   1 
ATOM   533  C CB  . PRO A 1 78  ? -4.556  11.911  -15.460 1.00 69.08  ? 81  PRO B CB  1 
ATOM   534  C CG  . PRO A 1 78  ? -3.223  12.211  -14.880 1.00 70.37  ? 81  PRO B CG  1 
ATOM   535  C CD  . PRO A 1 78  ? -2.547  12.989  -15.967 1.00 68.85  ? 81  PRO B CD  1 
ATOM   536  N N   . PRO A 1 79  ? -7.024  13.739  -15.036 1.00 67.89  ? 82  PRO B N   1 
ATOM   537  C CA  . PRO A 1 79  ? -7.783  14.534  -14.100 1.00 67.53  ? 82  PRO B CA  1 
ATOM   538  C C   . PRO A 1 79  ? -7.245  14.264  -12.717 1.00 66.51  ? 82  PRO B C   1 
ATOM   539  O O   . PRO A 1 79  ? -6.435  13.360  -12.550 1.00 65.95  ? 82  PRO B O   1 
ATOM   540  C CB  . PRO A 1 79  ? -9.197  13.986  -14.246 1.00 67.13  ? 82  PRO B CB  1 
ATOM   541  C CG  . PRO A 1 79  ? -9.006  12.597  -14.718 1.00 68.67  ? 82  PRO B CG  1 
ATOM   542  C CD  . PRO A 1 79  ? -7.822  12.646  -15.619 1.00 69.50  ? 82  PRO B CD  1 
ATOM   543  N N   . THR A 1 80  ? -7.675  15.033  -11.724 1.00 66.87  ? 83  THR B N   1 
ATOM   544  C CA  . THR A 1 80  ? -7.219  14.797  -10.372 1.00 66.02  ? 83  THR B CA  1 
ATOM   545  C C   . THR A 1 80  ? -7.917  13.558  -9.771  1.00 66.49  ? 83  THR B C   1 
ATOM   546  O O   . THR A 1 80  ? -8.855  13.038  -10.334 1.00 62.99  ? 83  THR B O   1 
ATOM   547  C CB  . THR A 1 80  ? -7.457  16.044  -9.471  1.00 68.04  ? 83  THR B CB  1 
ATOM   548  O OG1 . THR A 1 80  ? -8.852  16.163  -9.154  1.00 70.38  ? 83  THR B OG1 1 
ATOM   549  C CG2 . THR A 1 80  ? -6.988  17.314  -10.202 1.00 68.25  ? 83  THR B CG2 1 
ATOM   550  N N   . CYS A 1 81  ? -7.469  13.095  -8.612  1.00 66.16  ? 84  CYS B N   1 
ATOM   551  C CA  . CYS A 1 81  ? -8.017  11.857  -8.099  1.00 68.19  ? 84  CYS B CA  1 
ATOM   552  C C   . CYS A 1 81  ? -8.836  11.973  -6.823  1.00 65.54  ? 84  CYS B C   1 
ATOM   553  O O   . CYS A 1 81  ? -8.556  12.761  -5.946  1.00 64.11  ? 84  CYS B O   1 
ATOM   554  C CB  . CYS A 1 81  ? -6.938  10.808  -7.911  1.00 68.56  ? 84  CYS B CB  1 
ATOM   555  S SG  . CYS A 1 81  ? -7.554  9.219   -8.471  1.00 86.17  ? 84  CYS B SG  1 
ATOM   556  N N   . CYS A 1 82  ? -9.857  11.144  -6.748  1.00 66.31  ? 85  CYS B N   1 
ATOM   557  C CA  . CYS A 1 82  ? -10.725 11.055  -5.595  1.00 65.41  ? 85  CYS B CA  1 
ATOM   558  C C   . CYS A 1 82  ? -10.104 10.114  -4.571  1.00 66.17  ? 85  CYS B C   1 
ATOM   559  O O   . CYS A 1 82  ? -10.032 8.919   -4.807  1.00 66.56  ? 85  CYS B O   1 
ATOM   560  C CB  . CYS A 1 82  ? -12.044 10.464  -6.066  1.00 67.42  ? 85  CYS B CB  1 
ATOM   561  S SG  . CYS A 1 82  ? -13.264 10.340  -4.809  1.00 64.55  ? 85  CYS B SG  1 
ATOM   562  N N   . VAL A 1 83  ? -9.715  10.644  -3.415  1.00 63.11  ? 86  VAL B N   1 
ATOM   563  C CA  . VAL A 1 83  ? -8.908  9.914   -2.456  1.00 64.03  ? 86  VAL B CA  1 
ATOM   564  C C   . VAL A 1 83  ? -9.350  10.409  -1.084  1.00 63.16  ? 86  VAL B C   1 
ATOM   565  O O   . VAL A 1 83  ? -10.042 11.428  -0.982  1.00 61.60  ? 86  VAL B O   1 
ATOM   566  C CB  . VAL A 1 83  ? -7.385  10.286  -2.576  1.00 64.75  ? 86  VAL B CB  1 
ATOM   567  C CG1 . VAL A 1 83  ? -6.814  9.813   -3.890  1.00 66.68  ? 86  VAL B CG1 1 
ATOM   568  C CG2 . VAL A 1 83  ? -7.228  11.812  -2.439  1.00 65.32  ? 86  VAL B CG2 1 
ATOM   569  N N   . PRO A 1 84  ? -9.000  9.658   -0.037  1.00 62.56  ? 87  PRO B N   1 
ATOM   570  C CA  . PRO A 1 84  ? -9.414  10.001  1.309   1.00 62.35  ? 87  PRO B CA  1 
ATOM   571  C C   . PRO A 1 84  ? -8.701  11.219  1.796   1.00 65.07  ? 87  PRO B C   1 
ATOM   572  O O   . PRO A 1 84  ? -7.490  11.348  1.575   1.00 65.80  ? 87  PRO B O   1 
ATOM   573  C CB  . PRO A 1 84  ? -8.930  8.802   2.138   1.00 60.54  ? 87  PRO B CB  1 
ATOM   574  C CG  . PRO A 1 84  ? -8.814  7.623   1.072   1.00 61.17  ? 87  PRO B CG  1 
ATOM   575  C CD  . PRO A 1 84  ? -8.271  8.370   -0.098  1.00 62.89  ? 87  PRO B CD  1 
ATOM   576  N N   . THR A 1 85  ? -9.385  12.055  2.583   1.00 64.77  ? 88  THR B N   1 
ATOM   577  C CA  . THR A 1 85  ? -8.747  13.261  3.057   1.00 61.55  ? 88  THR B CA  1 
ATOM   578  C C   . THR A 1 85  ? -8.799  13.346  4.574   1.00 63.82  ? 88  THR B C   1 
ATOM   579  O O   . THR A 1 85  ? -8.176  14.235  5.152   1.00 62.58  ? 88  THR B O   1 
ATOM   580  C CB  . THR A 1 85  ? -9.430  14.506  2.435   1.00 61.73  ? 88  THR B CB  1 
ATOM   581  O OG1 . THR A 1 85  ? -10.834 14.461  2.741   1.00 64.18  ? 88  THR B OG1 1 
ATOM   582  C CG2 . THR A 1 85  ? -9.275  14.509  0.912   1.00 64.23  ? 88  THR B CG2 1 
ATOM   583  N N   . ARG A 1 86  ? -9.587  12.455  5.194   1.00 63.61  ? 89  ARG B N   1 
ATOM   584  C CA  . ARG A 1 86  ? -9.581  12.226  6.625   1.00 64.14  ? 89  ARG B CA  1 
ATOM   585  C C   . ARG A 1 86  ? -9.818  10.739  6.844   1.00 64.79  ? 89  ARG B C   1 
ATOM   586  O O   . ARG A 1 86  ? -10.621 10.106  6.126   1.00 58.62  ? 89  ARG B O   1 
ATOM   587  C CB  . ARG A 1 86  ? -10.688 12.998  7.316   1.00 64.17  ? 89  ARG B CB  1 
ATOM   588  C CG  . ARG A 1 86  ? -10.439 14.474  7.378   1.00 71.29  ? 89  ARG B CG  1 
ATOM   589  C CD  . ARG A 1 86  ? -11.505 15.159  8.250   1.00 75.28  ? 89  ARG B CD  1 
ATOM   590  N NE  . ARG A 1 86  ? -11.446 16.618  8.144   1.00 77.24  ? 89  ARG B NE  1 
ATOM   591  C CZ  . ARG A 1 86  ? -11.788 17.332  7.068   1.00 78.96  ? 89  ARG B CZ  1 
ATOM   592  N NH1 . ARG A 1 86  ? -12.238 16.740  5.968   1.00 72.73  ? 89  ARG B NH1 1 
ATOM   593  N NH2 . ARG A 1 86  ? -11.685 18.665  7.106   1.00 80.73  ? 89  ARG B NH2 1 
ATOM   594  N N   . LEU A 1 87  ? -9.129  10.200  7.842   1.00 63.17  ? 90  LEU B N   1 
ATOM   595  C CA  . LEU A 1 87  ? -9.144  8.761   8.148   1.00 65.60  ? 90  LEU B CA  1 
ATOM   596  C C   . LEU A 1 87  ? -9.235  8.631   9.652   1.00 65.26  ? 90  LEU B C   1 
ATOM   597  O O   . LEU A 1 87  ? -8.873  9.565   10.362  1.00 65.61  ? 90  LEU B O   1 
ATOM   598  C CB  . LEU A 1 87  ? -7.848  8.077   7.690   1.00 65.38  ? 90  LEU B CB  1 
ATOM   599  C CG  . LEU A 1 87  ? -7.344  7.832   6.246   1.00 67.99  ? 90  LEU B CG  1 
ATOM   600  C CD1 . LEU A 1 87  ? -8.058  6.783   5.526   1.00 63.28  ? 90  LEU B CD1 1 
ATOM   601  C CD2 . LEU A 1 87  ? -7.163  9.046   5.382   1.00 75.43  ? 90  LEU B CD2 1 
ATOM   602  N N   . SER A 1 88  ? -9.728  7.496   10.142  1.00 64.93  ? 91  SER B N   1 
ATOM   603  C CA  . SER A 1 88  ? -9.802  7.256   11.588  1.00 64.59  ? 91  SER B CA  1 
ATOM   604  C C   . SER A 1 88  ? -9.212  5.883   11.884  1.00 64.19  ? 91  SER B C   1 
ATOM   605  O O   . SER A 1 88  ? -9.022  5.088   10.964  1.00 65.29  ? 91  SER B O   1 
ATOM   606  C CB  . SER A 1 88  ? -11.250 7.375   12.104  1.00 64.23  ? 91  SER B CB  1 
ATOM   607  O OG  . SER A 1 88  ? -12.135 6.625   11.285  1.00 68.79  ? 91  SER B OG  1 
ATOM   608  N N   . PRO A 1 89  ? -8.845  5.621   13.147  1.00 65.25  ? 92  PRO B N   1 
ATOM   609  C CA  . PRO A 1 89  ? -8.159  4.373   13.437  1.00 65.73  ? 92  PRO B CA  1 
ATOM   610  C C   . PRO A 1 89  ? -9.088  3.240   13.793  1.00 67.12  ? 92  PRO B C   1 
ATOM   611  O O   . PRO A 1 89  ? -10.274 3.446   14.009  1.00 66.93  ? 92  PRO B O   1 
ATOM   612  C CB  . PRO A 1 89  ? -7.324  4.716   14.655  1.00 66.14  ? 92  PRO B CB  1 
ATOM   613  C CG  . PRO A 1 89  ? -8.130  5.766   15.391  1.00 65.51  ? 92  PRO B CG  1 
ATOM   614  C CD  . PRO A 1 89  ? -9.006  6.459   14.355  1.00 65.19  ? 92  PRO B CD  1 
ATOM   615  N N   . ILE A 1 90  ? -8.545  2.031   13.830  1.00 68.35  ? 93  ILE B N   1 
ATOM   616  C CA  . ILE A 1 90  ? -9.203  0.943   14.517  1.00 68.78  ? 93  ILE B CA  1 
ATOM   617  C C   . ILE A 1 90  ? -8.135  0.180   15.276  1.00 68.76  ? 93  ILE B C   1 
ATOM   618  O O   . ILE A 1 90  ? -6.971  0.148   14.869  1.00 68.88  ? 93  ILE B O   1 
ATOM   619  C CB  . ILE A 1 90  ? -9.961  -0.014  13.561  1.00 69.51  ? 93  ILE B CB  1 
ATOM   620  C CG1 . ILE A 1 90  ? -9.006  -0.970  12.879  1.00 71.10  ? 93  ILE B CG1 1 
ATOM   621  C CG2 . ILE A 1 90  ? -10.764 0.744   12.542  1.00 70.63  ? 93  ILE B CG2 1 
ATOM   622  C CD1 . ILE A 1 90  ? -9.706  -2.163  12.237  1.00 73.87  ? 93  ILE B CD1 1 
ATOM   623  N N   . SER A 1 91  ? -8.535  -0.417  16.389  1.00 68.00  ? 94  SER B N   1 
ATOM   624  C CA  . SER A 1 91  ? -7.667  -1.282  17.123  1.00 67.07  ? 94  SER B CA  1 
ATOM   625  C C   . SER A 1 91  ? -7.878  -2.742  16.734  1.00 67.56  ? 94  SER B C   1 
ATOM   626  O O   . SER A 1 91  ? -8.990  -3.180  16.420  1.00 66.73  ? 94  SER B O   1 
ATOM   627  C CB  . SER A 1 91  ? -7.918  -1.080  18.587  1.00 67.54  ? 94  SER B CB  1 
ATOM   628  O OG  . SER A 1 91  ? -7.790  0.292   18.901  1.00 67.90  ? 94  SER B OG  1 
ATOM   629  N N   . ILE A 1 92  ? -6.793  -3.494  16.759  1.00 67.00  ? 95  ILE B N   1 
ATOM   630  C CA  . ILE A 1 92  ? -6.819  -4.879  16.374  1.00 66.91  ? 95  ILE B CA  1 
ATOM   631  C C   . ILE A 1 92  ? -6.140  -5.639  17.490  1.00 66.36  ? 95  ILE B C   1 
ATOM   632  O O   . ILE A 1 92  ? -5.127  -5.193  18.030  1.00 66.23  ? 95  ILE B O   1 
ATOM   633  C CB  . ILE A 1 92  ? -6.070  -5.106  15.042  1.00 67.53  ? 95  ILE B CB  1 
ATOM   634  C CG1 . ILE A 1 92  ? -6.716  -4.275  13.922  1.00 67.97  ? 95  ILE B CG1 1 
ATOM   635  C CG2 . ILE A 1 92  ? -6.085  -6.578  14.660  1.00 67.59  ? 95  ILE B CG2 1 
ATOM   636  C CD1 . ILE A 1 92  ? -6.195  -4.591  12.499  1.00 68.63  ? 95  ILE B CD1 1 
ATOM   637  N N   . LEU A 1 93  ? -6.741  -6.764  17.868  1.00 65.39  ? 96  LEU B N   1 
ATOM   638  C CA  . LEU A 1 93  ? -6.170  -7.689  18.825  1.00 64.60  ? 96  LEU B CA  1 
ATOM   639  C C   . LEU A 1 93  ? -5.496  -8.810  18.010  1.00 63.69  ? 96  LEU B C   1 
ATOM   640  O O   . LEU A 1 93  ? -6.108  -9.428  17.150  1.00 62.33  ? 96  LEU B O   1 
ATOM   641  C CB  . LEU A 1 93  ? -7.303  -8.225  19.686  1.00 64.33  ? 96  LEU B CB  1 
ATOM   642  C CG  . LEU A 1 93  ? -7.195  -8.778  21.110  1.00 64.94  ? 96  LEU B CG  1 
ATOM   643  C CD1 . LEU A 1 93  ? -7.730  -10.206 21.191  1.00 63.16  ? 96  LEU B CD1 1 
ATOM   644  C CD2 . LEU A 1 93  ? -5.842  -8.579  21.796  1.00 62.87  ? 96  LEU B CD2 1 
ATOM   645  N N   . PHE A 1 94  ? -4.220  -9.053  18.259  1.00 64.21  ? 97  PHE B N   1 
ATOM   646  C CA  . PHE A 1 94  ? -3.510  -9.982  17.403  1.00 64.88  ? 97  PHE B CA  1 
ATOM   647  C C   . PHE A 1 94  ? -2.382  -10.679 18.146  1.00 64.91  ? 97  PHE B C   1 
ATOM   648  O O   . PHE A 1 94  ? -2.022  -10.277 19.248  1.00 64.67  ? 97  PHE B O   1 
ATOM   649  C CB  . PHE A 1 94  ? -3.007  -9.265  16.134  1.00 64.18  ? 97  PHE B CB  1 
ATOM   650  C CG  . PHE A 1 94  ? -1.834  -8.330  16.366  1.00 63.28  ? 97  PHE B CG  1 
ATOM   651  C CD1 . PHE A 1 94  ? -2.044  -6.992  16.671  1.00 63.07  ? 97  PHE B CD1 1 
ATOM   652  C CD2 . PHE A 1 94  ? -0.530  -8.785  16.246  1.00 62.64  ? 97  PHE B CD2 1 
ATOM   653  C CE1 . PHE A 1 94  ? -0.971  -6.122  16.859  1.00 62.87  ? 97  PHE B CE1 1 
ATOM   654  C CE2 . PHE A 1 94  ? 0.559   -7.926  16.421  1.00 61.08  ? 97  PHE B CE2 1 
ATOM   655  C CZ  . PHE A 1 94  ? 0.336   -6.589  16.734  1.00 62.86  ? 97  PHE B CZ  1 
ATOM   656  N N   . ILE A 1 95  ? -1.841  -11.725 17.529  1.00 65.45  ? 98  ILE B N   1 
ATOM   657  C CA  . ILE A 1 95  ? -0.690  -12.468 18.057  1.00 66.28  ? 98  ILE B CA  1 
ATOM   658  C C   . ILE A 1 95  ? 0.592   -12.016 17.357  1.00 66.36  ? 98  ILE B C   1 
ATOM   659  O O   . ILE A 1 95  ? 0.657   -11.963 16.133  1.00 66.55  ? 98  ILE B O   1 
ATOM   660  C CB  . ILE A 1 95  ? -0.893  -14.001 17.868  1.00 65.98  ? 98  ILE B CB  1 
ATOM   661  C CG1 . ILE A 1 95  ? -2.332  -14.378 18.201  1.00 66.34  ? 98  ILE B CG1 1 
ATOM   662  C CG2 . ILE A 1 95  ? 0.072   -14.805 18.728  1.00 67.09  ? 98  ILE B CG2 1 
ATOM   663  C CD1 . ILE A 1 95  ? -2.459  -15.435 19.231  1.00 69.56  ? 98  ILE B CD1 1 
ATOM   664  N N   . ASP A 1 96  ? 1.617   -11.678 18.124  1.00 66.94  ? 99  ASP B N   1 
ATOM   665  C CA  . ASP A 1 96  ? 2.857   -11.255 17.497  1.00 67.95  ? 99  ASP B CA  1 
ATOM   666  C C   . ASP A 1 96  ? 3.858   -12.401 17.381  1.00 68.48  ? 99  ASP B C   1 
ATOM   667  O O   . ASP A 1 96  ? 3.547   -13.536 17.724  1.00 68.23  ? 99  ASP B O   1 
ATOM   668  C CB  . ASP A 1 96  ? 3.430   -9.986  18.145  1.00 67.51  ? 99  ASP B CB  1 
ATOM   669  C CG  . ASP A 1 96  ? 4.106   -10.242 19.481  1.00 69.74  ? 99  ASP B CG  1 
ATOM   670  O OD1 . ASP A 1 96  ? 4.440   -11.397 19.807  1.00 71.59  ? 99  ASP B OD1 1 
ATOM   671  O OD2 . ASP A 1 96  ? 4.317   -9.263  20.217  1.00 71.39  ? 99  ASP B OD2 1 
ATOM   672  N N   . SER A 1 97  ? 5.045   -12.115 16.863  1.00 69.95  ? 100 SER B N   1 
ATOM   673  C CA  . SER A 1 97  ? 6.002   -13.169 16.517  1.00 71.60  ? 100 SER B CA  1 
ATOM   674  C C   . SER A 1 97  ? 6.617   -13.824 17.740  1.00 71.73  ? 100 SER B C   1 
ATOM   675  O O   . SER A 1 97  ? 7.106   -14.955 17.665  1.00 72.02  ? 100 SER B O   1 
ATOM   676  C CB  . SER A 1 97  ? 7.116   -12.591 15.654  1.00 72.08  ? 100 SER B CB  1 
ATOM   677  O OG  . SER A 1 97  ? 6.710   -11.341 15.129  1.00 74.75  ? 100 SER B OG  1 
ATOM   678  N N   . ALA A 1 98  ? 6.611   -13.099 18.859  1.00 71.79  ? 101 ALA B N   1 
ATOM   679  C CA  . ALA A 1 98  ? 7.029   -13.656 20.150  1.00 71.16  ? 101 ALA B CA  1 
ATOM   680  C C   . ALA A 1 98  ? 5.876   -14.369 20.854  1.00 70.52  ? 101 ALA B C   1 
ATOM   681  O O   . ALA A 1 98  ? 6.017   -14.830 21.974  1.00 70.41  ? 101 ALA B O   1 
ATOM   682  C CB  . ALA A 1 98  ? 7.596   -12.560 21.034  1.00 71.17  ? 101 ALA B CB  1 
ATOM   683  N N   . ASN A 1 99  ? 4.733   -14.451 20.191  1.00 69.78  ? 102 ASN B N   1 
ATOM   684  C CA  . ASN A 1 99  ? 3.566   -15.106 20.756  1.00 69.83  ? 102 ASN B CA  1 
ATOM   685  C C   . ASN A 1 99  ? 2.833   -14.342 21.857  1.00 68.17  ? 102 ASN B C   1 
ATOM   686  O O   . ASN A 1 99  ? 2.018   -14.912 22.580  1.00 68.38  ? 102 ASN B O   1 
ATOM   687  C CB  . ASN A 1 99  ? 3.920   -16.518 21.207  1.00 71.49  ? 102 ASN B CB  1 
ATOM   688  C CG  . ASN A 1 99  ? 3.937   -17.485 20.052  1.00 76.07  ? 102 ASN B CG  1 
ATOM   689  O OD1 . ASN A 1 99  ? 3.094   -17.393 19.145  1.00 82.60  ? 102 ASN B OD1 1 
ATOM   690  N ND2 . ASN A 1 99  ? 4.904   -18.403 20.053  1.00 80.62  ? 102 ASN B ND2 1 
ATOM   691  N N   . ASN A 1 100 ? 3.130   -13.054 21.982  1.00 65.99  ? 103 ASN B N   1 
ATOM   692  C CA  . ASN A 1 100 ? 2.330   -12.165 22.806  1.00 63.49  ? 103 ASN B CA  1 
ATOM   693  C C   . ASN A 1 100 ? 1.025   -11.871 22.102  1.00 62.07  ? 103 ASN B C   1 
ATOM   694  O O   . ASN A 1 100 ? 0.976   -11.808 20.885  1.00 61.74  ? 103 ASN B O   1 
ATOM   695  C CB  . ASN A 1 100 ? 3.061   -10.846 23.050  1.00 63.26  ? 103 ASN B CB  1 
ATOM   696  C CG  . ASN A 1 100 ? 4.447   -11.045 23.614  1.00 62.80  ? 103 ASN B CG  1 
ATOM   697  O OD1 . ASN A 1 100 ? 4.694   -11.959 24.401  1.00 60.50  ? 103 ASN B OD1 1 
ATOM   698  N ND2 . ASN A 1 100 ? 5.362   -10.183 23.217  1.00 62.60  ? 103 ASN B ND2 1 
ATOM   699  N N   . VAL A 1 101 ? -0.031  -11.693 22.879  1.00 60.64  ? 104 VAL B N   1 
ATOM   700  C CA  . VAL A 1 101 ? -1.277  -11.157 22.372  1.00 59.17  ? 104 VAL B CA  1 
ATOM   701  C C   . VAL A 1 101 ? -1.176  -9.652  22.552  1.00 58.33  ? 104 VAL B C   1 
ATOM   702  O O   . VAL A 1 101 ? -0.806  -9.172  23.613  1.00 59.01  ? 104 VAL B O   1 
ATOM   703  C CB  . VAL A 1 101 ? -2.464  -11.712 23.167  1.00 58.78  ? 104 VAL B CB  1 
ATOM   704  C CG1 . VAL A 1 101 ? -3.781  -11.109 22.694  1.00 59.66  ? 104 VAL B CG1 1 
ATOM   705  C CG2 . VAL A 1 101 ? -2.490  -13.208 23.052  1.00 59.44  ? 104 VAL B CG2 1 
ATOM   706  N N   . VAL A 1 102 ? -1.478  -8.915  21.501  1.00 58.87  ? 105 VAL B N   1 
ATOM   707  C CA  . VAL A 1 102 ? -1.277  -7.480  21.476  1.00 58.98  ? 105 VAL B CA  1 
ATOM   708  C C   . VAL A 1 102 ? -2.566  -6.791  21.014  1.00 59.60  ? 105 VAL B C   1 
ATOM   709  O O   . VAL A 1 102 ? -3.202  -7.203  20.040  1.00 59.47  ? 105 VAL B O   1 
ATOM   710  C CB  . VAL A 1 102 ? -0.121  -7.107  20.529  1.00 59.25  ? 105 VAL B CB  1 
ATOM   711  C CG1 . VAL A 1 102 ? 0.118   -5.594  20.519  1.00 59.31  ? 105 VAL B CG1 1 
ATOM   712  C CG2 . VAL A 1 102 ? 1.157   -7.850  20.914  1.00 59.10  ? 105 VAL B CG2 1 
ATOM   713  N N   . TYR A 1 103 ? -2.962  -5.750  21.733  1.00 60.13  ? 106 TYR B N   1 
ATOM   714  C CA  . TYR A 1 103 ? -4.078  -4.909  21.289  1.00 60.43  ? 106 TYR B CA  1 
ATOM   715  C C   . TYR A 1 103 ? -3.554  -3.547  20.847  1.00 59.81  ? 106 TYR B C   1 
ATOM   716  O O   . TYR A 1 103 ? -3.060  -2.765  21.655  1.00 56.77  ? 106 TYR B O   1 
ATOM   717  C CB  . TYR A 1 103 ? -5.043  -4.730  22.438  1.00 60.06  ? 106 TYR B CB  1 
ATOM   718  C CG  . TYR A 1 103 ? -6.333  -4.077  22.066  1.00 62.62  ? 106 TYR B CG  1 
ATOM   719  C CD1 . TYR A 1 103 ? -7.112  -4.587  21.049  1.00 62.12  ? 106 TYR B CD1 1 
ATOM   720  C CD2 . TYR A 1 103 ? -6.795  -2.969  22.756  1.00 62.87  ? 106 TYR B CD2 1 
ATOM   721  C CE1 . TYR A 1 103 ? -8.307  -4.009  20.720  1.00 62.03  ? 106 TYR B CE1 1 
ATOM   722  C CE2 . TYR A 1 103 ? -8.001  -2.375  22.427  1.00 63.97  ? 106 TYR B CE2 1 
ATOM   723  C CZ  . TYR A 1 103 ? -8.749  -2.910  21.406  1.00 62.78  ? 106 TYR B CZ  1 
ATOM   724  O OH  . TYR A 1 103 ? -9.957  -2.346  21.057  1.00 65.32  ? 106 TYR B OH  1 
ATOM   725  N N   . LYS A 1 104 ? -3.661  -3.267  19.558  1.00 61.37  ? 107 LYS B N   1 
ATOM   726  C CA  . LYS A 1 104 ? -2.947  -2.140  18.983  1.00 63.67  ? 107 LYS B CA  1 
ATOM   727  C C   . LYS A 1 104 ? -3.851  -1.226  18.168  1.00 63.86  ? 107 LYS B C   1 
ATOM   728  O O   . LYS A 1 104 ? -4.607  -1.695  17.353  1.00 64.71  ? 107 LYS B O   1 
ATOM   729  C CB  . LYS A 1 104 ? -1.817  -2.670  18.112  1.00 64.26  ? 107 LYS B CB  1 
ATOM   730  C CG  . LYS A 1 104 ? -1.470  -1.788  16.955  1.00 69.24  ? 107 LYS B CG  1 
ATOM   731  C CD  . LYS A 1 104 ? -0.098  -1.201  17.129  1.00 75.92  ? 107 LYS B CD  1 
ATOM   732  C CE  . LYS A 1 104 ? 0.856   -1.728  16.055  1.00 78.97  ? 107 LYS B CE  1 
ATOM   733  N NZ  . LYS A 1 104 ? 0.744   -0.894  14.838  1.00 78.81  ? 107 LYS B NZ  1 
ATOM   734  N N   . GLN A 1 105 ? -3.755  0.084   18.378  1.00 64.22  ? 108 GLN B N   1 
ATOM   735  C CA  . GLN A 1 105 ? -4.440  1.037   17.505  1.00 64.35  ? 108 GLN B CA  1 
ATOM   736  C C   . GLN A 1 105 ? -3.678  1.287   16.215  1.00 64.42  ? 108 GLN B C   1 
ATOM   737  O O   . GLN A 1 105 ? -2.538  1.753   16.219  1.00 63.82  ? 108 GLN B O   1 
ATOM   738  C CB  . GLN A 1 105 ? -4.692  2.360   18.217  1.00 65.08  ? 108 GLN B CB  1 
ATOM   739  C CG  . GLN A 1 105 ? -5.212  3.494   17.343  1.00 64.30  ? 108 GLN B CG  1 
ATOM   740  C CD  . GLN A 1 105 ? -6.158  4.374   18.112  1.00 71.91  ? 108 GLN B CD  1 
ATOM   741  O OE1 . GLN A 1 105 ? -7.336  4.042   18.251  1.00 74.31  ? 108 GLN B OE1 1 
ATOM   742  N NE2 . GLN A 1 105 ? -5.642  5.474   18.678  1.00 68.71  ? 108 GLN B NE2 1 
ATOM   743  N N   . TYR A 1 106 ? -4.315  0.943   15.119  1.00 63.50  ? 109 TYR B N   1 
ATOM   744  C CA  . TYR A 1 106 ? -3.776  1.216   13.800  1.00 64.46  ? 109 TYR B CA  1 
ATOM   745  C C   . TYR A 1 106 ? -4.435  2.492   13.256  1.00 64.62  ? 109 TYR B C   1 
ATOM   746  O O   . TYR A 1 106 ? -5.676  2.596   13.208  1.00 62.19  ? 109 TYR B O   1 
ATOM   747  C CB  . TYR A 1 106 ? -4.083  0.056   12.848  1.00 66.06  ? 109 TYR B CB  1 
ATOM   748  C CG  . TYR A 1 106 ? -3.269  -1.201  13.084  1.00 68.62  ? 109 TYR B CG  1 
ATOM   749  C CD1 . TYR A 1 106 ? -3.608  -2.093  14.108  1.00 67.86  ? 109 TYR B CD1 1 
ATOM   750  C CD2 . TYR A 1 106 ? -2.164  -1.483  12.314  1.00 66.81  ? 109 TYR B CD2 1 
ATOM   751  C CE1 . TYR A 1 106 ? -2.875  -3.239  14.331  1.00 68.30  ? 109 TYR B CE1 1 
ATOM   752  C CE2 . TYR A 1 106 ? -1.421  -2.634  12.527  1.00 68.86  ? 109 TYR B CE2 1 
ATOM   753  C CZ  . TYR A 1 106 ? -1.790  -3.515  13.527  1.00 68.54  ? 109 TYR B CZ  1 
ATOM   754  O OH  . TYR A 1 106 ? -1.047  -4.658  13.760  1.00 68.06  ? 109 TYR B OH  1 
ATOM   755  N N   . GLU A 1 107 ? -3.606  3.439   12.823  1.00 64.30  ? 110 GLU B N   1 
ATOM   756  C CA  . GLU A 1 107 ? -4.094  4.711   12.344  1.00 64.43  ? 110 GLU B CA  1 
ATOM   757  C C   . GLU A 1 107 ? -4.488  4.592   10.899  1.00 65.14  ? 110 GLU B C   1 
ATOM   758  O O   . GLU A 1 107 ? -4.097  3.638   10.217  1.00 63.35  ? 110 GLU B O   1 
ATOM   759  C CB  . GLU A 1 107 ? -3.016  5.799   12.527  1.00 65.93  ? 110 GLU B CB  1 
ATOM   760  C CG  . GLU A 1 107 ? -2.387  5.809   13.909  1.00 66.22  ? 110 GLU B CG  1 
ATOM   761  C CD  . GLU A 1 107 ? -3.292  6.448   14.967  1.00 76.08  ? 110 GLU B CD  1 
ATOM   762  O OE1 . GLU A 1 107 ? -4.232  7.175   14.560  1.00 79.24  ? 110 GLU B OE1 1 
ATOM   763  O OE2 . GLU A 1 107 ? -3.072  6.230   16.203  1.00 75.83  ? 110 GLU B OE2 1 
ATOM   764  N N   . ASP A 1 108 ? -5.301  5.543   10.434  1.00 66.25  ? 111 ASP B N   1 
ATOM   765  C CA  . ASP A 1 108 ? -5.590  5.664   9.007   1.00 66.39  ? 111 ASP B CA  1 
ATOM   766  C C   . ASP A 1 108 ? -6.221  4.436   8.455   1.00 65.87  ? 111 ASP B C   1 
ATOM   767  O O   . ASP A 1 108 ? -5.851  4.000   7.363   1.00 68.96  ? 111 ASP B O   1 
ATOM   768  C CB  . ASP A 1 108 ? -4.301  5.901   8.240   1.00 67.41  ? 111 ASP B CB  1 
ATOM   769  C CG  . ASP A 1 108 ? -3.602  7.162   8.661   1.00 70.86  ? 111 ASP B CG  1 
ATOM   770  O OD1 . ASP A 1 108 ? -4.308  8.136   9.009   1.00 75.94  ? 111 ASP B OD1 1 
ATOM   771  O OD2 . ASP A 1 108 ? -2.341  7.168   8.675   1.00 73.91  ? 111 ASP B OD2 1 
ATOM   772  N N   . MET A 1 109 ? -7.213  3.888   9.149   1.00 66.23  ? 112 MET B N   1 
ATOM   773  C CA  . MET A 1 109 ? -7.799  2.587   8.748   1.00 64.44  ? 112 MET B CA  1 
ATOM   774  C C   . MET A 1 109 ? -9.156  2.731   8.061   1.00 64.07  ? 112 MET B C   1 
ATOM   775  O O   . MET A 1 109 ? -9.530  1.898   7.254   1.00 63.09  ? 112 MET B O   1 
ATOM   776  C CB  . MET A 1 109 ? -7.945  1.626   9.950   1.00 64.11  ? 112 MET B CB  1 
ATOM   777  C CG  . MET A 1 109 ? -6.602  1.097   10.508  1.00 64.21  ? 112 MET B CG  1 
ATOM   778  S SD  . MET A 1 109 ? -5.878  -0.095  9.344   1.00 64.05  ? 112 MET B SD  1 
ATOM   779  C CE  . MET A 1 109 ? -6.886  -1.515  9.752   1.00 61.57  ? 112 MET B CE  1 
ATOM   780  N N   . VAL A 1 110 ? -9.881  3.792   8.392   1.00 64.40  ? 113 VAL B N   1 
ATOM   781  C CA  . VAL A 1 110 ? -11.259 3.994   7.932   1.00 62.37  ? 113 VAL B CA  1 
ATOM   782  C C   . VAL A 1 110 ? -11.405 5.360   7.249   1.00 61.89  ? 113 VAL B C   1 
ATOM   783  O O   . VAL A 1 110 ? -11.084 6.373   7.856   1.00 60.32  ? 113 VAL B O   1 
ATOM   784  C CB  . VAL A 1 110 ? -12.207 4.012   9.184   1.00 63.56  ? 113 VAL B CB  1 
ATOM   785  C CG1 . VAL A 1 110 ? -13.628 4.365   8.807   1.00 61.48  ? 113 VAL B CG1 1 
ATOM   786  C CG2 . VAL A 1 110 ? -12.114 2.686   9.987   1.00 62.71  ? 113 VAL B CG2 1 
ATOM   787  N N   . VAL A 1 111 ? -11.918 5.391   6.014   1.00 59.93  ? 114 VAL B N   1 
ATOM   788  C CA  . VAL A 1 111 ? -12.229 6.654   5.294   1.00 59.56  ? 114 VAL B CA  1 
ATOM   789  C C   . VAL A 1 111 ? -13.373 7.413   5.971   1.00 62.40  ? 114 VAL B C   1 
ATOM   790  O O   . VAL A 1 111 ? -14.509 6.911   6.021   1.00 63.24  ? 114 VAL B O   1 
ATOM   791  C CB  . VAL A 1 111 ? -12.573 6.356   3.762   1.00 57.93  ? 114 VAL B CB  1 
ATOM   792  C CG1 . VAL A 1 111 ? -12.963 7.635   2.971   1.00 52.15  ? 114 VAL B CG1 1 
ATOM   793  C CG2 . VAL A 1 111 ? -11.361 5.774   3.103   1.00 54.42  ? 114 VAL B CG2 1 
ATOM   794  N N   . GLU A 1 112 ? -13.073 8.593   6.537   1.00 63.79  ? 115 GLU B N   1 
ATOM   795  C CA  . GLU A 1 112 ? -14.097 9.510   7.054   1.00 63.71  ? 115 GLU B CA  1 
ATOM   796  C C   . GLU A 1 112 ? -14.575 10.576  6.042   1.00 64.74  ? 115 GLU B C   1 
ATOM   797  O O   . GLU A 1 112 ? -15.738 10.959  6.054   1.00 65.58  ? 115 GLU B O   1 
ATOM   798  C CB  . GLU A 1 112 ? -13.602 10.184  8.333   1.00 63.09  ? 115 GLU B CB  1 
ATOM   799  C CG  . GLU A 1 112 ? -13.154 9.175   9.364   1.00 66.60  ? 115 GLU B CG  1 
ATOM   800  C CD  . GLU A 1 112 ? -14.343 8.439   9.984   1.00 72.69  ? 115 GLU B CD  1 
ATOM   801  O OE1 . GLU A 1 112 ? -15.495 8.877   9.740   1.00 71.10  ? 115 GLU B OE1 1 
ATOM   802  O OE2 . GLU A 1 112 ? -14.133 7.434   10.702  1.00 70.57  ? 115 GLU B OE2 1 
ATOM   803  N N   . SER A 1 113 ? -13.695 11.062  5.174   1.00 65.49  ? 116 SER B N   1 
ATOM   804  C CA  . SER A 1 113 ? -14.124 11.941  4.082   1.00 66.35  ? 116 SER B CA  1 
ATOM   805  C C   . SER A 1 113 ? -13.233 11.794  2.837   1.00 66.63  ? 116 SER B C   1 
ATOM   806  O O   . SER A 1 113 ? -12.072 11.412  2.936   1.00 65.51  ? 116 SER B O   1 
ATOM   807  C CB  . SER A 1 113 ? -14.086 13.387  4.528   1.00 65.97  ? 116 SER B CB  1 
ATOM   808  O OG  . SER A 1 113 ? -12.750 13.814  4.434   1.00 69.80  ? 116 SER B OG  1 
ATOM   809  N N   . CYS A 1 114 ? -13.801 12.125  1.679   1.00 67.24  ? 117 CYS B N   1 
ATOM   810  C CA  . CYS A 1 114 ? -13.155 11.993  0.356   1.00 67.53  ? 117 CYS B CA  1 
ATOM   811  C C   . CYS A 1 114 ? -12.995 13.372  -0.314  1.00 67.82  ? 117 CYS B C   1 
ATOM   812  O O   . CYS A 1 114 ? -13.714 14.353  0.023   1.00 65.51  ? 117 CYS B O   1 
ATOM   813  C CB  . CYS A 1 114 ? -13.967 11.092  -0.545  1.00 65.93  ? 117 CYS B CB  1 
ATOM   814  S SG  . CYS A 1 114 ? -14.065 9.321   -0.020  1.00 70.92  ? 117 CYS B SG  1 
ATOM   815  N N   . GLY A 1 115 ? -12.048 13.465  -1.249  1.00 65.85  ? 118 GLY B N   1 
ATOM   816  C CA  . GLY A 1 115 ? -11.831 14.734  -1.894  1.00 66.79  ? 118 GLY B CA  1 
ATOM   817  C C   . GLY A 1 115 ? -10.937 14.604  -3.087  1.00 68.03  ? 118 GLY B C   1 
ATOM   818  O O   . GLY A 1 115 ? -10.475 13.512  -3.394  1.00 68.64  ? 118 GLY B O   1 
ATOM   819  N N   . CYS A 1 116 ? -10.725 15.715  -3.786  1.00 68.37  ? 119 CYS B N   1 
ATOM   820  C CA  . CYS A 1 116 ? -10.001 15.655  -5.040  1.00 70.30  ? 119 CYS B CA  1 
ATOM   821  C C   . CYS A 1 116 ? -8.619  16.241  -4.857  1.00 70.52  ? 119 CYS B C   1 
ATOM   822  O O   . CYS A 1 116 ? -8.456  17.346  -4.325  1.00 69.16  ? 119 CYS B O   1 
ATOM   823  C CB  . CYS A 1 116 ? -10.783 16.343  -6.146  1.00 70.40  ? 119 CYS B CB  1 
ATOM   824  S SG  . CYS A 1 116 ? -12.331 15.469  -6.462  1.00 72.36  ? 119 CYS B SG  1 
ATOM   825  N N   . ARG A 1 117 ? -7.611  15.467  -5.248  1.00 71.22  ? 120 ARG B N   1 
ATOM   826  C CA  . ARG A 1 117 ? -6.235  15.857  -4.941  1.00 70.08  ? 120 ARG B CA  1 
ATOM   827  C C   . ARG A 1 117 ? -5.366  15.689  -6.152  1.00 69.69  ? 120 ARG B C   1 
ATOM   828  O O   . ARG A 1 117 ? -4.395  16.442  -6.262  1.00 69.48  ? 120 ARG B O   1 
ATOM   829  C CB  . ARG A 1 117 ? -5.668  15.039  -3.790  1.00 70.46  ? 120 ARG B CB  1 
ATOM   830  C CG  . ARG A 1 117 ? -6.272  15.362  -2.457  1.00 67.17  ? 120 ARG B CG  1 
ATOM   831  C CD  . ARG A 1 117 ? -6.236  16.838  -2.252  1.00 72.44  ? 120 ARG B CD  1 
ATOM   832  N NE  . ARG A 1 117 ? -6.307  17.194  -0.842  1.00 74.15  ? 120 ARG B NE  1 
ATOM   833  C CZ  . ARG A 1 117 ? -7.421  17.608  -0.260  1.00 76.54  ? 120 ARG B CZ  1 
ATOM   834  N NH1 . ARG A 1 117 ? -8.507  17.695  -0.991  1.00 80.78  ? 120 ARG B NH1 1 
ATOM   835  N NH2 . ARG A 1 117 ? -7.453  17.943  1.025   1.00 73.13  ? 120 ARG B NH2 1 
ATOM   836  O OXT . ARG A 1 117 ? -5.625  14.840  -7.019  1.00 70.03  ? 120 ARG B OXT 1 
ATOM   837  N N   . ILE B 2 22  ? 17.038  4.627   10.616  1.00 69.01  ? 16  ILE C N   1 
ATOM   838  C CA  . ILE B 2 22  ? 17.416  4.847   9.188   1.00 68.74  ? 16  ILE C CA  1 
ATOM   839  C C   . ILE B 2 22  ? 18.205  3.681   8.612   1.00 68.30  ? 16  ILE C C   1 
ATOM   840  O O   . ILE B 2 22  ? 19.420  3.574   8.802   1.00 68.60  ? 16  ILE C O   1 
ATOM   841  C CB  . ILE B 2 22  ? 18.226  6.119   8.996   1.00 69.24  ? 16  ILE C CB  1 
ATOM   842  C CG1 . ILE B 2 22  ? 17.315  7.344   9.144   1.00 70.55  ? 16  ILE C CG1 1 
ATOM   843  C CG2 . ILE B 2 22  ? 18.920  6.096   7.635   1.00 68.45  ? 16  ILE C CG2 1 
ATOM   844  C CD1 . ILE B 2 22  ? 17.997  8.549   9.831   1.00 68.85  ? 16  ILE C CD1 1 
ATOM   845  N N   . LEU B 2 23  ? 17.485  2.848   7.870   1.00 66.87  ? 17  LEU C N   1 
ATOM   846  C CA  . LEU B 2 23  ? 17.937  1.565   7.374   1.00 66.00  ? 17  LEU C CA  1 
ATOM   847  C C   . LEU B 2 23  ? 18.125  1.679   5.871   1.00 65.78  ? 17  LEU C C   1 
ATOM   848  O O   . LEU B 2 23  ? 17.259  2.217   5.180   1.00 65.64  ? 17  LEU C O   1 
ATOM   849  C CB  . LEU B 2 23  ? 16.812  0.561   7.617   1.00 65.30  ? 17  LEU C CB  1 
ATOM   850  C CG  . LEU B 2 23  ? 17.045  -0.867  8.095   1.00 65.03  ? 17  LEU C CG  1 
ATOM   851  C CD1 . LEU B 2 23  ? 15.791  -1.656  7.771   1.00 63.71  ? 17  LEU C CD1 1 
ATOM   852  C CD2 . LEU B 2 23  ? 18.263  -1.507  7.465   1.00 63.39  ? 17  LEU C CD2 1 
ATOM   853  N N   . ARG B 2 24  ? 19.228  1.157   5.354   1.00 65.81  ? 18  ARG C N   1 
ATOM   854  C CA  . ARG B 2 24  ? 19.423  1.093   3.911   1.00 66.80  ? 18  ARG C CA  1 
ATOM   855  C C   . ARG B 2 24  ? 19.047  -0.285  3.379   1.00 67.22  ? 18  ARG C C   1 
ATOM   856  O O   . ARG B 2 24  ? 19.209  -1.289  4.069   1.00 67.94  ? 18  ARG C O   1 
ATOM   857  C CB  . ARG B 2 24  ? 20.863  1.464   3.535   1.00 66.97  ? 18  ARG C CB  1 
ATOM   858  C CG  . ARG B 2 24  ? 21.127  2.967   3.593   1.00 68.46  ? 18  ARG C CG  1 
ATOM   859  C CD  . ARG B 2 24  ? 22.509  3.291   4.133   1.00 72.06  ? 18  ARG C CD  1 
ATOM   860  N NE  . ARG B 2 24  ? 23.502  3.471   3.074   1.00 75.42  ? 18  ARG C NE  1 
ATOM   861  C CZ  . ARG B 2 24  ? 24.158  2.476   2.476   1.00 77.16  ? 18  ARG C CZ  1 
ATOM   862  N NH1 . ARG B 2 24  ? 23.922  1.210   2.823   1.00 77.87  ? 18  ARG C NH1 1 
ATOM   863  N NH2 . ARG B 2 24  ? 25.049  2.743   1.526   1.00 75.95  ? 18  ARG C NH2 1 
ATOM   864  N N   . CYS B 2 25  ? 18.534  -0.336  2.156   1.00 67.52  ? 19  CYS C N   1 
ATOM   865  C CA  . CYS B 2 25  ? 18.098  -1.594  1.581   1.00 68.43  ? 19  CYS C CA  1 
ATOM   866  C C   . CYS B 2 25  ? 18.542  -1.677  0.129   1.00 70.08  ? 19  CYS C C   1 
ATOM   867  O O   . CYS B 2 25  ? 18.799  -0.653  -0.494  1.00 69.69  ? 19  CYS C O   1 
ATOM   868  C CB  . CYS B 2 25  ? 16.568  -1.714  1.661   1.00 67.79  ? 19  CYS C CB  1 
ATOM   869  S SG  . CYS B 2 25  ? 15.811  -1.478  3.300   1.00 64.63  ? 19  CYS C SG  1 
ATOM   870  N N   . LYS B 2 26  ? 18.624  -2.887  -0.414  1.00 72.58  ? 20  LYS C N   1 
ATOM   871  C CA  . LYS B 2 26  ? 18.821  -3.043  -1.852  1.00 76.72  ? 20  LYS C CA  1 
ATOM   872  C C   . LYS B 2 26  ? 17.505  -2.911  -2.618  1.00 79.62  ? 20  LYS C C   1 
ATOM   873  O O   . LYS B 2 26  ? 16.460  -3.273  -2.097  1.00 79.09  ? 20  LYS C O   1 
ATOM   874  C CB  . LYS B 2 26  ? 19.470  -4.398  -2.172  1.00 76.23  ? 20  LYS C CB  1 
ATOM   875  C CG  . LYS B 2 26  ? 20.992  -4.341  -2.378  1.00 77.89  ? 20  LYS C CG  1 
ATOM   876  C CD  . LYS B 2 26  ? 21.378  -3.924  -3.794  1.00 77.04  ? 20  LYS C CD  1 
ATOM   877  C CE  . LYS B 2 26  ? 22.774  -3.350  -3.824  1.00 77.95  ? 20  LYS C CE  1 
ATOM   878  N NZ  . LYS B 2 26  ? 23.416  -3.488  -5.166  1.00 78.68  ? 20  LYS C NZ  1 
ATOM   879  N N   A CYS B 2 27  ? 17.560  -2.378  -3.842  0.50 84.15  ? 21  CYS C N   1 
ATOM   880  N N   B CYS B 2 27  ? 17.685  -2.446  -3.848  0.50 85.63  ? 21  CYS C N   1 
ATOM   881  C CA  A CYS B 2 27  ? 16.566  -2.699  -4.879  0.50 89.11  ? 21  CYS C CA  1 
ATOM   882  C CA  B CYS B 2 27  ? 16.613  -2.583  -4.805  0.50 90.92  ? 21  CYS C CA  1 
ATOM   883  C C   A CYS B 2 27  ? 17.242  -2.984  -6.201  0.50 91.88  ? 21  CYS C C   1 
ATOM   884  C C   B CYS B 2 27  ? 17.214  -2.798  -6.159  0.50 93.23  ? 21  CYS C C   1 
ATOM   885  O O   A CYS B 2 27  ? 18.320  -2.462  -6.467  0.50 92.62  ? 21  CYS C O   1 
ATOM   886  O O   B CYS B 2 27  ? 18.023  -2.016  -6.639  0.50 94.02  ? 21  CYS C O   1 
ATOM   887  C CB  A CYS B 2 27  ? 15.505  -1.605  -5.073  0.50 89.80  ? 21  CYS C CB  1 
ATOM   888  C CB  B CYS B 2 27  ? 15.834  -1.300  -4.771  0.50 91.46  ? 21  CYS C CB  1 
ATOM   889  S SG  A CYS B 2 27  ? 15.792  -0.009  -4.306  0.50 92.66  ? 21  CYS C SG  1 
ATOM   890  S SG  B CYS B 2 27  ? 17.060  0.005   -4.855  0.50 96.93  ? 21  CYS C SG  1 
ATOM   891  N N   A HIS B 2 28  ? 16.623  -3.822  -7.026  0.50 95.67  ? 22  HIS C N   1 
ATOM   892  N N   B HIS B 2 28  ? 16.773  -3.914  -6.750  0.50 96.84  ? 22  HIS C N   1 
ATOM   893  C CA  A HIS B 2 28  ? 17.101  -4.000  -8.396  0.50 99.65  ? 22  HIS C CA  1 
ATOM   894  C CA  B HIS B 2 28  ? 17.149  -4.087  -8.144  0.50 100.52 ? 22  HIS C CA  1 
ATOM   895  C C   A HIS B 2 28  ? 15.965  -3.846  -9.405  0.50 101.66 ? 22  HIS C C   1 
ATOM   896  C C   B HIS B 2 28  ? 15.919  -3.940  -9.001  0.50 102.39 ? 22  HIS C C   1 
ATOM   897  O O   A HIS B 2 28  ? 16.049  -3.026  -10.325 0.50 102.06 ? 22  HIS C O   1 
ATOM   898  O O   B HIS B 2 28  ? 14.815  -3.954  -8.466  0.50 102.70 ? 22  HIS C O   1 
ATOM   899  C CB  A HIS B 2 28  ? 17.890  -5.310  -8.586  0.50 99.91  ? 22  HIS C CB  1 
ATOM   900  C CB  B HIS B 2 28  ? 17.922  -5.396  -8.361  0.50 100.92 ? 22  HIS C CB  1 
ATOM   901  C CG  A HIS B 2 28  ? 17.175  -6.538  -8.110  0.50 102.88 ? 22  HIS C CG  1 
ATOM   902  C CG  B HIS B 2 28  ? 17.122  -6.617  -7.972  0.50 103.54 ? 22  HIS C CG  1 
ATOM   903  N ND1 A HIS B 2 28  ? 17.197  -6.953  -6.794  0.50 105.71 ? 22  HIS C ND1 1 
ATOM   904  N ND1 B HIS B 2 28  ? 16.955  -7.035  -6.704  0.50 105.89 ? 22  HIS C ND1 1 
ATOM   905  C CD2 A HIS B 2 28  ? 16.439  -7.459  -8.780  0.50 104.55 ? 22  HIS C CD2 1 
ATOM   906  C CD2 B HIS B 2 28  ? 16.464  -7.501  -8.830  0.50 104.87 ? 22  HIS C CD2 1 
ATOM   907  C CE1 A HIS B 2 28  ? 16.494  -8.066  -6.670  0.50 105.32 ? 22  HIS C CE1 1 
ATOM   908  C CE1 B HIS B 2 28  ? 16.201  -8.175  -6.754  0.50 105.49 ? 22  HIS C CE1 1 
ATOM   909  N NE2 A HIS B 2 28  ? 16.024  -8.396  -7.861  0.50 105.45 ? 22  HIS C NE2 1 
ATOM   910  N NE2 B HIS B 2 28  ? 15.899  -8.461  -8.060  0.50 105.69 ? 22  HIS C NE2 1 
ATOM   911  N N   A HIS B 2 29  ? 14.899  -4.620  -9.222  0.50 104.15 ? 23  HIS C N   1 
ATOM   912  N N   B HIS B 2 29  ? 16.184  -3.738  -10.320 0.50 104.85 ? 23  HIS C N   1 
ATOM   913  C CA  A HIS B 2 29  ? 13.656  -4.375  -9.950  0.50 106.38 ? 23  HIS C CA  1 
ATOM   914  C CA  B HIS B 2 29  ? 15.179  -3.260  -11.269 0.50 107.12 ? 23  HIS C CA  1 
ATOM   915  C C   A HIS B 2 29  ? 12.871  -3.306  -9.183  0.50 106.74 ? 23  HIS C C   1 
ATOM   916  C C   B HIS B 2 29  ? 14.895  -1.784  -10.994 0.50 107.57 ? 23  HIS C C   1 
ATOM   917  O O   A HIS B 2 29  ? 12.624  -3.465  -7.980  0.50 106.47 ? 23  HIS C O   1 
ATOM   918  O O   B HIS B 2 29  ? 15.804  -0.993  -10.716 0.50 107.30 ? 23  HIS C O   1 
ATOM   919  C CB  A HIS B 2 29  ? 12.818  -5.662  -10.052 0.50 107.41 ? 23  HIS C CB  1 
ATOM   920  C CB  B HIS B 2 29  ? 13.861  -4.044  -11.149 0.50 107.72 ? 23  HIS C CB  1 
ATOM   921  C CG  A HIS B 2 29  ? 13.259  -6.609  -11.129 0.50 109.95 ? 23  HIS C CG  1 
ATOM   922  C CG  B HIS B 2 29  ? 13.958  -5.482  -11.562 0.50 110.91 ? 23  HIS C CG  1 
ATOM   923  N ND1 A HIS B 2 29  ? 14.080  -7.691  -10.880 0.50 112.18 ? 23  HIS C ND1 1 
ATOM   924  N ND1 B HIS B 2 29  ? 14.525  -5.882  -12.755 0.50 113.42 ? 23  HIS C ND1 1 
ATOM   925  C CD2 A HIS B 2 29  ? 12.969  -6.656  -12.452 0.50 112.24 ? 23  HIS C CD2 1 
ATOM   926  C CD2 B HIS B 2 29  ? 13.533  -6.615  -10.950 0.50 112.70 ? 23  HIS C CD2 1 
ATOM   927  C CE1 A HIS B 2 29  ? 14.290  -8.352  -12.006 0.50 113.32 ? 23  HIS C CE1 1 
ATOM   928  C CE1 B HIS B 2 29  ? 14.460  -7.200  -12.851 0.50 114.58 ? 23  HIS C CE1 1 
ATOM   929  N NE2 A HIS B 2 29  ? 13.626  -7.745  -12.975 0.50 113.83 ? 23  HIS C NE2 1 
ATOM   930  N NE2 B HIS B 2 29  ? 13.862  -7.669  -11.769 0.50 114.04 ? 23  HIS C NE2 1 
ATOM   931  N N   A HIS B 2 30  ? 12.506  -2.221  -9.878  0.50 107.36 ? 24  HIS C N   1 
ATOM   932  N N   B HIS B 2 30  ? 13.614  -1.438  -11.052 0.50 108.52 ? 24  HIS C N   1 
ATOM   933  C CA  A HIS B 2 30  ? 11.778  -1.092  -9.279  0.50 107.59 ? 24  HIS C CA  1 
ATOM   934  C CA  B HIS B 2 30  ? 13.151  -0.074  -10.833 0.50 109.22 ? 24  HIS C CA  1 
ATOM   935  C C   A HIS B 2 30  ? 12.570  -0.406  -8.157  0.50 107.30 ? 24  HIS C C   1 
ATOM   936  C C   B HIS B 2 30  ? 13.209  0.279   -9.387  0.50 108.90 ? 24  HIS C C   1 
ATOM   937  O O   A HIS B 2 30  ? 12.591  -0.901  -7.030  0.50 107.73 ? 24  HIS C O   1 
ATOM   938  O O   B HIS B 2 30  ? 12.498  -0.236  -8.534  0.50 108.38 ? 24  HIS C O   1 
ATOM   939  C CB  A HIS B 2 30  ? 10.441  -1.574  -8.706  0.50 108.17 ? 24  HIS C CB  1 
ATOM   940  C CB  B HIS B 2 30  ? 11.718  0.079   -11.359 0.50 109.77 ? 24  HIS C CB  1 
ATOM   941  C CG  A HIS B 2 30  ? 9.311   -1.573  -9.688  0.50 109.73 ? 24  HIS C CG  1 
ATOM   942  C CG  B HIS B 2 30  ? 11.414  -0.795  -12.538 0.50 112.13 ? 24  HIS C CG  1 
ATOM   943  N ND1 A HIS B 2 30  ? 8.868   -0.430  -10.318 0.50 110.50 ? 24  HIS C ND1 1 
ATOM   944  N ND1 B HIS B 2 30  ? 11.027  -0.291  -13.762 0.50 114.50 ? 24  HIS C ND1 1 
ATOM   945  C CD2 A HIS B 2 30  ? 8.507   -2.575  -10.121 0.50 110.56 ? 24  HIS C CD2 1 
ATOM   946  C CD2 B HIS B 2 30  ? 11.452  -2.143  -12.680 0.50 113.52 ? 24  HIS C CD2 1 
ATOM   947  C CE1 A HIS B 2 30  ? 7.855   -0.730  -11.112 0.50 111.21 ? 24  HIS C CE1 1 
ATOM   948  C CE1 B HIS B 2 30  ? 10.832  -1.290  -14.605 0.50 114.62 ? 24  HIS C CE1 1 
ATOM   949  N NE2 A HIS B 2 30  ? 7.615   -2.024  -11.008 0.50 111.39 ? 24  HIS C NE2 1 
ATOM   950  N NE2 B HIS B 2 30  ? 11.085  -2.424  -13.975 0.50 114.78 ? 24  HIS C NE2 1 
ATOM   951  N N   A CYS B 2 31  ? 13.199  0.731   -8.441  0.50 106.57 ? 25  CYS C N   1 
ATOM   952  N N   B CYS B 2 31  ? 14.140  1.200   -9.182  0.50 108.38 ? 25  CYS C N   1 
ATOM   953  C CA  A CYS B 2 31  ? 14.000  1.422   -7.419  0.50 106.57 ? 25  CYS C CA  1 
ATOM   954  C CA  B CYS B 2 31  ? 14.269  1.676   -7.835  0.50 108.21 ? 25  CYS C CA  1 
ATOM   955  C C   A CYS B 2 31  ? 14.138  2.923   -7.710  0.50 107.01 ? 25  CYS C C   1 
ATOM   956  C C   B CYS B 2 31  ? 14.084  3.156   -7.869  0.50 108.45 ? 25  CYS C C   1 
ATOM   957  O O   A CYS B 2 31  ? 14.501  3.306   -8.823  0.50 107.23 ? 25  CYS C O   1 
ATOM   958  O O   B CYS B 2 31  ? 14.082  3.751   -8.945  0.50 108.78 ? 25  CYS C O   1 
ATOM   959  C CB  A CYS B 2 31  ? 15.368  0.740   -7.277  0.50 105.89 ? 25  CYS C CB  1 
ATOM   960  C CB  B CYS B 2 31  ? 15.647  1.171   -7.364  0.50 107.56 ? 25  CYS C CB  1 
ATOM   961  S SG  A CYS B 2 31  ? 16.350  1.224   -5.828  0.50 104.71 ? 25  CYS C SG  1 
ATOM   962  S SG  B CYS B 2 31  ? 15.833  1.352   -5.587  0.50 107.37 ? 25  CYS C SG  1 
ATOM   963  N N   . PRO B 2 32  ? 13.870  3.772   -6.694  1.00 107.36 ? 26  PRO C N   1 
ATOM   964  C CA  . PRO B 2 32  ? 13.406  5.154   -6.852  1.00 107.99 ? 26  PRO C CA  1 
ATOM   965  C C   . PRO B 2 32  ? 14.484  6.134   -7.287  1.00 108.67 ? 26  PRO C C   1 
ATOM   966  O O   . PRO B 2 32  ? 15.642  5.999   -6.889  1.00 108.71 ? 26  PRO C O   1 
ATOM   967  C CB  . PRO B 2 32  ? 12.957  5.525   -5.436  1.00 107.87 ? 26  PRO C CB  1 
ATOM   968  C CG  . PRO B 2 32  ? 13.858  4.759   -4.568  1.00 107.23 ? 26  PRO C CG  1 
ATOM   969  C CD  . PRO B 2 32  ? 14.048  3.431   -5.273  1.00 107.49 ? 26  PRO C CD  1 
ATOM   970  N N   . GLU B 2 33  ? 14.095  7.130   -8.080  1.00 109.36 ? 27  GLU C N   1 
ATOM   971  C CA  . GLU B 2 33  ? 15.011  8.216   -8.420  1.00 109.61 ? 27  GLU C CA  1 
ATOM   972  C C   . GLU B 2 33  ? 14.899  9.421   -7.490  1.00 109.40 ? 27  GLU C C   1 
ATOM   973  O O   . GLU B 2 33  ? 14.593  10.541  -7.914  1.00 109.31 ? 27  GLU C O   1 
ATOM   974  C CB  . GLU B 2 33  ? 14.938  8.603   -9.899  1.00 109.93 ? 27  GLU C CB  1 
ATOM   975  C CG  . GLU B 2 33  ? 15.923  7.812   -10.775 1.00 111.05 ? 27  GLU C CG  1 
ATOM   976  C CD  . GLU B 2 33  ? 17.238  7.463   -10.058 1.00 111.74 ? 27  GLU C CD  1 
ATOM   977  O OE1 . GLU B 2 33  ? 17.319  7.602   -8.814  1.00 112.21 ? 27  GLU C OE1 1 
ATOM   978  O OE2 . GLU B 2 33  ? 18.198  7.043   -10.740 1.00 111.58 ? 27  GLU C OE2 1 
ATOM   979  N N   . ASP B 2 34  ? 15.103  9.136   -6.206  1.00 109.04 ? 28  ASP C N   1 
ATOM   980  C CA  . ASP B 2 34  ? 15.693  10.055  -5.242  1.00 108.54 ? 28  ASP C CA  1 
ATOM   981  C C   . ASP B 2 34  ? 16.695  9.233   -4.433  1.00 107.64 ? 28  ASP C C   1 
ATOM   982  O O   . ASP B 2 34  ? 16.825  9.407   -3.223  1.00 107.40 ? 28  ASP C O   1 
ATOM   983  C CB  . ASP B 2 34  ? 14.631  10.685  -4.321  1.00 109.18 ? 28  ASP C CB  1 
ATOM   984  C CG  . ASP B 2 34  ? 13.484  9.727   -3.975  1.00 110.99 ? 28  ASP C CG  1 
ATOM   985  O OD1 . ASP B 2 34  ? 12.956  9.053   -4.891  1.00 113.31 ? 28  ASP C OD1 1 
ATOM   986  O OD2 . ASP B 2 34  ? 13.090  9.667   -2.785  1.00 111.90 ? 28  ASP C OD2 1 
ATOM   987  N N   . SER B 2 35  ? 17.390  8.323   -5.120  1.00 106.60 ? 29  SER C N   1 
ATOM   988  C CA  . SER B 2 35  ? 18.181  7.271   -4.463  1.00 105.24 ? 29  SER C CA  1 
ATOM   989  C C   . SER B 2 35  ? 18.918  6.380   -5.467  1.00 103.69 ? 29  SER C C   1 
ATOM   990  O O   . SER B 2 35  ? 18.378  5.366   -5.923  1.00 103.24 ? 29  SER C O   1 
ATOM   991  C CB  . SER B 2 35  ? 17.278  6.380   -3.600  1.00 105.78 ? 29  SER C CB  1 
ATOM   992  O OG  . SER B 2 35  ? 16.756  5.298   -4.365  1.00 106.09 ? 29  SER C OG  1 
ATOM   993  N N   . VAL B 2 36  ? 20.158  6.743   -5.788  1.00 101.46 ? 30  VAL C N   1 
ATOM   994  C CA  . VAL B 2 36  ? 20.942  5.998   -6.774  1.00 99.09  ? 30  VAL C CA  1 
ATOM   995  C C   . VAL B 2 36  ? 21.722  4.836   -6.155  1.00 96.70  ? 30  VAL C C   1 
ATOM   996  O O   . VAL B 2 36  ? 21.709  4.638   -4.937  1.00 96.94  ? 30  VAL C O   1 
ATOM   997  C CB  . VAL B 2 36  ? 21.914  6.926   -7.557  1.00 99.64  ? 30  VAL C CB  1 
ATOM   998  C CG1 . VAL B 2 36  ? 21.136  8.025   -8.306  1.00 100.20 ? 30  VAL C CG1 1 
ATOM   999  C CG2 . VAL B 2 36  ? 22.962  7.533   -6.618  1.00 100.04 ? 30  VAL C CG2 1 
ATOM   1000 N N   . ASN B 2 37  ? 22.396  4.072   -7.013  1.00 93.38  ? 31  ASN C N   1 
ATOM   1001 C CA  . ASN B 2 37  ? 23.259  2.959   -6.596  1.00 89.73  ? 31  ASN C CA  1 
ATOM   1002 C C   . ASN B 2 37  ? 22.516  1.708   -6.098  1.00 87.12  ? 31  ASN C C   1 
ATOM   1003 O O   . ASN B 2 37  ? 23.113  0.844   -5.454  1.00 86.54  ? 31  ASN C O   1 
ATOM   1004 C CB  . ASN B 2 37  ? 24.290  3.424   -5.561  1.00 89.74  ? 31  ASN C CB  1 
ATOM   1005 C CG  . ASN B 2 37  ? 25.639  2.757   -5.742  1.00 89.31  ? 31  ASN C CG  1 
ATOM   1006 O OD1 . ASN B 2 37  ? 26.675  3.423   -5.780  1.00 87.54  ? 31  ASN C OD1 1 
ATOM   1007 N ND2 . ASN B 2 37  ? 25.632  1.432   -5.862  1.00 88.59  ? 31  ASN C ND2 1 
ATOM   1008 N N   . ASN B 2 38  ? 21.222  1.614   -6.404  1.00 83.66  ? 32  ASN C N   1 
ATOM   1009 C CA  . ASN B 2 38  ? 20.427  0.445   -6.024  1.00 80.18  ? 32  ASN C CA  1 
ATOM   1010 C C   . ASN B 2 38  ? 20.314  0.319   -4.513  1.00 77.55  ? 32  ASN C C   1 
ATOM   1011 O O   . ASN B 2 38  ? 20.299  -0.783  -3.975  1.00 76.64  ? 32  ASN C O   1 
ATOM   1012 C CB  . ASN B 2 38  ? 21.050  -0.833  -6.588  1.00 80.21  ? 32  ASN C CB  1 
ATOM   1013 C CG  . ASN B 2 38  ? 20.954  -0.913  -8.092  1.00 79.94  ? 32  ASN C CG  1 
ATOM   1014 O OD1 . ASN B 2 38  ? 19.874  -1.119  -8.644  1.00 78.97  ? 32  ASN C OD1 1 
ATOM   1015 N ND2 . ASN B 2 38  ? 22.091  -0.760  -8.769  1.00 81.04  ? 32  ASN C ND2 1 
ATOM   1016 N N   . ILE B 2 39  ? 20.269  1.460   -3.836  1.00 74.69  ? 33  ILE C N   1 
ATOM   1017 C CA  . ILE B 2 39  ? 20.112  1.491   -2.392  1.00 72.09  ? 33  ILE C CA  1 
ATOM   1018 C C   . ILE B 2 39  ? 19.025  2.497   -2.073  1.00 70.51  ? 33  ILE C C   1 
ATOM   1019 O O   . ILE B 2 39  ? 19.024  3.595   -2.632  1.00 70.37  ? 33  ILE C O   1 
ATOM   1020 C CB  . ILE B 2 39  ? 21.418  1.913   -1.680  1.00 71.85  ? 33  ILE C CB  1 
ATOM   1021 C CG1 . ILE B 2 39  ? 22.532  0.881   -1.910  1.00 71.86  ? 33  ILE C CG1 1 
ATOM   1022 C CG2 . ILE B 2 39  ? 21.176  2.119   -0.191  1.00 71.43  ? 33  ILE C CG2 1 
ATOM   1023 C CD1 . ILE B 2 39  ? 22.395  -0.383  -1.088  1.00 69.60  ? 33  ILE C CD1 1 
ATOM   1024 N N   . CYS B 2 40  ? 18.094  2.111   -1.201  1.00 68.24  ? 34  CYS C N   1 
ATOM   1025 C CA  . CYS B 2 40  ? 17.086  3.033   -0.682  1.00 67.01  ? 34  CYS C CA  1 
ATOM   1026 C C   . CYS B 2 40  ? 17.153  3.096   0.836   1.00 65.77  ? 34  CYS C C   1 
ATOM   1027 O O   . CYS B 2 40  ? 17.594  2.151   1.479   1.00 65.70  ? 34  CYS C O   1 
ATOM   1028 C CB  . CYS B 2 40  ? 15.671  2.630   -1.128  1.00 66.92  ? 34  CYS C CB  1 
ATOM   1029 S SG  . CYS B 2 40  ? 15.126  0.956   -0.633  1.00 68.40  ? 34  CYS C SG  1 
ATOM   1030 N N   . SER B 2 41  ? 16.718  4.214   1.404   1.00 64.40  ? 35  SER C N   1 
ATOM   1031 C CA  . SER B 2 41  ? 16.715  4.386   2.848   1.00 64.12  ? 35  SER C CA  1 
ATOM   1032 C C   . SER B 2 41  ? 15.286  4.451   3.364   1.00 64.31  ? 35  SER C C   1 
ATOM   1033 O O   . SER B 2 41  ? 14.401  5.003   2.703   1.00 64.00  ? 35  SER C O   1 
ATOM   1034 C CB  . SER B 2 41  ? 17.458  5.669   3.249   1.00 63.82  ? 35  SER C CB  1 
ATOM   1035 O OG  . SER B 2 41  ? 18.757  5.719   2.685   1.00 63.56  ? 35  SER C OG  1 
ATOM   1036 N N   . THR B 2 42  ? 15.069  3.923   4.561   1.00 64.45  ? 36  THR C N   1 
ATOM   1037 C CA  . THR B 2 42  ? 13.733  3.895   5.127   1.00 65.33  ? 36  THR C CA  1 
ATOM   1038 C C   . THR B 2 42  ? 13.759  3.884   6.651   1.00 66.06  ? 36  THR C C   1 
ATOM   1039 O O   . THR B 2 42  ? 14.798  3.668   7.265   1.00 65.21  ? 36  THR C O   1 
ATOM   1040 C CB  . THR B 2 42  ? 12.928  2.690   4.597   1.00 65.47  ? 36  THR C CB  1 
ATOM   1041 O OG1 . THR B 2 42  ? 11.543  2.833   4.934   1.00 64.36  ? 36  THR C OG1 1 
ATOM   1042 C CG2 . THR B 2 42  ? 13.490  1.373   5.151   1.00 66.12  ? 36  THR C CG2 1 
ATOM   1043 N N   . ASP B 2 43  ? 12.593  4.125   7.238   1.00 67.47  ? 37  ASP C N   1 
ATOM   1044 C CA  . ASP B 2 43  ? 12.387  4.007   8.677   1.00 68.57  ? 37  ASP C CA  1 
ATOM   1045 C C   . ASP B 2 43  ? 11.673  2.686   8.962   1.00 68.03  ? 37  ASP C C   1 
ATOM   1046 O O   . ASP B 2 43  ? 11.366  2.375   10.110  1.00 69.50  ? 37  ASP C O   1 
ATOM   1047 C CB  . ASP B 2 43  ? 11.517  5.168   9.190   1.00 68.49  ? 37  ASP C CB  1 
ATOM   1048 C CG  . ASP B 2 43  ? 10.097  5.158   8.589   1.00 73.91  ? 37  ASP C CG  1 
ATOM   1049 O OD1 . ASP B 2 43  ? 9.842   4.423   7.595   1.00 73.15  ? 37  ASP C OD1 1 
ATOM   1050 O OD2 . ASP B 2 43  ? 9.226   5.892   9.113   1.00 77.73  ? 37  ASP C OD2 1 
ATOM   1051 N N   . GLY B 2 44  ? 11.393  1.912   7.922   1.00 67.05  ? 38  GLY C N   1 
ATOM   1052 C CA  . GLY B 2 44  ? 10.685  0.662   8.115   1.00 64.88  ? 38  GLY C CA  1 
ATOM   1053 C C   . GLY B 2 44  ? 11.556  -0.562  7.927   1.00 65.23  ? 38  GLY C C   1 
ATOM   1054 O O   . GLY B 2 44  ? 12.344  -0.923  8.797   1.00 64.56  ? 38  GLY C O   1 
ATOM   1055 N N   . TYR B 2 45  ? 11.409  -1.188  6.763   1.00 65.18  ? 39  TYR C N   1 
ATOM   1056 C CA  . TYR B 2 45  ? 11.855  -2.548  6.532   1.00 65.16  ? 39  TYR C CA  1 
ATOM   1057 C C   . TYR B 2 45  ? 12.420  -2.657  5.143   1.00 64.55  ? 39  TYR C C   1 
ATOM   1058 O O   . TYR B 2 45  ? 11.957  -1.996  4.227   1.00 64.48  ? 39  TYR C O   1 
ATOM   1059 C CB  . TYR B 2 45  ? 10.664  -3.505  6.609   1.00 66.12  ? 39  TYR C CB  1 
ATOM   1060 C CG  . TYR B 2 45  ? 10.154  -3.660  8.001   1.00 68.50  ? 39  TYR C CG  1 
ATOM   1061 C CD1 . TYR B 2 45  ? 9.148   -2.831  8.491   1.00 70.31  ? 39  TYR C CD1 1 
ATOM   1062 C CD2 . TYR B 2 45  ? 10.707  -4.601  8.846   1.00 67.81  ? 39  TYR C CD2 1 
ATOM   1063 C CE1 . TYR B 2 45  ? 8.692   -2.962  9.792   1.00 68.75  ? 39  TYR C CE1 1 
ATOM   1064 C CE2 . TYR B 2 45  ? 10.265  -4.735  10.143  1.00 70.80  ? 39  TYR C CE2 1 
ATOM   1065 C CZ  . TYR B 2 45  ? 9.262   -3.917  10.607  1.00 69.51  ? 39  TYR C CZ  1 
ATOM   1066 O OH  . TYR B 2 45  ? 8.841   -4.072  11.903  1.00 70.54  ? 39  TYR C OH  1 
ATOM   1067 N N   . CYS B 2 46  ? 13.413  -3.517  4.991   1.00 63.86  ? 40  CYS C N   1 
ATOM   1068 C CA  . CYS B 2 46  ? 13.800  -3.992  3.689   1.00 62.74  ? 40  CYS C CA  1 
ATOM   1069 C C   . CYS B 2 46  ? 12.888  -5.157  3.320   1.00 62.54  ? 40  CYS C C   1 
ATOM   1070 O O   . CYS B 2 46  ? 12.468  -5.916  4.187   1.00 63.11  ? 40  CYS C O   1 
ATOM   1071 C CB  . CYS B 2 46  ? 15.260  -4.434  3.726   1.00 61.17  ? 40  CYS C CB  1 
ATOM   1072 S SG  . CYS B 2 46  ? 16.348  -3.137  4.353   1.00 65.13  ? 40  CYS C SG  1 
ATOM   1073 N N   . PHE B 2 47  ? 12.602  -5.318  2.033   1.00 61.27  ? 41  PHE C N   1 
ATOM   1074 C CA  . PHE B 2 47  ? 11.799  -6.440  1.592   1.00 60.88  ? 41  PHE C CA  1 
ATOM   1075 C C   . PHE B 2 47  ? 12.397  -7.063  0.336   1.00 61.28  ? 41  PHE C C   1 
ATOM   1076 O O   . PHE B 2 47  ? 13.070  -6.388  -0.448  1.00 61.42  ? 41  PHE C O   1 
ATOM   1077 C CB  . PHE B 2 47  ? 10.355  -6.008  1.331   1.00 60.08  ? 41  PHE C CB  1 
ATOM   1078 C CG  . PHE B 2 47  ? 10.150  -5.380  -0.022  1.00 59.92  ? 41  PHE C CG  1 
ATOM   1079 C CD1 . PHE B 2 47  ? 9.966   -6.160  -1.148  1.00 58.99  ? 41  PHE C CD1 1 
ATOM   1080 C CD2 . PHE B 2 47  ? 10.152  -4.012  -0.175  1.00 58.51  ? 41  PHE C CD2 1 
ATOM   1081 C CE1 . PHE B 2 47  ? 9.783   -5.581  -2.405  1.00 58.28  ? 41  PHE C CE1 1 
ATOM   1082 C CE2 . PHE B 2 47  ? 9.977   -3.434  -1.439  1.00 57.29  ? 41  PHE C CE2 1 
ATOM   1083 C CZ  . PHE B 2 47  ? 9.800   -4.221  -2.546  1.00 58.85  ? 41  PHE C CZ  1 
ATOM   1084 N N   . THR B 2 48  ? 12.164  -8.360  0.170   1.00 62.16  ? 42  THR C N   1 
ATOM   1085 C CA  . THR B 2 48  ? 12.356  -9.040  -1.104  1.00 63.39  ? 42  THR C CA  1 
ATOM   1086 C C   . THR B 2 48  ? 11.034  -9.735  -1.394  1.00 64.52  ? 42  THR C C   1 
ATOM   1087 O O   . THR B 2 48  ? 10.404  -10.262 -0.479  1.00 64.46  ? 42  THR C O   1 
ATOM   1088 C CB  . THR B 2 48  ? 13.494  -10.078 -1.018  1.00 62.80  ? 42  THR C CB  1 
ATOM   1089 O OG1 . THR B 2 48  ? 14.687  -9.430  -0.570  1.00 65.43  ? 42  THR C OG1 1 
ATOM   1090 C CG2 . THR B 2 48  ? 13.769  -10.721 -2.369  1.00 62.76  ? 42  THR C CG2 1 
ATOM   1091 N N   . MET B 2 49  ? 10.608  -9.704  -2.657  1.00 66.45  ? 43  MET C N   1 
ATOM   1092 C CA  . MET B 2 49  ? 9.396   -10.379 -3.089  1.00 66.95  ? 43  MET C CA  1 
ATOM   1093 C C   . MET B 2 49  ? 9.693   -11.228 -4.313  1.00 68.89  ? 43  MET C C   1 
ATOM   1094 O O   . MET B 2 49  ? 10.489  -10.829 -5.168  1.00 69.83  ? 43  MET C O   1 
ATOM   1095 C CB  . MET B 2 49  ? 8.311   -9.356  -3.428  1.00 66.31  ? 43  MET C CB  1 
ATOM   1096 C CG  . MET B 2 49  ? 7.019   -9.951  -3.992  1.00 66.54  ? 43  MET C CG  1 
ATOM   1097 S SD  . MET B 2 49  ? 5.734   -8.671  -4.146  1.00 66.87  ? 43  MET C SD  1 
ATOM   1098 C CE  . MET B 2 49  ? 6.324   -7.855  -5.620  1.00 66.65  ? 43  MET C CE  1 
ATOM   1099 N N   . ILE B 2 50  ? 9.063   -12.400 -4.391  1.00 69.33  ? 44  ILE C N   1 
ATOM   1100 C CA  . ILE B 2 50  ? 9.062   -13.188 -5.606  1.00 70.61  ? 44  ILE C CA  1 
ATOM   1101 C C   . ILE B 2 50  ? 7.649   -13.262 -6.173  1.00 72.39  ? 44  ILE C C   1 
ATOM   1102 O O   . ILE B 2 50  ? 6.677   -13.393 -5.436  1.00 70.67  ? 44  ILE C O   1 
ATOM   1103 C CB  . ILE B 2 50  ? 9.661   -14.593 -5.384  1.00 70.05  ? 44  ILE C CB  1 
ATOM   1104 C CG1 . ILE B 2 50  ? 9.903   -15.298 -6.715  1.00 69.96  ? 44  ILE C CG1 1 
ATOM   1105 C CG2 . ILE B 2 50  ? 8.770   -15.452 -4.485  1.00 69.98  ? 44  ILE C CG2 1 
ATOM   1106 C CD1 . ILE B 2 50  ? 10.563  -16.632 -6.550  1.00 67.17  ? 44  ILE C CD1 1 
ATOM   1107 N N   . GLU B 2 51  ? 7.556   -13.161 -7.494  1.00 76.60  ? 45  GLU C N   1 
ATOM   1108 C CA  . GLU B 2 51  ? 6.290   -13.018 -8.197  1.00 81.37  ? 45  GLU C CA  1 
ATOM   1109 C C   . GLU B 2 51  ? 6.352   -13.820 -9.495  1.00 84.87  ? 45  GLU C C   1 
ATOM   1110 O O   . GLU B 2 51  ? 7.381   -13.828 -10.178 1.00 85.14  ? 45  GLU C O   1 
ATOM   1111 C CB  . GLU B 2 51  ? 6.053   -11.543 -8.528  1.00 81.21  ? 45  GLU C CB  1 
ATOM   1112 C CG  . GLU B 2 51  ? 4.601   -11.147 -8.713  1.00 83.78  ? 45  GLU C CG  1 
ATOM   1113 C CD  . GLU B 2 51  ? 4.369   -9.665  -8.451  1.00 88.68  ? 45  GLU C CD  1 
ATOM   1114 O OE1 . GLU B 2 51  ? 5.351   -8.887  -8.504  1.00 91.00  ? 45  GLU C OE1 1 
ATOM   1115 O OE2 . GLU B 2 51  ? 3.210   -9.277  -8.181  1.00 88.72  ? 45  GLU C OE2 1 
ATOM   1116 N N   . GLU B 2 52  ? 5.259   -14.500 -9.828  1.00 89.26  ? 46  GLU C N   1 
ATOM   1117 C CA  . GLU B 2 52  ? 5.132   -15.166 -11.124 1.00 93.07  ? 46  GLU C CA  1 
ATOM   1118 C C   . GLU B 2 52  ? 4.444   -14.262 -12.137 1.00 95.28  ? 46  GLU C C   1 
ATOM   1119 O O   . GLU B 2 52  ? 3.214   -14.191 -12.180 1.00 95.59  ? 46  GLU C O   1 
ATOM   1120 C CB  . GLU B 2 52  ? 4.345   -16.470 -10.995 1.00 93.30  ? 46  GLU C CB  1 
ATOM   1121 C CG  . GLU B 2 52  ? 5.159   -17.716 -11.324 1.00 95.83  ? 46  GLU C CG  1 
ATOM   1122 C CD  . GLU B 2 52  ? 4.292   -18.919 -11.673 1.00 97.99  ? 46  GLU C CD  1 
ATOM   1123 O OE1 . GLU B 2 52  ? 4.861   -19.998 -11.939 1.00 98.35  ? 46  GLU C OE1 1 
ATOM   1124 O OE2 . GLU B 2 52  ? 3.048   -18.789 -11.681 1.00 99.16  ? 46  GLU C OE2 1 
ATOM   1125 N N   . ASP B 2 53  ? 5.246   -13.565 -12.939 1.00 98.20  ? 47  ASP C N   1 
ATOM   1126 C CA  . ASP B 2 53  ? 4.729   -12.781 -14.060 1.00 101.21 ? 47  ASP C CA  1 
ATOM   1127 C C   . ASP B 2 53  ? 3.972   -13.709 -15.004 1.00 102.24 ? 47  ASP C C   1 
ATOM   1128 O O   . ASP B 2 53  ? 4.291   -14.898 -15.104 1.00 102.71 ? 47  ASP C O   1 
ATOM   1129 C CB  . ASP B 2 53  ? 5.872   -12.080 -14.813 1.00 101.80 ? 47  ASP C CB  1 
ATOM   1130 C CG  . ASP B 2 53  ? 7.077   -12.996 -15.047 1.00 104.94 ? 47  ASP C CG  1 
ATOM   1131 O OD1 . ASP B 2 53  ? 7.389   -13.815 -14.146 1.00 107.43 ? 47  ASP C OD1 1 
ATOM   1132 O OD2 . ASP B 2 53  ? 7.717   -12.896 -16.124 1.00 106.65 ? 47  ASP C OD2 1 
ATOM   1133 N N   . ASP B 2 54  ? 2.968   -13.166 -15.686 1.00 103.25 ? 48  ASP C N   1 
ATOM   1134 C CA  . ASP B 2 54  ? 2.128   -13.959 -16.584 1.00 104.19 ? 48  ASP C CA  1 
ATOM   1135 C C   . ASP B 2 54  ? 2.929   -14.999 -17.381 1.00 104.05 ? 48  ASP C C   1 
ATOM   1136 O O   . ASP B 2 54  ? 2.421   -16.088 -17.679 1.00 104.09 ? 48  ASP C O   1 
ATOM   1137 C CB  . ASP B 2 54  ? 1.343   -13.041 -17.526 1.00 104.81 ? 48  ASP C CB  1 
ATOM   1138 C CG  . ASP B 2 54  ? 0.919   -11.749 -16.854 1.00 106.23 ? 48  ASP C CG  1 
ATOM   1139 O OD1 . ASP B 2 54  ? 1.776   -10.848 -16.701 1.00 107.01 ? 48  ASP C OD1 1 
ATOM   1140 O OD2 . ASP B 2 54  ? -0.269  -11.641 -16.472 1.00 107.83 ? 48  ASP C OD2 1 
ATOM   1141 N N   . SER B 2 55  ? 4.172   -14.659 -17.723 1.00 103.48 ? 49  SER C N   1 
ATOM   1142 C CA  . SER B 2 55  ? 5.115   -15.633 -18.271 1.00 102.68 ? 49  SER C CA  1 
ATOM   1143 C C   . SER B 2 55  ? 5.153   -16.880 -17.385 1.00 101.67 ? 49  SER C C   1 
ATOM   1144 O O   . SER B 2 55  ? 4.931   -18.003 -17.854 1.00 101.77 ? 49  SER C O   1 
ATOM   1145 C CB  . SER B 2 55  ? 6.525   -15.032 -18.361 1.00 103.20 ? 49  SER C CB  1 
ATOM   1146 O OG  . SER B 2 55  ? 6.721   -14.324 -19.577 1.00 104.28 ? 49  SER C OG  1 
ATOM   1147 N N   . GLY B 2 56  ? 5.430   -16.671 -16.098 1.00 99.71  ? 50  GLY C N   1 
ATOM   1148 C CA  . GLY B 2 56  ? 5.516   -17.767 -15.143 1.00 97.21  ? 50  GLY C CA  1 
ATOM   1149 C C   . GLY B 2 56  ? 6.946   -18.048 -14.728 1.00 95.46  ? 50  GLY C C   1 
ATOM   1150 O O   . GLY B 2 56  ? 7.252   -19.119 -14.200 1.00 95.30  ? 50  GLY C O   1 
ATOM   1151 N N   . MET B 2 57  ? 7.829   -17.085 -14.982 1.00 93.56  ? 51  MET C N   1 
ATOM   1152 C CA  . MET B 2 57  ? 9.188   -17.146 -14.462 1.00 91.44  ? 51  MET C CA  1 
ATOM   1153 C C   . MET B 2 57  ? 9.225   -16.406 -13.124 1.00 89.56  ? 51  MET C C   1 
ATOM   1154 O O   . MET B 2 57  ? 8.622   -15.341 -12.977 1.00 89.41  ? 51  MET C O   1 
ATOM   1155 C CB  . MET B 2 57  ? 10.194  -16.524 -15.445 1.00 91.68  ? 51  MET C CB  1 
ATOM   1156 C CG  . MET B 2 57  ? 9.639   -16.180 -16.831 1.00 92.11  ? 51  MET C CG  1 
ATOM   1157 S SD  . MET B 2 57  ? 9.394   -17.577 -17.956 1.00 94.36  ? 51  MET C SD  1 
ATOM   1158 C CE  . MET B 2 57  ? 11.073  -17.942 -18.478 1.00 93.19  ? 51  MET C CE  1 
ATOM   1159 N N   . PRO B 2 58  ? 9.928   -16.966 -12.135 1.00 87.47  ? 52  PRO C N   1 
ATOM   1160 C CA  . PRO B 2 58  ? 10.084  -16.193 -10.915 1.00 85.72  ? 52  PRO C CA  1 
ATOM   1161 C C   . PRO B 2 58  ? 10.718  -14.847 -11.241 1.00 83.81  ? 52  PRO C C   1 
ATOM   1162 O O   . PRO B 2 58  ? 11.828  -14.800 -11.773 1.00 83.70  ? 52  PRO C O   1 
ATOM   1163 C CB  . PRO B 2 58  ? 11.040  -17.045 -10.069 1.00 85.77  ? 52  PRO C CB  1 
ATOM   1164 C CG  . PRO B 2 58  ? 11.657  -18.023 -11.028 1.00 86.82  ? 52  PRO C CG  1 
ATOM   1165 C CD  . PRO B 2 58  ? 10.614  -18.265 -12.067 1.00 87.63  ? 52  PRO C CD  1 
ATOM   1166 N N   . VAL B 2 59  ? 10.001  -13.766 -10.950 1.00 81.27  ? 53  VAL C N   1 
ATOM   1167 C CA  . VAL B 2 59  ? 10.549  -12.418 -11.055 1.00 78.71  ? 53  VAL C CA  1 
ATOM   1168 C C   . VAL B 2 59  ? 10.688  -11.846 -9.659  1.00 76.99  ? 53  VAL C C   1 
ATOM   1169 O O   . VAL B 2 59  ? 9.688   -11.531 -9.014  1.00 76.66  ? 53  VAL C O   1 
ATOM   1170 C CB  . VAL B 2 59  ? 9.627   -11.498 -11.872 1.00 78.84  ? 53  VAL C CB  1 
ATOM   1171 C CG1 . VAL B 2 59  ? 9.847   -10.040 -11.492 1.00 77.40  ? 53  VAL C CG1 1 
ATOM   1172 C CG2 . VAL B 2 59  ? 9.852   -11.718 -13.359 1.00 79.24  ? 53  VAL C CG2 1 
ATOM   1173 N N   . VAL B 2 60  ? 11.924  -11.727 -9.182  1.00 74.76  ? 54  VAL C N   1 
ATOM   1174 C CA  . VAL B 2 60  ? 12.159  -11.209 -7.838  1.00 72.54  ? 54  VAL C CA  1 
ATOM   1175 C C   . VAL B 2 60  ? 12.454  -9.705  -7.786  1.00 71.66  ? 54  VAL C C   1 
ATOM   1176 O O   . VAL B 2 60  ? 13.190  -9.175  -8.616  1.00 70.63  ? 54  VAL C O   1 
ATOM   1177 C CB  . VAL B 2 60  ? 13.244  -11.992 -7.087  1.00 72.21  ? 54  VAL C CB  1 
ATOM   1178 C CG1 . VAL B 2 60  ? 14.058  -12.830 -8.039  1.00 74.38  ? 54  VAL C CG1 1 
ATOM   1179 C CG2 . VAL B 2 60  ? 14.127  -11.045 -6.291  1.00 72.29  ? 54  VAL C CG2 1 
ATOM   1180 N N   . THR B 2 61  ? 11.856  -9.026  -6.804  1.00 69.72  ? 55  THR C N   1 
ATOM   1181 C CA  . THR B 2 61  ? 12.111  -7.606  -6.578  1.00 68.25  ? 55  THR C CA  1 
ATOM   1182 C C   . THR B 2 61  ? 12.466  -7.347  -5.119  1.00 66.83  ? 55  THR C C   1 
ATOM   1183 O O   . THR B 2 61  ? 12.257  -8.203  -4.269  1.00 67.11  ? 55  THR C O   1 
ATOM   1184 C CB  . THR B 2 61  ? 10.911  -6.725  -6.991  1.00 68.41  ? 55  THR C CB  1 
ATOM   1185 O OG1 . THR B 2 61  ? 9.731   -7.134  -6.283  1.00 67.94  ? 55  THR C OG1 1 
ATOM   1186 C CG2 . THR B 2 61  ? 10.665  -6.823  -8.498  1.00 68.89  ? 55  THR C CG2 1 
ATOM   1187 N N   . SER B 2 62  ? 13.007  -6.162  -4.838  1.00 66.53  ? 56  SER C N   1 
ATOM   1188 C CA  . SER B 2 62  ? 13.441  -5.806  -3.489  1.00 65.98  ? 56  SER C CA  1 
ATOM   1189 C C   . SER B 2 62  ? 13.475  -4.293  -3.286  1.00 65.33  ? 56  SER C C   1 
ATOM   1190 O O   . SER B 2 62  ? 13.652  -3.525  -4.238  1.00 64.85  ? 56  SER C O   1 
ATOM   1191 C CB  . SER B 2 62  ? 14.818  -6.393  -3.212  1.00 66.67  ? 56  SER C CB  1 
ATOM   1192 O OG  . SER B 2 62  ? 15.748  -5.897  -4.153  1.00 70.00  ? 56  SER C OG  1 
ATOM   1193 N N   . GLY B 2 63  ? 13.294  -3.858  -2.046  1.00 64.06  ? 57  GLY C N   1 
ATOM   1194 C CA  . GLY B 2 63  ? 13.345  -2.438  -1.761  1.00 62.79  ? 57  GLY C CA  1 
ATOM   1195 C C   . GLY B 2 63  ? 13.025  -2.126  -0.325  1.00 62.71  ? 57  GLY C C   1 
ATOM   1196 O O   . GLY B 2 63  ? 13.282  -2.934  0.559   1.00 61.79  ? 57  GLY C O   1 
ATOM   1197 N N   . CYS B 2 64  ? 12.472  -0.934  -0.109  1.00 62.00  ? 58  CYS C N   1 
ATOM   1198 C CA  . CYS B 2 64  ? 12.163  -0.403  1.209   1.00 62.55  ? 58  CYS C CA  1 
ATOM   1199 C C   . CYS B 2 64  ? 10.658  -0.263  1.377   1.00 62.89  ? 58  CYS C C   1 
ATOM   1200 O O   . CYS B 2 64  ? 9.986   0.274   0.487   1.00 60.59  ? 58  CYS C O   1 
ATOM   1201 C CB  . CYS B 2 64  ? 12.734  1.025   1.330   1.00 61.62  ? 58  CYS C CB  1 
ATOM   1202 S SG  . CYS B 2 64  ? 14.540  1.158   1.330   1.00 66.48  ? 58  CYS C SG  1 
ATOM   1203 N N   . LEU B 2 65  ? 10.156  -0.676  2.544   1.00 62.87  ? 59  LEU C N   1 
ATOM   1204 C CA  . LEU B 2 65  ? 8.770   -0.418  2.964   1.00 63.76  ? 59  LEU C CA  1 
ATOM   1205 C C   . LEU B 2 65  ? 8.790   0.521   4.163   1.00 63.43  ? 59  LEU C C   1 
ATOM   1206 O O   . LEU B 2 65  ? 9.637   0.390   5.029   1.00 65.36  ? 59  LEU C O   1 
ATOM   1207 C CB  . LEU B 2 65  ? 8.088   -1.717  3.400   1.00 64.47  ? 59  LEU C CB  1 
ATOM   1208 C CG  . LEU B 2 65  ? 8.026   -2.842  2.383   1.00 66.12  ? 59  LEU C CG  1 
ATOM   1209 C CD1 . LEU B 2 65  ? 7.127   -3.948  2.896   1.00 69.03  ? 59  LEU C CD1 1 
ATOM   1210 C CD2 . LEU B 2 65  ? 7.512   -2.325  1.056   1.00 68.05  ? 59  LEU C CD2 1 
ATOM   1211 N N   . GLY B 2 66  ? 7.869   1.469   4.226   1.00 63.37  ? 60  GLY C N   1 
ATOM   1212 C CA  . GLY B 2 66  ? 7.820   2.369   5.369   1.00 62.95  ? 60  GLY C CA  1 
ATOM   1213 C C   . GLY B 2 66  ? 7.234   1.641   6.568   1.00 62.64  ? 60  GLY C C   1 
ATOM   1214 O O   . GLY B 2 66  ? 6.738   0.501   6.460   1.00 61.71  ? 60  GLY C O   1 
ATOM   1215 N N   . LEU B 2 67  ? 7.264   2.319   7.701   1.00 60.64  ? 61  LEU C N   1 
ATOM   1216 C CA  . LEU B 2 67  ? 6.738   1.794   8.943   1.00 60.92  ? 61  LEU C CA  1 
ATOM   1217 C C   . LEU B 2 67  ? 5.215   1.602   8.905   1.00 60.25  ? 61  LEU C C   1 
ATOM   1218 O O   . LEU B 2 67  ? 4.736   0.511   9.186   1.00 61.32  ? 61  LEU C O   1 
ATOM   1219 C CB  . LEU B 2 67  ? 7.127   2.728   10.105  1.00 60.54  ? 61  LEU C CB  1 
ATOM   1220 C CG  . LEU B 2 67  ? 7.319   2.047   11.448  1.00 64.13  ? 61  LEU C CG  1 
ATOM   1221 C CD1 . LEU B 2 67  ? 5.998   1.461   11.944  1.00 69.29  ? 61  LEU C CD1 1 
ATOM   1222 C CD2 . LEU B 2 67  ? 8.374   0.959   11.337  1.00 63.88  ? 61  LEU C CD2 1 
ATOM   1223 N N   . GLU B 2 68  ? 4.456   2.643   8.569   1.00 59.30  ? 62  GLU C N   1 
ATOM   1224 C CA  . GLU B 2 68  ? 2.996   2.517   8.493   1.00 59.75  ? 62  GLU C CA  1 
ATOM   1225 C C   . GLU B 2 68  ? 2.617   1.548   7.388   1.00 61.12  ? 62  GLU C C   1 
ATOM   1226 O O   . GLU B 2 68  ? 3.115   1.662   6.266   1.00 62.08  ? 62  GLU C O   1 
ATOM   1227 C CB  . GLU B 2 68  ? 2.304   3.872   8.246   1.00 59.33  ? 62  GLU C CB  1 
ATOM   1228 C CG  . GLU B 2 68  ? 0.770   3.798   8.410   1.00 59.09  ? 62  GLU C CG  1 
ATOM   1229 C CD  . GLU B 2 68  ? 0.039   5.130   8.351   1.00 60.08  ? 62  GLU C CD  1 
ATOM   1230 O OE1 . GLU B 2 68  ? 0.670   6.191   8.552   1.00 63.02  ? 62  GLU C OE1 1 
ATOM   1231 O OE2 . GLU B 2 68  ? -1.197  5.123   8.141   1.00 58.49  ? 62  GLU C OE2 1 
ATOM   1232 N N   . GLY B 2 69  ? 1.751   0.588   7.695   1.00 61.52  ? 63  GLY C N   1 
ATOM   1233 C CA  . GLY B 2 69  ? 1.293   -0.371  6.688   1.00 61.71  ? 63  GLY C CA  1 
ATOM   1234 C C   . GLY B 2 69  ? 2.083   -1.665  6.679   1.00 62.29  ? 63  GLY C C   1 
ATOM   1235 O O   . GLY B 2 69  ? 1.668   -2.659  6.089   1.00 64.20  ? 63  GLY C O   1 
ATOM   1236 N N   . SER B 2 70  ? 3.232   -1.674  7.332   1.00 63.41  ? 64  SER C N   1 
ATOM   1237 C CA  . SER B 2 70  ? 4.151   -2.803  7.214   1.00 63.88  ? 64  SER C CA  1 
ATOM   1238 C C   . SER B 2 70  ? 3.653   -4.114  7.854   1.00 63.68  ? 64  SER C C   1 
ATOM   1239 O O   . SER B 2 70  ? 3.949   -5.203  7.345   1.00 64.42  ? 64  SER C O   1 
ATOM   1240 C CB  . SER B 2 70  ? 5.546   -2.417  7.714   1.00 65.08  ? 64  SER C CB  1 
ATOM   1241 O OG  . SER B 2 70  ? 5.516   -2.017  9.082   1.00 66.49  ? 64  SER C OG  1 
ATOM   1242 N N   . ASP B 2 71  ? 2.896   -4.024  8.946   1.00 63.08  ? 65  ASP C N   1 
ATOM   1243 C CA  . ASP B 2 71  ? 2.224   -5.197  9.513   1.00 62.77  ? 65  ASP C CA  1 
ATOM   1244 C C   . ASP B 2 71  ? 1.419   -5.913  8.440   1.00 63.13  ? 65  ASP C C   1 
ATOM   1245 O O   . ASP B 2 71  ? 1.323   -7.134  8.447   1.00 62.90  ? 65  ASP C O   1 
ATOM   1246 C CB  . ASP B 2 71  ? 1.276   -4.798  10.642  1.00 62.88  ? 65  ASP C CB  1 
ATOM   1247 C CG  . ASP B 2 71  ? 2.000   -4.460  11.936  1.00 62.81  ? 65  ASP C CG  1 
ATOM   1248 O OD1 . ASP B 2 71  ? 3.247   -4.450  11.935  1.00 66.27  ? 65  ASP C OD1 1 
ATOM   1249 O OD2 . ASP B 2 71  ? 1.331   -4.214  12.964  1.00 63.58  ? 65  ASP C OD2 1 
ATOM   1250 N N   . PHE B 2 72  ? 0.835   -5.145  7.521   1.00 62.99  ? 66  PHE C N   1 
ATOM   1251 C CA  . PHE B 2 72  ? -0.034  -5.708  6.486   1.00 63.61  ? 66  PHE C CA  1 
ATOM   1252 C C   . PHE B 2 72  ? 0.731   -6.083  5.213   1.00 64.82  ? 66  PHE C C   1 
ATOM   1253 O O   . PHE B 2 72  ? 0.333   -7.012  4.491   1.00 67.76  ? 66  PHE C O   1 
ATOM   1254 C CB  . PHE B 2 72  ? -1.183  -4.764  6.156   1.00 60.77  ? 66  PHE C CB  1 
ATOM   1255 C CG  . PHE B 2 72  ? -1.986  -4.360  7.351   1.00 59.96  ? 66  PHE C CG  1 
ATOM   1256 C CD1 . PHE B 2 72  ? -2.578  -5.319  8.160   1.00 53.97  ? 66  PHE C CD1 1 
ATOM   1257 C CD2 . PHE B 2 72  ? -2.154  -3.022  7.671   1.00 54.16  ? 66  PHE C CD2 1 
ATOM   1258 C CE1 . PHE B 2 72  ? -3.332  -4.949  9.264   1.00 54.96  ? 66  PHE C CE1 1 
ATOM   1259 C CE2 . PHE B 2 72  ? -2.901  -2.649  8.769   1.00 55.84  ? 66  PHE C CE2 1 
ATOM   1260 C CZ  . PHE B 2 72  ? -3.489  -3.616  9.573   1.00 56.48  ? 66  PHE C CZ  1 
ATOM   1261 N N   . GLN B 2 73  ? 1.821   -5.378  4.931   1.00 64.51  ? 67  GLN C N   1 
ATOM   1262 C CA  . GLN B 2 73  ? 2.589   -5.673  3.722   1.00 65.43  ? 67  GLN C CA  1 
ATOM   1263 C C   . GLN B 2 73  ? 3.619   -6.768  3.936   1.00 66.84  ? 67  GLN C C   1 
ATOM   1264 O O   . GLN B 2 73  ? 3.950   -7.491  3.009   1.00 69.02  ? 67  GLN C O   1 
ATOM   1265 C CB  . GLN B 2 73  ? 3.247   -4.417  3.143   1.00 64.19  ? 67  GLN C CB  1 
ATOM   1266 C CG  . GLN B 2 73  ? 2.229   -3.440  2.648   1.00 60.65  ? 67  GLN C CG  1 
ATOM   1267 C CD  . GLN B 2 73  ? 2.803   -2.379  1.769   1.00 61.38  ? 67  GLN C CD  1 
ATOM   1268 O OE1 . GLN B 2 73  ? 2.498   -2.333  0.578   1.00 64.59  ? 67  GLN C OE1 1 
ATOM   1269 N NE2 . GLN B 2 73  ? 3.599   -1.473  2.349   1.00 61.82  ? 67  GLN C NE2 1 
ATOM   1270 N N   . CYS B 2 74  ? 4.117   -6.908  5.151   1.00 68.22  ? 68  CYS C N   1 
ATOM   1271 C CA  . CYS B 2 74  ? 5.175   -7.873  5.413   1.00 69.69  ? 68  CYS C CA  1 
ATOM   1272 C C   . CYS B 2 74  ? 4.650   -9.281  5.674   1.00 69.96  ? 68  CYS C C   1 
ATOM   1273 O O   . CYS B 2 74  ? 5.294   -10.070 6.341   1.00 70.61  ? 68  CYS C O   1 
ATOM   1274 C CB  . CYS B 2 74  ? 6.043   -7.405  6.576   1.00 69.74  ? 68  CYS C CB  1 
ATOM   1275 S SG  . CYS B 2 74  ? 7.078   -5.988  6.118   1.00 73.22  ? 68  CYS C SG  1 
ATOM   1276 N N   . ARG B 2 75  ? 3.468   -9.581  5.171   1.00 70.65  ? 69  ARG C N   1 
ATOM   1277 C CA  . ARG B 2 75  ? 2.990   -10.947 5.144   1.00 72.59  ? 69  ARG C CA  1 
ATOM   1278 C C   . ARG B 2 75  ? 2.221   -11.228 3.849   1.00 73.84  ? 69  ARG C C   1 
ATOM   1279 O O   . ARG B 2 75  ? 1.783   -10.307 3.154   1.00 75.58  ? 69  ARG C O   1 
ATOM   1280 C CB  . ARG B 2 75  ? 2.123   -11.216 6.358   1.00 71.90  ? 69  ARG C CB  1 
ATOM   1281 C CG  . ARG B 2 75  ? 0.940   -10.322 6.477   1.00 72.42  ? 69  ARG C CG  1 
ATOM   1282 C CD  . ARG B 2 75  ? 0.651   -10.069 7.930   1.00 74.50  ? 69  ARG C CD  1 
ATOM   1283 N NE  . ARG B 2 75  ? 1.063   -11.190 8.766   1.00 79.12  ? 69  ARG C NE  1 
ATOM   1284 C CZ  . ARG B 2 75  ? 1.577   -11.056 9.985   1.00 81.11  ? 69  ARG C CZ  1 
ATOM   1285 N NH1 . ARG B 2 75  ? 1.747   -9.846  10.507  1.00 83.76  ? 69  ARG C NH1 1 
ATOM   1286 N NH2 . ARG B 2 75  ? 1.926   -12.124 10.683  1.00 81.54  ? 69  ARG C NH2 1 
ATOM   1287 N N   . ASP B 2 76  ? 2.052   -12.496 3.518   1.00 74.28  ? 70  ASP C N   1 
ATOM   1288 C CA  . ASP B 2 76  ? 1.390   -12.858 2.269   1.00 75.43  ? 70  ASP C CA  1 
ATOM   1289 C C   . ASP B 2 76  ? -0.138  -12.899 2.339   1.00 76.54  ? 70  ASP C C   1 
ATOM   1290 O O   . ASP B 2 76  ? -0.719  -13.404 3.295   1.00 75.41  ? 70  ASP C O   1 
ATOM   1291 C CB  . ASP B 2 76  ? 1.944   -14.185 1.751   1.00 75.28  ? 70  ASP C CB  1 
ATOM   1292 C CG  . ASP B 2 76  ? 3.416   -14.094 1.438   1.00 74.63  ? 70  ASP C CG  1 
ATOM   1293 O OD1 . ASP B 2 76  ? 3.846   -13.013 0.973   1.00 72.74  ? 70  ASP C OD1 1 
ATOM   1294 O OD2 . ASP B 2 76  ? 4.136   -15.080 1.684   1.00 72.03  ? 70  ASP C OD2 1 
ATOM   1295 N N   . THR B 2 77  ? -0.776  -12.339 1.318   1.00 78.66  ? 71  THR C N   1 
ATOM   1296 C CA  . THR B 2 77  ? -2.205  -12.504 1.121   1.00 80.88  ? 71  THR C CA  1 
ATOM   1297 C C   . THR B 2 77  ? -2.416  -13.147 -0.230  1.00 82.84  ? 71  THR C C   1 
ATOM   1298 O O   . THR B 2 77  ? -1.944  -12.622 -1.236  1.00 83.43  ? 71  THR C O   1 
ATOM   1299 C CB  . THR B 2 77  ? -2.912  -11.163 1.095   1.00 80.70  ? 71  THR C CB  1 
ATOM   1300 O OG1 . THR B 2 77  ? -2.462  -10.372 2.200   1.00 82.13  ? 71  THR C OG1 1 
ATOM   1301 C CG2 . THR B 2 77  ? -4.423  -11.358 1.176   1.00 80.74  ? 71  THR C CG2 1 
ATOM   1302 N N   . PRO B 2 78  ? -3.139  -14.277 -0.263  1.00 84.30  ? 72  PRO C N   1 
ATOM   1303 C CA  . PRO B 2 78  ? -3.292  -15.030 -1.501  1.00 85.64  ? 72  PRO C CA  1 
ATOM   1304 C C   . PRO B 2 78  ? -4.114  -14.246 -2.511  1.00 86.92  ? 72  PRO C C   1 
ATOM   1305 O O   . PRO B 2 78  ? -5.253  -13.867 -2.231  1.00 87.07  ? 72  PRO C O   1 
ATOM   1306 C CB  . PRO B 2 78  ? -4.063  -16.289 -1.067  1.00 85.48  ? 72  PRO C CB  1 
ATOM   1307 C CG  . PRO B 2 78  ? -3.988  -16.324 0.425   1.00 85.18  ? 72  PRO C CG  1 
ATOM   1308 C CD  . PRO B 2 78  ? -3.870  -14.895 0.854   1.00 84.60  ? 72  PRO C CD  1 
ATOM   1309 N N   . ILE B 2 79  ? -3.530  -14.003 -3.677  1.00 88.64  ? 73  ILE C N   1 
ATOM   1310 C CA  . ILE B 2 79  ? -4.254  -13.392 -4.788  1.00 90.36  ? 73  ILE C CA  1 
ATOM   1311 C C   . ILE B 2 79  ? -4.490  -14.410 -5.914  1.00 91.23  ? 73  ILE C C   1 
ATOM   1312 O O   . ILE B 2 79  ? -3.580  -15.149 -6.297  1.00 91.38  ? 73  ILE C O   1 
ATOM   1313 C CB  . ILE B 2 79  ? -3.542  -12.093 -5.284  1.00 90.58  ? 73  ILE C CB  1 
ATOM   1314 C CG1 . ILE B 2 79  ? -3.996  -10.900 -4.431  1.00 91.09  ? 73  ILE C CG1 1 
ATOM   1315 C CG2 . ILE B 2 79  ? -3.852  -11.814 -6.751  1.00 90.26  ? 73  ILE C CG2 1 
ATOM   1316 C CD1 . ILE B 2 79  ? -2.874  -10.188 -3.717  1.00 91.88  ? 73  ILE C CD1 1 
ATOM   1317 N N   . PRO B 2 80  ? -5.732  -14.480 -6.419  1.00 92.11  ? 74  PRO C N   1 
ATOM   1318 C CA  . PRO B 2 80  ? -6.046  -15.390 -7.522  1.00 92.42  ? 74  PRO C CA  1 
ATOM   1319 C C   . PRO B 2 80  ? -5.205  -15.089 -8.763  1.00 92.62  ? 74  PRO C C   1 
ATOM   1320 O O   . PRO B 2 80  ? -4.949  -13.920 -9.077  1.00 92.35  ? 74  PRO C O   1 
ATOM   1321 C CB  . PRO B 2 80  ? -7.525  -15.108 -7.804  1.00 92.65  ? 74  PRO C CB  1 
ATOM   1322 C CG  . PRO B 2 80  ? -8.051  -14.472 -6.537  1.00 92.71  ? 74  PRO C CG  1 
ATOM   1323 C CD  . PRO B 2 80  ? -6.905  -13.709 -5.969  1.00 92.16  ? 74  PRO C CD  1 
ATOM   1324 N N   . HIS B 2 81  ? -4.773  -16.145 -9.452  1.00 92.76  ? 75  HIS C N   1 
ATOM   1325 C CA  . HIS B 2 81  ? -4.084  -16.017 -10.739 1.00 92.97  ? 75  HIS C CA  1 
ATOM   1326 C C   . HIS B 2 81  ? -2.717  -15.364 -10.596 1.00 91.99  ? 75  HIS C C   1 
ATOM   1327 O O   . HIS B 2 81  ? -2.046  -15.062 -11.590 1.00 92.49  ? 75  HIS C O   1 
ATOM   1328 C CB  . HIS B 2 81  ? -4.947  -15.244 -11.750 1.00 93.78  ? 75  HIS C CB  1 
ATOM   1329 C CG  . HIS B 2 81  ? -6.394  -15.626 -11.711 1.00 96.12  ? 75  HIS C CG  1 
ATOM   1330 N ND1 . HIS B 2 81  ? -6.831  -16.908 -11.969 1.00 97.75  ? 75  HIS C ND1 1 
ATOM   1331 C CD2 . HIS B 2 81  ? -7.500  -14.901 -11.418 1.00 98.32  ? 75  HIS C CD2 1 
ATOM   1332 C CE1 . HIS B 2 81  ? -8.146  -16.955 -11.845 1.00 99.52  ? 75  HIS C CE1 1 
ATOM   1333 N NE2 . HIS B 2 81  ? -8.576  -15.751 -11.509 1.00 99.89  ? 75  HIS C NE2 1 
ATOM   1334 N N   . GLN B 2 82  ? -2.307  -15.146 -9.353  1.00 89.93  ? 76  GLN C N   1 
ATOM   1335 C CA  . GLN B 2 82  ? -0.978  -14.621 -9.084  1.00 88.06  ? 76  GLN C CA  1 
ATOM   1336 C C   . GLN B 2 82  ? -0.295  -15.478 -8.035  1.00 84.91  ? 76  GLN C C   1 
ATOM   1337 O O   . GLN B 2 82  ? -0.923  -15.894 -7.066  1.00 85.59  ? 76  GLN C O   1 
ATOM   1338 C CB  . GLN B 2 82  ? -1.058  -13.176 -8.584  1.00 89.16  ? 76  GLN C CB  1 
ATOM   1339 C CG  . GLN B 2 82  ? -1.285  -12.130 -9.661  1.00 91.34  ? 76  GLN C CG  1 
ATOM   1340 C CD  . GLN B 2 82  ? -0.629  -10.808 -9.287  1.00 96.58  ? 76  GLN C CD  1 
ATOM   1341 O OE1 . GLN B 2 82  ? -1.311  -9.818  -8.978  1.00 97.51  ? 76  GLN C OE1 1 
ATOM   1342 N NE2 . GLN B 2 82  ? 0.706   -10.794 -9.285  1.00 97.48  ? 76  GLN C NE2 1 
ATOM   1343 N N   . ARG B 2 83  ? 0.985   -15.754 -8.232  1.00 80.53  ? 77  ARG C N   1 
ATOM   1344 C CA  . ARG B 2 83  ? 1.767   -16.380 -7.186  1.00 76.33  ? 77  ARG C CA  1 
ATOM   1345 C C   . ARG B 2 83  ? 2.785   -15.374 -6.713  1.00 73.51  ? 77  ARG C C   1 
ATOM   1346 O O   . ARG B 2 83  ? 3.569   -14.864 -7.509  1.00 72.57  ? 77  ARG C O   1 
ATOM   1347 C CB  . ARG B 2 83  ? 2.462   -17.643 -7.698  1.00 76.32  ? 77  ARG C CB  1 
ATOM   1348 C CG  . ARG B 2 83  ? 1.572   -18.878 -7.759  1.00 75.34  ? 77  ARG C CG  1 
ATOM   1349 C CD  . ARG B 2 83  ? 2.285   -19.988 -8.513  1.00 72.79  ? 77  ARG C CD  1 
ATOM   1350 N NE  . ARG B 2 83  ? 3.018   -20.898 -7.631  1.00 72.07  ? 77  ARG C NE  1 
ATOM   1351 C CZ  . ARG B 2 83  ? 4.080   -21.631 -8.007  1.00 72.17  ? 77  ARG C CZ  1 
ATOM   1352 N NH1 . ARG B 2 83  ? 4.563   -21.542 -9.249  1.00 72.29  ? 77  ARG C NH1 1 
ATOM   1353 N NH2 . ARG B 2 83  ? 4.669   -22.452 -7.144  1.00 70.07  ? 77  ARG C NH2 1 
ATOM   1354 N N   . ARG B 2 84  ? 2.764   -15.098 -5.414  1.00 70.46  ? 78  ARG C N   1 
ATOM   1355 C CA  . ARG B 2 84  ? 3.549   -14.022 -4.826  1.00 68.49  ? 78  ARG C CA  1 
ATOM   1356 C C   . ARG B 2 84  ? 3.933   -14.378 -3.398  1.00 66.54  ? 78  ARG C C   1 
ATOM   1357 O O   . ARG B 2 84  ? 3.104   -14.878 -2.635  1.00 65.60  ? 78  ARG C O   1 
ATOM   1358 C CB  . ARG B 2 84  ? 2.724   -12.720 -4.825  1.00 67.80  ? 78  ARG C CB  1 
ATOM   1359 C CG  . ARG B 2 84  ? 3.342   -11.585 -4.107  1.00 68.99  ? 78  ARG C CG  1 
ATOM   1360 C CD  . ARG B 2 84  ? 2.283   -10.679 -3.472  1.00 69.63  ? 78  ARG C CD  1 
ATOM   1361 N NE  . ARG B 2 84  ? 1.538   -9.927  -4.466  1.00 69.80  ? 78  ARG C NE  1 
ATOM   1362 C CZ  . ARG B 2 84  ? 0.446   -9.218  -4.200  1.00 70.78  ? 78  ARG C CZ  1 
ATOM   1363 N NH1 . ARG B 2 84  ? -0.052  -9.165  -2.965  1.00 72.65  ? 78  ARG C NH1 1 
ATOM   1364 N NH2 . ARG B 2 84  ? -0.154  -8.561  -5.174  1.00 69.21  ? 78  ARG C NH2 1 
ATOM   1365 N N   . SER B 2 85  ? 5.178   -14.099 -3.032  1.00 64.84  ? 79  SER C N   1 
ATOM   1366 C CA  . SER B 2 85  ? 5.556   -14.113 -1.624  1.00 63.55  ? 79  SER C CA  1 
ATOM   1367 C C   . SER B 2 85  ? 6.547   -13.019 -1.289  1.00 63.22  ? 79  SER C C   1 
ATOM   1368 O O   . SER B 2 85  ? 7.454   -12.747 -2.068  1.00 63.47  ? 79  SER C O   1 
ATOM   1369 C CB  . SER B 2 85  ? 6.117   -15.482 -1.218  1.00 63.44  ? 79  SER C CB  1 
ATOM   1370 O OG  . SER B 2 85  ? 6.550   -15.437 0.131   1.00 64.64  ? 79  SER C OG  1 
ATOM   1371 N N   . ILE B 2 86  ? 6.373   -12.402 -0.119  1.00 62.50  ? 80  ILE C N   1 
ATOM   1372 C CA  . ILE B 2 86  ? 7.200   -11.286 0.335   1.00 62.54  ? 80  ILE C CA  1 
ATOM   1373 C C   . ILE B 2 86  ? 7.739   -11.545 1.745   1.00 63.88  ? 80  ILE C C   1 
ATOM   1374 O O   . ILE B 2 86  ? 7.061   -12.149 2.584   1.00 63.93  ? 80  ILE C O   1 
ATOM   1375 C CB  . ILE B 2 86  ? 6.402   -9.905  0.316   1.00 63.02  ? 80  ILE C CB  1 
ATOM   1376 C CG1 . ILE B 2 86  ? 7.327   -8.706  0.540   1.00 61.23  ? 80  ILE C CG1 1 
ATOM   1377 C CG2 . ILE B 2 86  ? 5.245   -9.900  1.314   1.00 60.51  ? 80  ILE C CG2 1 
ATOM   1378 C CD1 . ILE B 2 86  ? 6.596   -7.326  0.420   1.00 62.42  ? 80  ILE C CD1 1 
ATOM   1379 N N   . GLU B 2 87  ? 8.965   -11.086 1.998   1.00 63.69  ? 81  GLU C N   1 
ATOM   1380 C CA  . GLU B 2 87  ? 9.533   -11.145 3.328   1.00 64.51  ? 81  GLU C CA  1 
ATOM   1381 C C   . GLU B 2 87  ? 10.200  -9.815  3.692   1.00 64.68  ? 81  GLU C C   1 
ATOM   1382 O O   . GLU B 2 87  ? 10.655  -9.099  2.813   1.00 65.41  ? 81  GLU C O   1 
ATOM   1383 C CB  . GLU B 2 87  ? 10.536  -12.292 3.398   1.00 64.04  ? 81  GLU C CB  1 
ATOM   1384 C CG  . GLU B 2 87  ? 9.897   -13.669 3.448   1.00 66.51  ? 81  GLU C CG  1 
ATOM   1385 C CD  . GLU B 2 87  ? 10.924  -14.764 3.305   1.00 68.46  ? 81  GLU C CD  1 
ATOM   1386 O OE1 . GLU B 2 87  ? 12.096  -14.491 3.619   1.00 69.34  ? 81  GLU C OE1 1 
ATOM   1387 O OE2 . GLU B 2 87  ? 10.572  -15.881 2.871   1.00 70.29  ? 81  GLU C OE2 1 
ATOM   1388 N N   . CYS B 2 88  ? 10.282  -9.493  4.981   1.00 65.67  ? 82  CYS C N   1 
ATOM   1389 C CA  . CYS B 2 88  ? 10.828  -8.207  5.413   1.00 66.73  ? 82  CYS C CA  1 
ATOM   1390 C C   . CYS B 2 88  ? 11.928  -8.418  6.437   1.00 67.44  ? 82  CYS C C   1 
ATOM   1391 O O   . CYS B 2 88  ? 11.985  -9.471  7.057   1.00 66.65  ? 82  CYS C O   1 
ATOM   1392 C CB  . CYS B 2 88  ? 9.725   -7.381  6.054   1.00 67.46  ? 82  CYS C CB  1 
ATOM   1393 S SG  . CYS B 2 88  ? 8.452   -6.836  4.869   1.00 71.43  ? 82  CYS C SG  1 
ATOM   1394 N N   . CYS B 2 89  ? 12.783  -7.414  6.635   1.00 67.66  ? 83  CYS C N   1 
ATOM   1395 C CA  . CYS B 2 89  ? 13.850  -7.513  7.619   1.00 68.18  ? 83  CYS C CA  1 
ATOM   1396 C C   . CYS B 2 89  ? 14.340  -6.150  8.079   1.00 68.62  ? 83  CYS C C   1 
ATOM   1397 O O   . CYS B 2 89  ? 14.275  -5.173  7.336   1.00 68.02  ? 83  CYS C O   1 
ATOM   1398 C CB  . CYS B 2 89  ? 15.035  -8.330  7.080   1.00 68.38  ? 83  CYS C CB  1 
ATOM   1399 S SG  . CYS B 2 89  ? 15.925  -7.613  5.641   1.00 70.87  ? 83  CYS C SG  1 
ATOM   1400 N N   . THR B 2 90  ? 14.843  -6.099  9.307   1.00 69.58  ? 84  THR C N   1 
ATOM   1401 C CA  . THR B 2 90  ? 15.423  -4.874  9.841   1.00 70.74  ? 84  THR C CA  1 
ATOM   1402 C C   . THR B 2 90  ? 16.739  -5.107  10.560  1.00 70.57  ? 84  THR C C   1 
ATOM   1403 O O   . THR B 2 90  ? 17.302  -4.174  11.110  1.00 71.10  ? 84  THR C O   1 
ATOM   1404 C CB  . THR B 2 90  ? 14.469  -4.168  10.819  1.00 70.58  ? 84  THR C CB  1 
ATOM   1405 O OG1 . THR B 2 90  ? 14.147  -5.060  11.884  1.00 72.78  ? 84  THR C OG1 1 
ATOM   1406 C CG2 . THR B 2 90  ? 13.204  -3.774  10.128  1.00 70.43  ? 84  THR C CG2 1 
ATOM   1407 N N   . GLU B 2 91  ? 17.232  -6.340  10.550  1.00 71.06  ? 85  GLU C N   1 
ATOM   1408 C CA  . GLU B 2 91  ? 18.388  -6.710  11.373  1.00 72.10  ? 85  GLU C CA  1 
ATOM   1409 C C   . GLU B 2 91  ? 19.693  -5.977  11.023  1.00 71.21  ? 85  GLU C C   1 
ATOM   1410 O O   . GLU B 2 91  ? 20.558  -5.810  11.883  1.00 71.44  ? 85  GLU C O   1 
ATOM   1411 C CB  . GLU B 2 91  ? 18.609  -8.241  11.400  1.00 73.11  ? 85  GLU C CB  1 
ATOM   1412 C CG  . GLU B 2 91  ? 18.626  -8.938  10.026  1.00 76.63  ? 85  GLU C CG  1 
ATOM   1413 C CD  . GLU B 2 91  ? 17.229  -9.324  9.506   1.00 82.34  ? 85  GLU C CD  1 
ATOM   1414 O OE1 . GLU B 2 91  ? 16.220  -8.655  9.863   1.00 82.22  ? 85  GLU C OE1 1 
ATOM   1415 O OE2 . GLU B 2 91  ? 17.150  -10.306 8.719   1.00 85.27  ? 85  GLU C OE2 1 
ATOM   1416 N N   . ARG B 2 92  ? 19.832  -5.548  9.770   1.00 70.11  ? 86  ARG C N   1 
ATOM   1417 C CA  . ARG B 2 92  ? 21.038  -4.850  9.321   1.00 68.73  ? 86  ARG C CA  1 
ATOM   1418 C C   . ARG B 2 92  ? 20.871  -4.213  7.935   1.00 67.52  ? 86  ARG C C   1 
ATOM   1419 O O   . ARG B 2 92  ? 19.985  -4.583  7.163   1.00 66.46  ? 86  ARG C O   1 
ATOM   1420 C CB  . ARG B 2 92  ? 22.272  -5.780  9.367   1.00 69.37  ? 86  ARG C CB  1 
ATOM   1421 C CG  . ARG B 2 92  ? 22.498  -6.640  8.120   1.00 69.98  ? 86  ARG C CG  1 
ATOM   1422 C CD  . ARG B 2 92  ? 23.117  -8.002  8.449   1.00 72.46  ? 86  ARG C CD  1 
ATOM   1423 N NE  . ARG B 2 92  ? 23.084  -8.903  7.290   1.00 75.22  ? 86  ARG C NE  1 
ATOM   1424 C CZ  . ARG B 2 92  ? 22.049  -9.680  6.951   1.00 76.09  ? 86  ARG C CZ  1 
ATOM   1425 N NH1 . ARG B 2 92  ? 20.933  -9.693  7.677   1.00 76.54  ? 86  ARG C NH1 1 
ATOM   1426 N NH2 . ARG B 2 92  ? 22.126  -10.449 5.873   1.00 74.94  ? 86  ARG C NH2 1 
ATOM   1427 N N   . ASN B 2 93  ? 21.728  -3.248  7.628   1.00 66.33  ? 87  ASN C N   1 
ATOM   1428 C CA  . ASN B 2 93  ? 21.712  -2.623  6.316   1.00 65.46  ? 87  ASN C CA  1 
ATOM   1429 C C   . ASN B 2 93  ? 21.747  -3.684  5.229   1.00 64.77  ? 87  ASN C C   1 
ATOM   1430 O O   . ASN B 2 93  ? 22.562  -4.592  5.265   1.00 64.56  ? 87  ASN C O   1 
ATOM   1431 C CB  . ASN B 2 93  ? 22.895  -1.658  6.161   1.00 65.47  ? 87  ASN C CB  1 
ATOM   1432 C CG  . ASN B 2 93  ? 22.617  -0.286  6.762   1.00 65.09  ? 87  ASN C CG  1 
ATOM   1433 O OD1 . ASN B 2 93  ? 21.574  -0.055  7.395   1.00 62.73  ? 87  ASN C OD1 1 
ATOM   1434 N ND2 . ASN B 2 93  ? 23.546  0.637   6.556   1.00 63.47  ? 87  ASN C ND2 1 
ATOM   1435 N N   . GLU B 2 94  ? 20.848  -3.573  4.265   1.00 64.62  ? 88  GLU C N   1 
ATOM   1436 C CA  . GLU B 2 94  ? 20.838  -4.498  3.143   1.00 64.46  ? 88  GLU C CA  1 
ATOM   1437 C C   . GLU B 2 94  ? 20.548  -5.939  3.565   1.00 63.74  ? 88  GLU C C   1 
ATOM   1438 O O   . GLU B 2 94  ? 20.901  -6.875  2.857   1.00 62.73  ? 88  GLU C O   1 
ATOM   1439 C CB  . GLU B 2 94  ? 22.169  -4.441  2.396   1.00 64.59  ? 88  GLU C CB  1 
ATOM   1440 C CG  . GLU B 2 94  ? 22.275  -3.302  1.410   1.00 66.78  ? 88  GLU C CG  1 
ATOM   1441 C CD  . GLU B 2 94  ? 23.489  -3.434  0.514   1.00 71.13  ? 88  GLU C CD  1 
ATOM   1442 O OE1 . GLU B 2 94  ? 23.422  -4.198  -0.477  1.00 72.02  ? 88  GLU C OE1 1 
ATOM   1443 O OE2 . GLU B 2 94  ? 24.512  -2.772  0.796   1.00 73.24  ? 88  GLU C OE2 1 
ATOM   1444 N N   . CYS B 2 95  ? 19.892  -6.112  4.707   1.00 63.42  ? 89  CYS C N   1 
ATOM   1445 C CA  . CYS B 2 95  ? 19.561  -7.450  5.184   1.00 63.82  ? 89  CYS C CA  1 
ATOM   1446 C C   . CYS B 2 95  ? 18.706  -8.202  4.169   1.00 62.88  ? 89  CYS C C   1 
ATOM   1447 O O   . CYS B 2 95  ? 18.584  -9.418  4.235   1.00 62.87  ? 89  CYS C O   1 
ATOM   1448 C CB  . CYS B 2 95  ? 18.829  -7.376  6.518   1.00 63.78  ? 89  CYS C CB  1 
ATOM   1449 S SG  . CYS B 2 95  ? 17.359  -6.366  6.453   1.00 66.97  ? 89  CYS C SG  1 
ATOM   1450 N N   . ASN B 2 96  ? 18.120  -7.476  3.228   1.00 62.51  ? 90  ASN C N   1 
ATOM   1451 C CA  . ASN B 2 96  ? 17.220  -8.100  2.265   1.00 62.21  ? 90  ASN C CA  1 
ATOM   1452 C C   . ASN B 2 96  ? 17.920  -8.865  1.159   1.00 62.43  ? 90  ASN C C   1 
ATOM   1453 O O   . ASN B 2 96  ? 17.292  -9.661  0.469   1.00 63.09  ? 90  ASN C O   1 
ATOM   1454 C CB  . ASN B 2 96  ? 16.196  -7.104  1.713   1.00 62.06  ? 90  ASN C CB  1 
ATOM   1455 C CG  . ASN B 2 96  ? 16.827  -5.871  1.069   1.00 60.95  ? 90  ASN C CG  1 
ATOM   1456 O OD1 . ASN B 2 96  ? 17.945  -5.465  1.386   1.00 59.68  ? 90  ASN C OD1 1 
ATOM   1457 N ND2 . ASN B 2 96  ? 16.087  -5.264  0.165   1.00 62.46  ? 90  ASN C ND2 1 
ATOM   1458 N N   . LYS B 2 97  ? 19.222  -8.645  1.005   1.00 62.95  ? 91  LYS C N   1 
ATOM   1459 C CA  . LYS B 2 97  ? 20.047  -9.463  0.115   1.00 63.44  ? 91  LYS C CA  1 
ATOM   1460 C C   . LYS B 2 97  ? 19.975  -10.944 0.491   1.00 63.57  ? 91  LYS C C   1 
ATOM   1461 O O   . LYS B 2 97  ? 20.172  -11.822 -0.353  1.00 63.74  ? 91  LYS C O   1 
ATOM   1462 C CB  . LYS B 2 97  ? 21.511  -9.014  0.179   1.00 63.82  ? 91  LYS C CB  1 
ATOM   1463 C CG  . LYS B 2 97  ? 21.813  -7.757  -0.613  1.00 66.07  ? 91  LYS C CG  1 
ATOM   1464 C CD  . LYS B 2 97  ? 23.315  -7.634  -0.890  1.00 69.64  ? 91  LYS C CD  1 
ATOM   1465 C CE  . LYS B 2 97  ? 23.587  -6.732  -2.103  1.00 71.01  ? 91  LYS C CE  1 
ATOM   1466 N NZ  . LYS B 2 97  ? 25.042  -6.560  -2.384  1.00 70.99  ? 91  LYS C NZ  1 
ATOM   1467 N N   . ASP B 2 98  ? 19.712  -11.214 1.765   1.00 63.51  ? 92  ASP C N   1 
ATOM   1468 C CA  . ASP B 2 98  ? 19.776  -12.569 2.300   1.00 63.95  ? 92  ASP C CA  1 
ATOM   1469 C C   . ASP B 2 98  ? 18.378  -13.059 2.659   1.00 63.76  ? 92  ASP C C   1 
ATOM   1470 O O   . ASP B 2 98  ? 18.219  -13.978 3.464   1.00 64.31  ? 92  ASP C O   1 
ATOM   1471 C CB  . ASP B 2 98  ? 20.681  -12.626 3.530   1.00 63.50  ? 92  ASP C CB  1 
ATOM   1472 C CG  . ASP B 2 98  ? 22.152  -12.496 3.179   1.00 67.13  ? 92  ASP C CG  1 
ATOM   1473 O OD1 . ASP B 2 98  ? 22.622  -13.178 2.236   1.00 69.77  ? 92  ASP C OD1 1 
ATOM   1474 O OD2 . ASP B 2 98  ? 22.858  -11.722 3.858   1.00 71.15  ? 92  ASP C OD2 1 
ATOM   1475 N N   . LEU B 2 99  ? 17.369  -12.430 2.068   1.00 63.20  ? 93  LEU C N   1 
ATOM   1476 C CA  . LEU B 2 99  ? 16.001  -12.950 2.122   1.00 63.11  ? 93  LEU C CA  1 
ATOM   1477 C C   . LEU B 2 99  ? 15.739  -13.709 0.836   1.00 63.02  ? 93  LEU C C   1 
ATOM   1478 O O   . LEU B 2 99  ? 16.014  -13.200 -0.253  1.00 63.88  ? 93  LEU C O   1 
ATOM   1479 C CB  . LEU B 2 99  ? 14.981  -11.815 2.207   1.00 62.11  ? 93  LEU C CB  1 
ATOM   1480 C CG  . LEU B 2 99  ? 14.946  -10.944 3.449   1.00 62.13  ? 93  LEU C CG  1 
ATOM   1481 C CD1 . LEU B 2 99  ? 13.897  -9.824  3.258   1.00 60.30  ? 93  LEU C CD1 1 
ATOM   1482 C CD2 . LEU B 2 99  ? 14.682  -11.791 4.692   1.00 61.71  ? 93  LEU C CD2 1 
ATOM   1483 N N   . HIS B 2 100 ? 15.206  -14.920 0.955   1.00 61.93  ? 94  HIS C N   1 
ATOM   1484 C CA  . HIS B 2 100 ? 14.895  -15.708 -0.215  1.00 60.76  ? 94  HIS C CA  1 
ATOM   1485 C C   . HIS B 2 100 ? 13.481  -16.249 -0.130  1.00 60.50  ? 94  HIS C C   1 
ATOM   1486 O O   . HIS B 2 100 ? 13.270  -17.416 0.202   1.00 60.17  ? 94  HIS C O   1 
ATOM   1487 C CB  . HIS B 2 100 ? 15.898  -16.834 -0.356  1.00 60.17  ? 94  HIS C CB  1 
ATOM   1488 C CG  . HIS B 2 100 ? 17.315  -16.374 -0.263  1.00 60.57  ? 94  HIS C CG  1 
ATOM   1489 N ND1 . HIS B 2 100 ? 17.942  -15.694 -1.284  1.00 57.76  ? 94  HIS C ND1 1 
ATOM   1490 C CD2 . HIS B 2 100 ? 18.225  -16.485 0.733   1.00 59.78  ? 94  HIS C CD2 1 
ATOM   1491 C CE1 . HIS B 2 100 ? 19.180  -15.413 -0.924  1.00 57.62  ? 94  HIS C CE1 1 
ATOM   1492 N NE2 . HIS B 2 100 ? 19.380  -15.884 0.293   1.00 59.03  ? 94  HIS C NE2 1 
ATOM   1493 N N   . PRO B 2 101 ? 12.502  -15.393 -0.425  1.00 60.00  ? 95  PRO C N   1 
ATOM   1494 C CA  . PRO B 2 101 ? 11.137  -15.867 -0.415  1.00 60.09  ? 95  PRO C CA  1 
ATOM   1495 C C   . PRO B 2 101 ? 10.915  -16.941 -1.485  1.00 61.03  ? 95  PRO C C   1 
ATOM   1496 O O   . PRO B 2 101 ? 11.635  -17.011 -2.494  1.00 60.14  ? 95  PRO C O   1 
ATOM   1497 C CB  . PRO B 2 101 ? 10.315  -14.598 -0.683  1.00 60.15  ? 95  PRO C CB  1 
ATOM   1498 C CG  . PRO B 2 101 ? 11.269  -13.655 -1.312  1.00 58.32  ? 95  PRO C CG  1 
ATOM   1499 C CD  . PRO B 2 101 ? 12.612  -13.972 -0.792  1.00 58.90  ? 95  PRO C CD  1 
ATOM   1500 N N   . THR B 2 102 ? 9.942   -17.810 -1.228  1.00 61.83  ? 96  THR C N   1 
ATOM   1501 C CA  . THR B 2 102 ? 9.618   -18.881 -2.142  1.00 61.40  ? 96  THR C CA  1 
ATOM   1502 C C   . THR B 2 102 ? 8.130   -18.771 -2.486  1.00 61.98  ? 96  THR C C   1 
ATOM   1503 O O   . THR B 2 102 ? 7.328   -18.331 -1.666  1.00 61.46  ? 96  THR C O   1 
ATOM   1504 C CB  . THR B 2 102 ? 9.923   -20.257 -1.511  1.00 61.39  ? 96  THR C CB  1 
ATOM   1505 O OG1 . THR B 2 102 ? 9.282   -20.340 -0.236  1.00 61.89  ? 96  THR C OG1 1 
ATOM   1506 C CG2 . THR B 2 102 ? 11.415  -20.427 -1.296  1.00 60.83  ? 96  THR C CG2 1 
ATOM   1507 N N   . LEU B 2 103 ? 7.770   -19.171 -3.703  1.00 62.77  ? 97  LEU C N   1 
ATOM   1508 C CA  . LEU B 2 103 ? 6.389   -19.118 -4.153  1.00 63.26  ? 97  LEU C CA  1 
ATOM   1509 C C   . LEU B 2 103 ? 5.488   -20.115 -3.419  1.00 63.36  ? 97  LEU C C   1 
ATOM   1510 O O   . LEU B 2 103 ? 5.902   -21.226 -3.077  1.00 62.80  ? 97  LEU C O   1 
ATOM   1511 C CB  . LEU B 2 103 ? 6.321   -19.386 -5.659  1.00 64.11  ? 97  LEU C CB  1 
ATOM   1512 C CG  . LEU B 2 103 ? 6.894   -18.314 -6.586  1.00 64.25  ? 97  LEU C CG  1 
ATOM   1513 C CD1 . LEU B 2 103 ? 7.132   -18.906 -7.966  1.00 65.53  ? 97  LEU C CD1 1 
ATOM   1514 C CD2 . LEU B 2 103 ? 5.975   -17.103 -6.660  1.00 66.71  ? 97  LEU C CD2 1 
ATOM   1515 N N   . PRO B 2 104 ? 4.237   -19.713 -3.183  1.00 63.75  ? 98  PRO C N   1 
ATOM   1516 C CA  . PRO B 2 104 ? 3.226   -20.593 -2.599  1.00 63.74  ? 98  PRO C CA  1 
ATOM   1517 C C   . PRO B 2 104 ? 2.992   -21.747 -3.530  1.00 63.90  ? 98  PRO C C   1 
ATOM   1518 O O   . PRO B 2 104 ? 2.844   -21.527 -4.724  1.00 63.93  ? 98  PRO C O   1 
ATOM   1519 C CB  . PRO B 2 104 ? 1.969   -19.720 -2.581  1.00 63.69  ? 98  PRO C CB  1 
ATOM   1520 C CG  . PRO B 2 104 ? 2.239   -18.631 -3.589  1.00 64.39  ? 98  PRO C CG  1 
ATOM   1521 C CD  . PRO B 2 104 ? 3.706   -18.377 -3.495  1.00 63.46  ? 98  PRO C CD  1 
ATOM   1522 N N   . PRO B 2 105 ? 2.953   -22.972 -2.996  1.00 64.52  ? 99  PRO C N   1 
ATOM   1523 C CA  . PRO B 2 105 ? 2.722   -24.129 -3.867  1.00 64.93  ? 99  PRO C CA  1 
ATOM   1524 C C   . PRO B 2 105 ? 1.285   -24.167 -4.416  1.00 65.28  ? 99  PRO C C   1 
ATOM   1525 O O   . PRO B 2 105 ? 0.396   -23.481 -3.886  1.00 65.01  ? 99  PRO C O   1 
ATOM   1526 C CB  . PRO B 2 105 ? 3.021   -25.336 -2.963  1.00 64.87  ? 99  PRO C CB  1 
ATOM   1527 C CG  . PRO B 2 105 ? 2.895   -24.830 -1.563  1.00 64.93  ? 99  PRO C CG  1 
ATOM   1528 C CD  . PRO B 2 105 ? 3.120   -23.335 -1.577  1.00 64.46  ? 99  PRO C CD  1 
ATOM   1529 N N   . LEU B 2 106 ? 1.070   -24.952 -5.475  1.00 65.93  ? 100 LEU C N   1 
ATOM   1530 C CA  . LEU B 2 106 ? -0.217  -24.956 -6.182  1.00 66.13  ? 100 LEU C CA  1 
ATOM   1531 C C   . LEU B 2 106 ? -1.424  -25.170 -5.258  1.00 66.17  ? 100 LEU C C   1 
ATOM   1532 O O   . LEU B 2 106 ? -1.928  -24.256 -4.623  1.00 66.11  ? 100 LEU C O   1 
ATOM   1533 C CB  . LEU B 2 106 ? -0.215  -26.007 -7.296  1.00 66.24  ? 100 LEU C CB  1 
ATOM   1534 C CG  . LEU B 2 106 ? -1.563  -26.244 -8.036  1.00 66.59  ? 100 LEU C CG  1 
ATOM   1535 C CD1 . LEU B 2 106 ? -2.478  -27.480 -7.399  1.00 65.26  ? 100 LEU C CD1 1 
ATOM   1536 C CD2 . LEU B 2 106 ? -2.333  -24.769 -8.172  1.00 67.32  ? 100 LEU C CD2 1 
HETATM 1537 O O   . HOH C 3 .   ? -6.224  7.578   12.192  1.00 47.40  ? 121 HOH B O   1 
HETATM 1538 O O   . HOH C 3 .   ? -1.241  15.238  -9.626  1.00 44.71  ? 122 HOH B O   1 
HETATM 1539 O O   . HOH C 3 .   ? -17.171 0.234   4.476   1.00 54.12  ? 123 HOH B O   1 
HETATM 1540 O O   . HOH C 3 .   ? -10.915 9.879   -9.121  1.00 65.01  ? 124 HOH B O   1 
HETATM 1541 O O   . HOH C 3 .   ? -8.390  -5.759  25.243  1.00 64.38  ? 125 HOH B O   1 
HETATM 1542 O O   . HOH C 3 .   ? -6.862  11.942  8.675   1.00 51.70  ? 126 HOH B O   1 
HETATM 1543 O O   . HOH C 3 .   ? -19.767 -2.954  3.525   1.00 63.02  ? 127 HOH B O   1 
HETATM 1544 O O   . HOH C 3 .   ? -9.996  16.603  -12.675 1.00 57.20  ? 128 HOH B O   1 
HETATM 1545 O O   . HOH C 3 .   ? -12.695 4.389   12.921  1.00 58.80  ? 129 HOH B O   1 
HETATM 1546 O O   . HOH C 3 .   ? -12.597 16.286  1.628   1.00 47.45  ? 130 HOH B O   1 
HETATM 1547 O O   . HOH C 3 .   ? 4.489   -0.097  4.627   1.00 48.17  ? 131 HOH B O   1 
HETATM 1548 O O   . HOH C 3 .   ? -10.376 17.418  -15.552 1.00 62.12  ? 132 HOH B O   1 
HETATM 1549 O O   . HOH C 3 .   ? 0.774   -1.727  9.498   1.00 63.63  ? 133 HOH B O   1 
HETATM 1550 O O   . HOH C 3 .   ? -11.399 -2.611  17.168  1.00 63.71  ? 134 HOH B O   1 
HETATM 1551 O O   . HOH C 3 .   ? -0.500  2.731   12.807  1.00 50.92  ? 135 HOH B O   1 
HETATM 1552 O O   . HOH C 3 .   ? -1.693  1.108   20.177  1.00 63.03  ? 136 HOH B O   1 
HETATM 1553 O O   . HOH C 3 .   ? -11.586 -0.225  17.154  1.00 54.93  ? 137 HOH B O   1 
HETATM 1554 O O   . HOH C 3 .   ? 0.377   -10.147 -0.265  1.00 54.61  ? 138 HOH B O   1 
HETATM 1555 O O   . HOH C 3 .   ? -5.832  -9.730  26.167  1.00 68.71  ? 139 HOH B O   1 
HETATM 1556 O O   . HOH C 3 .   ? -7.353  5.746   -10.051 1.00 80.76  ? 140 HOH B O   1 
HETATM 1557 O O   . HOH C 3 .   ? -15.617 17.256  3.583   1.00 57.62  ? 141 HOH B O   1 
HETATM 1558 O O   . HOH C 3 .   ? -8.946  2.518   17.969  1.00 63.41  ? 142 HOH B O   1 
HETATM 1559 O O   . HOH C 3 .   ? -12.456 7.259   -8.922  1.00 65.40  ? 143 HOH B O   1 
HETATM 1560 O O   . HOH C 3 .   ? -5.155  6.910   2.285   1.00 41.13  ? 144 HOH B O   1 
HETATM 1561 O O   . HOH C 3 .   ? 8.469   -10.913 6.835   1.00 62.80  ? 145 HOH B O   1 
HETATM 1562 O O   . HOH C 3 .   ? -3.487  13.580  -8.924  1.00 58.96  ? 146 HOH B O   1 
HETATM 1563 O O   . HOH C 3 .   ? 2.741   -10.875 13.297  1.00 74.15  ? 147 HOH B O   1 
HETATM 1564 O O   . HOH C 3 .   ? -8.591  -15.980 14.164  1.00 70.12  ? 148 HOH B O   1 
HETATM 1565 O O   . HOH C 3 .   ? -6.182  10.234  11.052  1.00 65.24  ? 149 HOH B O   1 
HETATM 1566 O O   . HOH C 3 .   ? 2.174   -11.538 -0.925  1.00 72.53  ? 150 HOH B O   1 
HETATM 1567 O O   . HOH C 3 .   ? 2.739   20.264  -19.333 1.00 57.15  ? 151 HOH B O   1 
HETATM 1568 O O   . HOH C 3 .   ? -6.462  -11.089 29.749  1.00 79.84  ? 152 HOH B O   1 
HETATM 1569 O O   . HOH C 3 .   ? -7.041  -12.465 31.803  1.00 87.28  ? 153 HOH B O   1 
HETATM 1570 O O   . HOH D 3 .   ? 12.130  0.954   -2.680  1.00 46.06  ? 114 HOH C O   1 
HETATM 1571 O O   . HOH D 3 .   ? 11.180  3.499   -1.460  1.00 48.96  ? 115 HOH C O   1 
HETATM 1572 O O   . HOH D 3 .   ? 5.737   1.567   2.515   1.00 40.39  ? 116 HOH C O   1 
HETATM 1573 O O   . HOH D 3 .   ? 1.026   0.647   11.296  1.00 50.14  ? 117 HOH C O   1 
HETATM 1574 O O   . HOH D 3 .   ? 0.070   -8.994  2.409   1.00 60.44  ? 118 HOH C O   1 
HETATM 1575 O O   . HOH D 3 .   ? 2.592   -8.368  13.586  1.00 75.35  ? 119 HOH C O   1 
HETATM 1576 O O   . HOH D 3 .   ? 8.343   -17.018 1.178   1.00 55.47  ? 120 HOH C O   1 
HETATM 1577 O O   . HOH D 3 .   ? 2.402   -6.986  -7.006  1.00 69.99  ? 121 HOH C O   1 
HETATM 1578 O O   . HOH D 3 .   ? 8.461   -9.702  -7.531  1.00 72.14  ? 122 HOH C O   1 
HETATM 1579 O O   . HOH D 3 .   ? -6.818  3.931   0.016   1.00 44.33  ? 123 HOH C O   1 
HETATM 1580 O O   . HOH D 3 .   ? -5.396  9.700   2.473   1.00 52.00  ? 124 HOH C O   1 
HETATM 1581 O O   . HOH D 3 .   ? -2.048  -6.735  -4.485  1.00 67.93  ? 125 HOH C O   1 
HETATM 1582 O O   . HOH D 3 .   ? 11.664  -18.092 2.862   1.00 58.68  ? 126 HOH C O   1 
HETATM 1583 O O   . HOH D 3 .   ? -0.823  -4.589  -6.417  1.00 60.21  ? 127 HOH C O   1 
HETATM 1584 O O   . HOH D 3 .   ? 9.451   -21.316 5.669   1.00 57.75  ? 128 HOH C O   1 
HETATM 1585 O O   . HOH D 3 .   ? -15.601 1.505   10.092  1.00 69.56  ? 129 HOH C O   1 
HETATM 1586 O O   . HOH D 3 .   ? -0.328  -15.611 -4.148  1.00 77.05  ? 130 HOH C O   1 
HETATM 1587 O O   . HOH D 3 .   ? 6.358   -6.526  10.422  1.00 63.83  ? 131 HOH C O   1 
# 
